data_7UGW
#
_entry.id   7UGW
#
_cell.length_a   83.075
_cell.length_b   105.088
_cell.length_c   250.183
_cell.angle_alpha   90.000
_cell.angle_beta   90.000
_cell.angle_gamma   90.000
#
_symmetry.space_group_name_H-M   'P 21 21 21'
#
loop_
_entity.id
_entity.type
_entity.pdbx_description
1 polymer 'DNA gyrase subunit A'
2 polymer 'DNA gyrase subunit B'
3 polymer 'DNA (46-MER)'
4 polymer evybactin
5 non-polymer 'MAGNESIUM ION'
#
loop_
_entity_poly.entity_id
_entity_poly.type
_entity_poly.pdbx_seq_one_letter_code
_entity_poly.pdbx_strand_id
1 'polypeptide(L)'
;TDTTLPPDDSLDRIEPVDIEQEMQRSYIDYAMSVIVGRALPEVRDGLKPVHRRVLYAMFDSGFRPDRSHAKSARSVAETM
GNYHPHGDASIYDSLVRMAQPWSLRYPLVDGQGNFGSPGNDPPAAMRFTEARLTPLAMEMLREIDEETVDFIPNYDGRVQ
EPTVLPSRFPNLLANGSGGIAVGMATNIPPHNLRELADAVFWALENHDADEEETLAAVMGRVKGPDFPTAGLIVGSQGTA
DAYKTGRGSIRMRGVVEVEEDSRGRTSLVITELPYQVNHDNFITSIAEQVRDGKLAGISNIEDQSSDRVGLRIVIEIKRD
AVAKVVINNLYKHTQLQTSFGANMLAIVDGVPRTLRLDQLIRYYVDHQLDVIVRRTTYRLRKANERAHILRGLVKALDAL
DEVIALIRASETVDIARAGLIELLDIDEIQAQAILDMQLRRLAALERQRIIDDLAKIEAEIADLEDILAKPERQRGIVRD
ELAEIVDRHGDDRRTRIIAA
;
A,C
2 'polypeptide(L)'
;ELVRRKSATDIGGLPGKLADCRSTDPRKSELYVVEGDSAGGSAKSGRDSMFQAILPLRGKIINVEKARIDRVLKNTEVQA
IITALGTGIHDEFDIGKLRYHKIVLMADADVDGQHISTLLLTLLFRFMRPLIENGHVFLAQPPLYKLKWQRSDPEFAYSD
RERDGLLEAGLKAGKKINKEDGIQRYKGLGEMDAKELWETTMDPSVRVLRQVTLDDAAAADELFSILMGEDVDARRSFIT
RNAKDVRFLDV
;
B,D
3 'polydeoxyribonucleotide'
;(DG)(DG)(DC)(DC)(DC)(DT)(DA)(DC)(DG)(DG)(DC)(DT)(DG)(DA)(DA)(DA)(DG)(DC)(DC)(DG)
(DT)(DA)(DG)(DG)(DG)(DC)(DC)(DC)(DT)(DA)(DC)(DG)(DG)(DC)(DT)(DG)(DA)(DA)(DA)(DG)
(DC)(DC)(DG)(DT)(DA)(DG)
;
V
4 'polypeptide(L)' (NLF)T(DAR)T(A1AZ2)(IAS)(DSN)FG(DAR)S(IAS) E
#
loop_
_chem_comp.id
_chem_comp.type
_chem_comp.name
_chem_comp.formula
DA DNA linking 2'-DEOXYADENOSINE-5'-MONOPHOSPHATE 'C10 H14 N5 O6 P'
DC DNA linking 2'-DEOXYCYTIDINE-5'-MONOPHOSPHATE 'C9 H14 N3 O7 P'
DG DNA linking 2'-DEOXYGUANOSINE-5'-MONOPHOSPHATE 'C10 H14 N5 O7 P'
DT DNA linking THYMIDINE-5'-MONOPHOSPHATE 'C10 H15 N2 O8 P'
IAS L-beta-peptide, C-gamma linking 'BETA-L-ASPARTIC ACID' 'C4 H7 N O4'
MG non-polymer 'MAGNESIUM ION' 'Mg 2'
NLF non-polymer N-formyl-L-tryptophan 'C12 H12 N2 O3'
#
# COMPACT_ATOMS: atom_id res chain seq x y z
N ILE A 14 8.21 -34.75 -21.63
CA ILE A 14 8.20 -34.55 -20.19
C ILE A 14 9.49 -35.08 -19.53
N GLU A 15 10.43 -34.15 -19.29
CA GLU A 15 11.74 -34.51 -18.77
C GLU A 15 11.62 -35.02 -17.33
N PRO A 16 12.42 -36.02 -16.96
CA PRO A 16 12.45 -36.45 -15.55
C PRO A 16 13.42 -35.64 -14.73
N VAL A 17 13.24 -35.74 -13.40
CA VAL A 17 14.11 -35.10 -12.43
C VAL A 17 14.21 -36.02 -11.22
N ASP A 18 15.44 -36.20 -10.72
CA ASP A 18 15.66 -37.04 -9.56
C ASP A 18 15.28 -36.26 -8.31
N ILE A 19 14.49 -36.89 -7.44
CA ILE A 19 14.10 -36.22 -6.20
C ILE A 19 15.32 -35.75 -5.43
N GLU A 20 16.44 -36.48 -5.50
CA GLU A 20 17.65 -36.09 -4.76
C GLU A 20 18.22 -34.78 -5.30
N GLN A 21 18.42 -34.70 -6.61
CA GLN A 21 18.93 -33.50 -7.24
C GLN A 21 18.01 -32.31 -7.01
N GLU A 22 16.68 -32.51 -7.12
CA GLU A 22 15.75 -31.40 -6.92
C GLU A 22 15.80 -30.92 -5.47
N MET A 23 15.66 -31.83 -4.52
CA MET A 23 15.67 -31.39 -3.13
C MET A 23 16.93 -30.62 -2.81
N GLN A 24 18.09 -31.06 -3.34
CA GLN A 24 19.35 -30.38 -3.10
C GLN A 24 19.38 -28.97 -3.72
N ARG A 25 19.17 -28.88 -5.05
CA ARG A 25 19.24 -27.60 -5.74
C ARG A 25 18.28 -26.58 -5.12
N SER A 26 17.07 -27.02 -4.77
CA SER A 26 16.07 -26.09 -4.24
C SER A 26 16.40 -25.67 -2.82
N TYR A 27 16.80 -26.60 -1.94
CA TYR A 27 17.00 -26.19 -0.55
C TYR A 27 18.25 -25.36 -0.43
N ILE A 28 19.26 -25.65 -1.25
CA ILE A 28 20.48 -24.84 -1.23
C ILE A 28 20.18 -23.43 -1.71
N ASP A 29 19.42 -23.28 -2.82
CA ASP A 29 19.02 -21.96 -3.29
C ASP A 29 18.23 -21.18 -2.23
N TYR A 30 17.25 -21.83 -1.58
CA TYR A 30 16.53 -21.14 -0.50
C TYR A 30 17.48 -20.73 0.63
N ALA A 31 18.39 -21.63 1.05
CA ALA A 31 19.15 -21.36 2.25
C ALA A 31 20.19 -20.29 2.01
N MET A 32 20.80 -20.30 0.83
CA MET A 32 21.78 -19.27 0.53
C MET A 32 21.08 -17.92 0.32
N SER A 33 19.83 -17.95 -0.21
CA SER A 33 19.10 -16.69 -0.40
C SER A 33 18.72 -16.04 0.93
N VAL A 34 18.36 -16.88 1.91
CA VAL A 34 18.01 -16.37 3.23
C VAL A 34 19.25 -15.90 3.95
N ILE A 35 20.36 -16.62 3.79
CA ILE A 35 21.59 -16.26 4.49
C ILE A 35 22.10 -14.93 4.00
N VAL A 36 22.12 -14.73 2.67
CA VAL A 36 22.75 -13.54 2.12
C VAL A 36 21.83 -12.35 1.91
N GLY A 37 20.52 -12.58 1.78
CA GLY A 37 19.59 -11.53 1.40
C GLY A 37 18.29 -11.31 2.15
N ARG A 38 18.14 -11.96 3.30
CA ARG A 38 16.99 -11.72 4.17
C ARG A 38 17.28 -11.57 5.68
N ALA A 39 17.99 -12.56 6.25
CA ALA A 39 18.02 -12.65 7.70
C ALA A 39 19.22 -11.90 8.27
N LEU A 40 20.32 -11.79 7.51
CA LEU A 40 21.59 -11.39 8.07
C LEU A 40 22.03 -10.02 7.62
N PRO A 41 22.64 -9.18 8.51
CA PRO A 41 22.96 -7.81 8.16
C PRO A 41 24.29 -7.65 7.40
N GLU A 42 24.36 -6.82 6.35
CA GLU A 42 25.63 -6.48 5.66
C GLU A 42 26.49 -5.89 6.77
N VAL A 43 27.81 -6.04 6.75
CA VAL A 43 28.67 -5.60 7.88
C VAL A 43 28.87 -4.09 7.84
N ARG A 44 28.74 -3.43 6.68
CA ARG A 44 29.11 -2.02 6.60
C ARG A 44 28.04 -1.12 7.22
N ASP A 45 26.80 -1.20 6.69
CA ASP A 45 25.63 -0.43 7.14
C ASP A 45 24.76 -1.19 8.12
N GLY A 46 25.01 -2.47 8.33
CA GLY A 46 24.39 -3.17 9.44
C GLY A 46 22.91 -3.37 9.26
N LEU A 47 22.48 -3.64 8.02
CA LEU A 47 21.09 -3.67 7.60
C LEU A 47 20.79 -4.97 6.88
N LYS A 48 19.57 -5.47 7.00
CA LYS A 48 19.11 -6.51 6.09
C LYS A 48 18.60 -5.82 4.83
N PRO A 49 18.37 -6.55 3.75
CA PRO A 49 17.77 -5.91 2.57
C PRO A 49 16.49 -5.12 2.90
N VAL A 50 15.48 -5.74 3.53
CA VAL A 50 14.23 -5.03 3.80
C VAL A 50 14.47 -3.69 4.47
N HIS A 51 15.41 -3.61 5.41
CA HIS A 51 15.68 -2.33 6.04
C HIS A 51 16.25 -1.34 5.02
N ARG A 52 17.29 -1.76 4.29
CA ARG A 52 17.92 -0.88 3.31
C ARG A 52 16.91 -0.35 2.30
N ARG A 53 15.97 -1.19 1.88
CA ARG A 53 14.99 -0.78 0.90
C ARG A 53 13.88 0.10 1.46
N VAL A 54 13.47 -0.09 2.72
CA VAL A 54 12.51 0.85 3.31
C VAL A 54 13.19 2.20 3.50
N LEU A 55 14.36 2.25 4.13
CA LEU A 55 15.06 3.53 4.26
C LEU A 55 15.26 4.18 2.89
N TYR A 56 15.56 3.39 1.85
CA TYR A 56 15.90 4.03 0.60
C TYR A 56 14.67 4.54 -0.11
N ALA A 57 13.54 3.79 -0.06
CA ALA A 57 12.31 4.29 -0.67
C ALA A 57 11.80 5.51 0.08
N MET A 58 11.89 5.51 1.41
CA MET A 58 11.60 6.73 2.15
C MET A 58 12.44 7.90 1.68
N PHE A 59 13.76 7.81 1.79
CA PHE A 59 14.62 8.86 1.26
C PHE A 59 14.12 9.32 -0.11
N ASP A 60 13.98 8.39 -1.05
CA ASP A 60 13.72 8.78 -2.42
C ASP A 60 12.39 9.47 -2.55
N SER A 61 11.43 9.13 -1.68
CA SER A 61 10.09 9.68 -1.71
C SER A 61 9.99 11.04 -1.04
N GLY A 62 11.01 11.43 -0.27
CA GLY A 62 11.07 12.70 0.37
C GLY A 62 10.76 12.70 1.84
N PHE A 63 10.48 11.56 2.46
CA PHE A 63 9.86 11.58 3.79
C PHE A 63 10.97 11.86 4.82
N ARG A 64 11.49 13.07 4.77
CA ARG A 64 12.66 13.43 5.60
C ARG A 64 12.13 14.16 6.82
N PRO A 65 12.98 14.58 7.76
CA PRO A 65 12.47 15.22 8.98
C PRO A 65 12.15 16.69 8.82
N ASP A 66 12.58 17.33 7.73
CA ASP A 66 12.15 18.68 7.43
C ASP A 66 10.70 18.75 6.94
N ARG A 67 10.11 17.62 6.55
CA ARG A 67 8.80 17.59 5.91
C ARG A 67 7.82 16.76 6.72
N SER A 68 6.54 17.00 6.48
CA SER A 68 5.50 16.41 7.32
C SER A 68 5.47 14.90 7.11
N HIS A 69 5.34 14.19 8.24
CA HIS A 69 5.13 12.74 8.24
C HIS A 69 4.17 12.29 7.15
N ALA A 70 4.60 11.32 6.36
CA ALA A 70 3.76 10.76 5.31
C ALA A 70 2.99 9.56 5.80
N LYS A 71 1.80 9.37 5.23
CA LYS A 71 0.96 8.26 5.65
C LYS A 71 1.78 6.99 5.51
N SER A 72 1.80 6.19 6.56
CA SER A 72 2.75 5.10 6.55
C SER A 72 2.43 4.09 5.47
N ALA A 73 1.25 4.15 4.83
CA ALA A 73 1.00 3.27 3.69
C ALA A 73 1.84 3.63 2.46
N ARG A 74 2.30 4.90 2.35
CA ARG A 74 3.00 5.31 1.13
C ARG A 74 4.42 4.78 1.10
N SER A 75 5.03 4.59 2.29
CA SER A 75 6.39 4.02 2.33
C SER A 75 6.36 2.53 2.00
N VAL A 76 5.43 1.80 2.60
CA VAL A 76 5.25 0.40 2.23
C VAL A 76 4.96 0.28 0.75
N ALA A 77 4.16 1.18 0.19
CA ALA A 77 3.81 0.92 -1.20
C ALA A 77 5.01 1.15 -2.09
N GLU A 78 5.86 2.14 -1.77
CA GLU A 78 6.98 2.46 -2.66
C GLU A 78 8.14 1.46 -2.51
N THR A 79 8.45 1.05 -1.27
CA THR A 79 9.27 -0.12 -1.01
C THR A 79 8.91 -1.39 -1.76
N MET A 80 7.65 -1.87 -1.64
CA MET A 80 7.26 -3.08 -2.36
C MET A 80 7.10 -2.86 -3.87
N GLY A 81 6.70 -1.67 -4.30
CA GLY A 81 6.52 -1.42 -5.72
C GLY A 81 7.86 -1.45 -6.39
N ASN A 82 8.76 -0.53 -6.01
CA ASN A 82 9.99 -0.40 -6.78
C ASN A 82 11.11 -1.38 -6.38
N TYR A 83 11.22 -1.79 -5.10
CA TYR A 83 12.44 -2.49 -4.68
C TYR A 83 12.27 -3.90 -4.11
N HIS A 84 11.25 -4.19 -3.29
CA HIS A 84 11.26 -5.37 -2.41
C HIS A 84 10.02 -6.24 -2.63
N PRO A 85 10.05 -7.14 -3.60
CA PRO A 85 8.82 -7.85 -3.96
C PRO A 85 8.37 -8.96 -3.02
N HIS A 86 7.99 -8.57 -1.81
CA HIS A 86 7.32 -9.46 -0.87
C HIS A 86 6.20 -8.70 -0.14
N GLY A 87 5.55 -9.37 0.79
CA GLY A 87 4.29 -8.91 1.32
C GLY A 87 4.21 -7.64 2.13
N ASP A 88 3.18 -6.82 1.82
CA ASP A 88 2.95 -5.58 2.55
C ASP A 88 2.91 -5.84 4.05
N ALA A 89 2.35 -6.98 4.47
CA ALA A 89 2.28 -7.24 5.90
C ALA A 89 3.67 -7.20 6.53
N SER A 90 4.61 -8.04 6.01
CA SER A 90 5.92 -8.14 6.65
C SER A 90 6.87 -7.04 6.20
N ILE A 91 6.37 -6.05 5.47
CA ILE A 91 7.09 -4.81 5.27
C ILE A 91 6.58 -3.72 6.23
N TYR A 92 5.27 -3.70 6.47
CA TYR A 92 4.78 -2.84 7.53
C TYR A 92 5.41 -3.23 8.87
N ASP A 93 5.49 -4.53 9.19
CA ASP A 93 6.06 -4.89 10.49
C ASP A 93 7.52 -4.48 10.57
N SER A 94 8.24 -4.66 9.45
CA SER A 94 9.67 -4.35 9.41
C SER A 94 9.89 -2.88 9.65
N LEU A 95 9.08 -2.05 8.99
CA LEU A 95 9.15 -0.59 9.16
C LEU A 95 8.76 -0.19 10.57
N VAL A 96 7.76 -0.85 11.14
CA VAL A 96 7.28 -0.47 12.46
C VAL A 96 8.35 -0.72 13.49
N ARG A 97 9.06 -1.87 13.40
CA ARG A 97 10.10 -2.21 14.39
C ARG A 97 11.18 -1.15 14.44
N MET A 98 11.52 -0.55 13.30
CA MET A 98 12.58 0.45 13.23
C MET A 98 12.21 1.76 13.92
N ALA A 99 10.93 1.94 14.30
CA ALA A 99 10.46 3.14 14.99
C ALA A 99 10.08 2.89 16.45
N GLN A 100 10.16 1.64 16.94
CA GLN A 100 10.00 1.37 18.37
C GLN A 100 11.32 1.68 19.11
N PRO A 101 11.31 2.55 20.13
CA PRO A 101 12.57 2.88 20.82
C PRO A 101 13.00 1.85 21.87
N TRP A 102 12.16 0.85 22.15
CA TRP A 102 12.53 -0.31 22.95
C TRP A 102 13.08 -1.43 22.10
N SER A 103 13.19 -1.18 20.80
CA SER A 103 13.70 -2.11 19.81
C SER A 103 14.95 -1.60 19.12
N LEU A 104 15.02 -0.31 18.79
CA LEU A 104 16.23 0.31 18.26
C LEU A 104 16.85 1.27 19.29
N ARG A 105 18.05 0.95 19.76
CA ARG A 105 18.84 1.91 20.49
C ARG A 105 18.98 3.25 19.74
N TYR A 106 19.07 3.23 18.39
CA TYR A 106 19.09 4.47 17.61
C TYR A 106 18.06 4.41 16.48
N PRO A 107 16.80 4.73 16.78
CA PRO A 107 15.76 4.47 15.81
C PRO A 107 15.95 5.28 14.54
N LEU A 108 15.59 4.65 13.43
CA LEU A 108 15.77 5.17 12.08
C LEU A 108 14.46 5.57 11.43
N VAL A 109 13.35 5.32 12.07
CA VAL A 109 12.05 5.78 11.59
C VAL A 109 11.39 6.55 12.71
N ASP A 110 10.75 7.66 12.35
CA ASP A 110 10.05 8.55 13.25
C ASP A 110 8.56 8.32 13.08
N GLY A 111 7.92 7.81 14.13
CA GLY A 111 6.54 7.35 14.07
C GLY A 111 5.55 8.26 14.78
N GLN A 112 4.50 8.62 14.06
CA GLN A 112 3.35 9.32 14.60
C GLN A 112 2.23 8.29 14.60
N GLY A 113 1.73 7.93 15.79
CA GLY A 113 0.63 7.00 15.89
C GLY A 113 0.95 5.87 16.83
N ASN A 114 0.13 4.81 16.76
CA ASN A 114 0.26 3.63 17.61
C ASN A 114 1.19 2.60 16.98
N PHE A 115 2.47 2.56 17.43
CA PHE A 115 3.48 1.66 16.87
C PHE A 115 3.73 0.42 17.74
N GLY A 116 2.77 0.02 18.57
CA GLY A 116 2.94 -1.08 19.49
C GLY A 116 3.28 -0.56 20.87
N SER A 117 3.68 -1.49 21.74
CA SER A 117 4.20 -1.18 23.06
C SER A 117 5.22 -2.26 23.45
N PRO A 118 6.03 -2.01 24.49
CA PRO A 118 7.06 -3.00 24.88
C PRO A 118 6.47 -4.32 25.23
N GLY A 119 5.15 -4.41 25.26
CA GLY A 119 4.49 -5.68 25.48
C GLY A 119 3.84 -6.23 24.22
N ASN A 120 2.59 -6.65 24.39
CA ASN A 120 1.84 -7.30 23.33
C ASN A 120 0.81 -6.40 22.67
N ASP A 121 0.68 -5.13 23.06
CA ASP A 121 -0.16 -4.21 22.29
C ASP A 121 0.40 -4.18 20.87
N PRO A 122 -0.34 -4.65 19.86
CA PRO A 122 0.15 -4.55 18.50
C PRO A 122 0.07 -3.13 17.97
N PRO A 123 0.67 -2.89 16.81
CA PRO A 123 0.59 -1.57 16.21
C PRO A 123 -0.71 -1.40 15.44
N ALA A 124 -1.12 -0.15 15.33
CA ALA A 124 -2.28 0.18 14.52
C ALA A 124 -2.03 -0.25 13.09
N ALA A 125 -3.10 -0.66 12.40
CA ALA A 125 -2.95 -1.09 11.02
C ALA A 125 -2.19 -0.02 10.21
N MET A 126 -1.62 -0.44 9.09
CA MET A 126 -0.97 0.47 8.14
C MET A 126 -1.82 1.73 7.82
N ARG A 127 -3.15 1.58 7.71
CA ARG A 127 -3.90 2.77 7.26
C ARG A 127 -3.94 3.91 8.30
N PHE A 128 -3.63 3.65 9.58
CA PHE A 128 -3.74 4.66 10.64
C PHE A 128 -2.44 5.43 10.91
N THR A 129 -1.26 4.84 10.70
CA THR A 129 -0.03 5.42 11.23
C THR A 129 0.63 6.31 10.18
N GLU A 130 1.57 7.12 10.63
CA GLU A 130 2.34 8.03 9.79
C GLU A 130 3.80 7.80 10.11
N ALA A 131 4.68 8.09 9.15
CA ALA A 131 6.09 7.72 9.36
C ALA A 131 7.00 8.51 8.44
N ARG A 132 8.14 8.95 9.00
CA ARG A 132 9.24 9.54 8.19
C ARG A 132 10.63 9.12 8.72
N LEU A 133 11.68 9.56 8.04
CA LEU A 133 13.03 9.26 8.51
C LEU A 133 13.47 10.11 9.69
N THR A 134 14.42 9.58 10.47
CA THR A 134 15.07 10.29 11.56
C THR A 134 16.37 10.92 11.11
N PRO A 135 16.91 11.85 11.89
CA PRO A 135 18.16 12.50 11.47
C PRO A 135 19.31 11.52 11.30
N LEU A 136 19.47 10.59 12.25
CA LEU A 136 20.50 9.57 12.07
C LEU A 136 20.29 8.82 10.76
N ALA A 137 19.04 8.48 10.42
CA ALA A 137 18.76 7.75 9.20
C ALA A 137 19.06 8.60 7.98
N MET A 138 18.98 9.90 8.12
CA MET A 138 19.49 10.76 7.08
C MET A 138 21.01 10.62 6.98
N GLU A 139 21.68 10.40 8.12
CA GLU A 139 23.12 10.12 8.11
C GLU A 139 23.45 8.70 7.61
N MET A 140 22.50 7.77 7.58
CA MET A 140 22.75 6.52 6.84
C MET A 140 22.77 6.76 5.32
N LEU A 141 22.11 7.80 4.86
CA LEU A 141 21.92 8.07 3.44
C LEU A 141 22.76 9.25 2.94
N ARG A 142 23.50 9.91 3.83
CA ARG A 142 24.27 11.09 3.45
C ARG A 142 25.06 10.89 2.16
N GLU A 143 24.88 11.83 1.24
CA GLU A 143 25.60 11.87 -0.03
C GLU A 143 25.58 10.50 -0.74
N ILE A 144 24.41 9.85 -0.72
CA ILE A 144 24.24 8.65 -1.54
C ILE A 144 24.05 9.02 -3.00
N ASP A 145 23.84 10.30 -3.30
CA ASP A 145 23.70 10.77 -4.67
C ASP A 145 25.03 11.24 -5.26
N GLU A 146 26.14 10.80 -4.68
CA GLU A 146 27.46 11.23 -5.12
C GLU A 146 28.35 10.05 -5.44
N GLU A 147 27.76 8.98 -5.96
CA GLU A 147 28.52 7.79 -6.33
C GLU A 147 29.33 7.25 -5.15
N THR A 148 28.72 7.21 -3.98
CA THR A 148 29.39 6.70 -2.79
C THR A 148 29.10 5.23 -2.53
N VAL A 149 28.32 4.58 -3.39
CA VAL A 149 27.95 3.19 -3.20
C VAL A 149 27.51 2.67 -4.56
N ASP A 150 27.84 1.42 -4.81
CA ASP A 150 27.40 0.77 -6.02
C ASP A 150 25.88 0.65 -6.01
N PHE A 151 25.26 0.98 -7.14
CA PHE A 151 23.84 0.69 -7.33
C PHE A 151 23.73 -0.45 -8.34
N ILE A 152 22.66 -1.23 -8.22
CA ILE A 152 22.37 -2.29 -9.19
C ILE A 152 20.91 -2.18 -9.61
N PRO A 153 20.55 -2.76 -10.76
CA PRO A 153 19.14 -2.69 -11.16
C PRO A 153 18.27 -3.46 -10.18
N ASN A 154 17.00 -3.01 -10.10
CA ASN A 154 16.01 -3.59 -9.21
C ASN A 154 15.43 -4.90 -9.78
N TYR A 155 14.41 -5.45 -9.10
CA TYR A 155 13.76 -6.72 -9.50
C TYR A 155 13.22 -6.69 -10.92
N ASP A 156 13.06 -5.53 -11.61
CA ASP A 156 12.55 -5.56 -12.98
C ASP A 156 13.33 -4.60 -13.88
N GLY A 157 14.52 -4.17 -13.46
CA GLY A 157 15.42 -3.33 -14.24
C GLY A 157 14.96 -1.93 -14.49
N ARG A 158 13.72 -1.59 -14.10
CA ARG A 158 13.08 -0.31 -14.45
C ARG A 158 13.68 0.84 -13.65
N VAL A 159 14.22 0.57 -12.46
CA VAL A 159 14.96 1.54 -11.65
C VAL A 159 16.12 0.83 -10.97
N GLN A 160 16.89 1.59 -10.21
CA GLN A 160 18.10 1.06 -9.57
C GLN A 160 18.04 1.25 -8.06
N GLU A 161 18.71 0.35 -7.35
CA GLU A 161 18.80 0.39 -5.89
C GLU A 161 20.23 0.29 -5.37
N PRO A 162 20.49 0.88 -4.21
CA PRO A 162 21.81 0.75 -3.61
C PRO A 162 21.97 -0.63 -3.00
N THR A 163 23.15 -1.22 -3.25
CA THR A 163 23.58 -2.45 -2.59
C THR A 163 23.79 -2.20 -1.10
N VAL A 164 24.34 -1.03 -0.77
CA VAL A 164 24.63 -0.64 0.60
C VAL A 164 24.45 0.86 0.74
N LEU A 165 24.25 1.33 2.03
CA LEU A 165 24.13 2.74 2.31
C LEU A 165 25.40 3.32 2.94
N PRO A 166 25.67 4.60 2.69
CA PRO A 166 26.93 5.21 3.19
C PRO A 166 27.15 5.05 4.68
N SER A 167 26.06 4.91 5.44
CA SER A 167 26.12 4.50 6.84
C SER A 167 27.12 5.33 7.63
N ARG A 168 26.95 6.64 7.61
CA ARG A 168 27.92 7.50 8.26
C ARG A 168 27.62 7.41 9.75
N PHE A 169 27.67 6.20 10.29
CA PHE A 169 27.81 5.94 11.72
C PHE A 169 27.73 4.43 11.83
N PRO A 170 28.36 3.84 12.84
CA PRO A 170 28.54 2.38 12.83
C PRO A 170 27.26 1.63 13.12
N ASN A 171 26.27 1.77 12.24
CA ASN A 171 24.91 1.33 12.56
C ASN A 171 24.86 -0.11 13.09
N LEU A 172 25.61 -1.05 12.48
CA LEU A 172 25.49 -2.45 12.89
C LEU A 172 25.75 -2.62 14.38
N LEU A 173 26.72 -1.88 14.91
CA LEU A 173 27.05 -2.07 16.31
C LEU A 173 26.17 -1.19 17.20
N ALA A 174 25.86 0.03 16.71
CA ALA A 174 24.98 0.95 17.45
C ALA A 174 23.61 0.33 17.71
N ASN A 175 23.07 -0.38 16.73
CA ASN A 175 21.69 -0.83 16.78
C ASN A 175 21.49 -2.33 16.85
N GLY A 176 22.56 -3.11 16.77
CA GLY A 176 22.44 -4.54 16.82
C GLY A 176 21.77 -5.06 15.57
N SER A 177 21.73 -6.38 15.46
CA SER A 177 20.87 -7.08 14.52
C SER A 177 20.45 -8.39 15.15
N GLY A 178 19.41 -9.00 14.60
CA GLY A 178 18.97 -10.28 15.12
C GLY A 178 18.24 -10.98 14.00
N GLY A 179 18.55 -12.26 13.74
CA GLY A 179 17.94 -12.94 12.62
C GLY A 179 18.14 -14.43 12.47
N ILE A 180 17.04 -15.13 12.19
CA ILE A 180 17.06 -16.57 11.97
C ILE A 180 17.17 -16.83 10.47
N ALA A 181 18.20 -17.55 10.05
CA ALA A 181 18.43 -17.93 8.69
C ALA A 181 18.26 -19.44 8.56
N VAL A 182 18.95 -20.05 7.59
CA VAL A 182 19.01 -21.50 7.46
C VAL A 182 20.41 -21.97 7.83
N GLY A 183 20.48 -23.01 8.66
CA GLY A 183 21.73 -23.47 9.17
C GLY A 183 22.46 -22.53 10.08
N MET A 184 21.98 -21.31 10.33
CA MET A 184 22.62 -20.43 11.32
C MET A 184 21.66 -19.32 11.72
N ALA A 185 22.20 -18.30 12.38
CA ALA A 185 21.41 -17.29 13.08
C ALA A 185 22.32 -16.26 13.70
N THR A 186 21.91 -15.00 13.79
CA THR A 186 22.81 -13.94 14.23
C THR A 186 22.15 -13.08 15.28
N ASN A 187 22.96 -12.59 16.26
CA ASN A 187 22.40 -11.83 17.38
C ASN A 187 23.48 -10.85 17.86
N ILE A 188 23.65 -9.74 17.15
CA ILE A 188 24.56 -8.68 17.56
C ILE A 188 23.78 -7.68 18.46
N PRO A 189 24.20 -7.48 19.68
CA PRO A 189 23.48 -6.48 20.53
C PRO A 189 23.74 -5.07 20.04
N PRO A 190 23.06 -4.08 20.66
CA PRO A 190 23.37 -2.67 20.37
C PRO A 190 24.52 -2.15 21.21
N HIS A 191 24.93 -0.90 21.00
CA HIS A 191 26.01 -0.30 21.75
C HIS A 191 25.85 1.22 21.81
N ASN A 192 26.61 1.84 22.70
CA ASN A 192 26.56 3.28 22.85
C ASN A 192 27.31 3.94 21.69
N LEU A 193 26.63 4.88 21.01
CA LEU A 193 27.25 5.49 19.84
C LEU A 193 28.56 6.19 20.20
N ARG A 194 28.63 6.86 21.35
CA ARG A 194 29.87 7.59 21.67
C ARG A 194 31.04 6.65 21.92
N GLU A 195 30.80 5.56 22.63
CA GLU A 195 31.84 4.57 22.84
C GLU A 195 32.32 3.99 21.51
N LEU A 196 31.37 3.60 20.64
CA LEU A 196 31.76 3.08 19.34
C LEU A 196 32.59 4.09 18.59
N ALA A 197 32.33 5.37 18.79
CA ALA A 197 33.05 6.40 18.07
C ALA A 197 34.45 6.60 18.64
N ASP A 198 34.61 6.42 19.95
CA ASP A 198 35.96 6.40 20.52
C ASP A 198 36.78 5.26 19.91
N ALA A 199 36.19 4.08 19.74
CA ALA A 199 36.94 2.97 19.16
C ALA A 199 37.26 3.21 17.68
N VAL A 200 36.34 3.77 16.93
CA VAL A 200 36.61 4.06 15.52
C VAL A 200 37.71 5.08 15.42
N PHE A 201 37.69 6.09 16.33
CA PHE A 201 38.71 7.11 16.35
C PHE A 201 40.08 6.48 16.56
N TRP A 202 40.13 5.51 17.46
CA TRP A 202 41.37 4.74 17.57
C TRP A 202 41.76 4.13 16.23
N ALA A 203 40.90 3.28 15.67
CA ALA A 203 41.30 2.58 14.45
C ALA A 203 41.72 3.54 13.34
N LEU A 204 41.31 4.80 13.43
CA LEU A 204 41.76 5.79 12.46
C LEU A 204 43.15 6.34 12.83
N GLU A 205 43.33 6.85 14.05
CA GLU A 205 44.64 7.34 14.47
C GLU A 205 45.70 6.20 14.41
N ASN A 206 45.27 4.95 14.54
CA ASN A 206 46.21 3.83 14.51
C ASN A 206 45.98 2.90 13.32
N HIS A 207 46.00 3.44 12.11
CA HIS A 207 45.51 2.64 10.99
C HIS A 207 46.41 1.46 10.66
N ASP A 208 47.75 1.57 10.89
CA ASP A 208 48.65 0.47 10.56
C ASP A 208 48.67 -0.64 11.60
N ALA A 209 48.03 -0.46 12.76
CA ALA A 209 48.18 -1.39 13.87
C ALA A 209 47.57 -2.77 13.57
N ASP A 210 47.97 -3.77 14.33
CA ASP A 210 47.60 -5.13 13.97
C ASP A 210 46.30 -5.55 14.69
N GLU A 211 45.97 -6.84 14.57
CA GLU A 211 44.75 -7.34 15.16
C GLU A 211 44.84 -7.51 16.69
N GLU A 212 45.93 -8.07 17.23
CA GLU A 212 46.08 -8.13 18.68
C GLU A 212 45.89 -6.74 19.30
N GLU A 213 46.61 -5.75 18.79
CA GLU A 213 46.61 -4.42 19.39
C GLU A 213 45.22 -3.81 19.28
N THR A 214 44.62 -3.86 18.07
CA THR A 214 43.33 -3.21 17.85
C THR A 214 42.25 -3.85 18.72
N LEU A 215 42.20 -5.19 18.76
CA LEU A 215 41.22 -5.83 19.63
C LEU A 215 41.40 -5.33 21.06
N ALA A 216 42.65 -5.20 21.51
CA ALA A 216 42.88 -4.63 22.85
C ALA A 216 42.21 -3.25 22.98
N ALA A 217 42.54 -2.36 22.04
CA ALA A 217 42.13 -0.97 22.18
C ALA A 217 40.60 -0.83 22.09
N VAL A 218 39.96 -1.55 21.16
CA VAL A 218 38.52 -1.38 21.05
C VAL A 218 37.84 -1.97 22.27
N MET A 219 38.18 -3.23 22.62
CA MET A 219 37.55 -3.80 23.81
C MET A 219 37.65 -2.84 24.97
N GLY A 220 38.71 -2.05 24.99
CA GLY A 220 38.86 -1.09 26.06
C GLY A 220 38.05 0.18 25.92
N ARG A 221 37.61 0.53 24.71
CA ARG A 221 36.70 1.67 24.56
C ARG A 221 35.21 1.30 24.38
N VAL A 222 34.90 0.05 24.12
CA VAL A 222 33.54 -0.45 24.02
C VAL A 222 33.29 -1.26 25.28
N LYS A 223 32.88 -0.61 26.37
CA LYS A 223 32.76 -1.34 27.63
C LYS A 223 31.73 -2.47 27.56
N GLY A 224 30.99 -2.58 26.47
CA GLY A 224 29.94 -3.59 26.33
C GLY A 224 28.66 -3.07 25.70
N PRO A 225 27.69 -3.99 25.50
CA PRO A 225 26.36 -3.61 24.99
C PRO A 225 25.79 -2.42 25.73
N ASP A 226 24.98 -1.65 25.01
CA ASP A 226 24.17 -0.57 25.59
C ASP A 226 22.76 -0.68 25.01
N PHE A 227 21.79 -1.16 25.83
CA PHE A 227 20.46 -1.50 25.33
C PHE A 227 19.45 -0.35 25.39
N PRO A 228 18.52 -0.23 24.45
CA PRO A 228 17.51 0.86 24.57
C PRO A 228 16.69 0.78 25.84
N THR A 229 16.49 -0.43 26.37
CA THR A 229 15.66 -0.70 27.53
C THR A 229 16.37 -0.46 28.85
N ALA A 230 17.55 0.16 28.85
CA ALA A 230 18.35 0.16 30.09
C ALA A 230 18.52 -1.27 30.63
N GLY A 231 18.55 -1.31 31.95
CA GLY A 231 18.73 -2.53 32.69
C GLY A 231 20.14 -2.59 33.23
N LEU A 232 20.63 -3.82 33.41
CA LEU A 232 22.01 -4.05 33.81
C LEU A 232 22.61 -5.25 33.07
N ILE A 233 23.92 -5.16 32.82
CA ILE A 233 24.73 -6.33 32.45
C ILE A 233 25.53 -6.76 33.68
N VAL A 234 25.54 -8.07 33.93
CA VAL A 234 26.08 -8.63 35.17
C VAL A 234 27.18 -9.64 34.81
N GLY A 235 28.40 -9.27 35.13
CA GLY A 235 29.52 -10.06 34.70
C GLY A 235 30.18 -9.47 33.48
N SER A 236 31.51 -9.41 33.55
CA SER A 236 32.35 -8.95 32.45
C SER A 236 32.79 -10.06 31.49
N GLN A 237 32.61 -11.32 31.84
CA GLN A 237 33.13 -12.39 30.99
C GLN A 237 32.40 -12.46 29.65
N GLY A 238 31.11 -12.79 29.64
CA GLY A 238 30.39 -12.94 28.36
C GLY A 238 30.64 -11.82 27.36
N THR A 239 30.49 -10.57 27.79
CA THR A 239 30.85 -9.42 26.96
C THR A 239 32.17 -9.67 26.25
N ALA A 240 33.17 -10.11 27.04
CA ALA A 240 34.53 -10.30 26.53
C ALA A 240 34.66 -11.53 25.64
N ASP A 241 34.04 -12.64 26.01
CA ASP A 241 33.96 -13.79 25.12
C ASP A 241 33.47 -13.34 23.74
N ALA A 242 32.25 -12.82 23.69
CA ALA A 242 31.64 -12.41 22.43
C ALA A 242 32.56 -11.52 21.61
N TYR A 243 33.11 -10.48 22.21
CA TYR A 243 33.99 -9.60 21.46
C TYR A 243 35.27 -10.31 20.96
N LYS A 244 35.79 -11.31 21.70
CA LYS A 244 37.07 -11.93 21.32
C LYS A 244 36.92 -13.10 20.36
N THR A 245 35.77 -13.81 20.39
CA THR A 245 35.54 -14.97 19.54
C THR A 245 34.29 -14.95 18.68
N GLY A 246 33.53 -13.85 18.67
CA GLY A 246 32.28 -13.77 17.94
C GLY A 246 31.07 -14.33 18.65
N ARG A 247 31.24 -15.16 19.69
CA ARG A 247 30.13 -15.73 20.46
C ARG A 247 30.41 -15.52 21.95
N GLY A 248 29.33 -15.43 22.74
CA GLY A 248 29.38 -15.11 24.15
C GLY A 248 27.98 -14.91 24.72
N SER A 249 27.79 -15.25 26.01
CA SER A 249 26.50 -15.21 26.69
C SER A 249 26.52 -14.13 27.75
N ILE A 250 25.81 -13.03 27.52
CA ILE A 250 25.84 -11.83 28.35
C ILE A 250 24.62 -11.80 29.25
N ARG A 251 24.79 -11.91 30.57
CA ARG A 251 23.62 -11.95 31.45
C ARG A 251 23.21 -10.53 31.81
N MET A 252 21.93 -10.23 31.54
CA MET A 252 21.29 -8.95 31.82
C MET A 252 20.36 -9.11 33.01
N ARG A 253 20.21 -8.01 33.76
CA ARG A 253 19.23 -7.96 34.82
C ARG A 253 18.35 -6.73 34.69
N GLY A 254 17.10 -6.90 35.13
CA GLY A 254 16.24 -5.77 35.39
C GLY A 254 16.72 -4.97 36.58
N VAL A 255 15.92 -3.98 37.01
CA VAL A 255 16.20 -3.17 38.23
C VAL A 255 14.99 -3.31 39.14
N VAL A 256 15.16 -3.72 40.41
CA VAL A 256 14.06 -3.82 41.42
C VAL A 256 14.29 -2.68 42.42
N GLU A 257 13.23 -2.03 42.91
CA GLU A 257 13.32 -0.83 43.80
C GLU A 257 12.39 -1.08 45.00
N VAL A 258 12.85 -1.70 46.07
CA VAL A 258 11.96 -2.09 47.21
C VAL A 258 11.36 -0.84 47.84
N GLU A 259 10.08 -0.85 48.25
CA GLU A 259 9.39 0.29 48.85
C GLU A 259 8.57 -0.17 50.05
N GLU A 260 8.75 0.50 51.18
CA GLU A 260 7.98 0.24 52.39
C GLU A 260 7.11 1.47 52.68
N ARG A 263 0.88 2.23 55.22
CA ARG A 263 -0.16 1.22 55.16
C ARG A 263 0.24 -0.10 55.82
N GLY A 264 1.54 -0.23 56.12
CA GLY A 264 2.09 -1.48 56.61
C GLY A 264 2.22 -2.52 55.51
N ARG A 265 3.03 -2.24 54.49
CA ARG A 265 3.14 -3.15 53.36
C ARG A 265 4.47 -2.85 52.65
N THR A 266 5.20 -3.91 52.30
CA THR A 266 6.52 -3.80 51.68
C THR A 266 6.48 -4.39 50.27
N SER A 267 7.04 -3.66 49.31
CA SER A 267 6.77 -3.86 47.88
C SER A 267 8.05 -3.97 47.05
N LEU A 268 7.88 -4.49 45.81
CA LEU A 268 8.95 -4.59 44.82
C LEU A 268 8.56 -3.91 43.51
N VAL A 269 9.20 -2.78 43.21
CA VAL A 269 8.88 -1.97 42.04
C VAL A 269 9.93 -2.24 40.98
N ILE A 270 9.53 -2.87 39.87
CA ILE A 270 10.39 -3.04 38.71
C ILE A 270 10.26 -1.81 37.82
N THR A 271 11.35 -1.10 37.60
CA THR A 271 11.35 0.02 36.66
C THR A 271 12.05 -0.26 35.35
N GLU A 272 12.96 -1.24 35.29
CA GLU A 272 13.73 -1.53 34.08
C GLU A 272 13.67 -3.04 33.82
N LEU A 273 13.84 -3.42 32.56
CA LEU A 273 13.94 -4.84 32.23
C LEU A 273 15.06 -5.13 31.23
N PRO A 274 15.46 -6.38 31.05
CA PRO A 274 16.49 -6.66 30.04
C PRO A 274 15.93 -6.42 28.66
N TYR A 275 16.82 -6.08 27.74
CA TYR A 275 16.45 -5.92 26.34
C TYR A 275 15.64 -7.11 25.82
N GLN A 276 14.60 -6.79 25.08
CA GLN A 276 13.78 -7.74 24.34
C GLN A 276 12.92 -8.62 25.24
N VAL A 277 12.69 -8.20 26.48
CA VAL A 277 11.79 -8.92 27.38
C VAL A 277 10.41 -8.31 27.28
N ASN A 278 9.45 -9.13 26.87
CA ASN A 278 8.06 -8.70 26.73
C ASN A 278 7.49 -8.39 28.10
N HIS A 279 6.91 -7.18 28.26
CA HIS A 279 6.35 -6.76 29.55
C HIS A 279 5.11 -7.58 29.90
N ASP A 280 4.28 -7.91 28.91
CA ASP A 280 3.08 -8.65 29.22
C ASP A 280 3.43 -10.12 29.49
N ASN A 281 4.30 -10.70 28.67
CA ASN A 281 4.72 -12.08 28.93
C ASN A 281 5.47 -12.20 30.24
N PHE A 282 6.20 -11.16 30.65
CA PHE A 282 6.85 -11.18 31.96
C PHE A 282 5.82 -11.31 33.08
N ILE A 283 4.87 -10.35 33.15
CA ILE A 283 3.82 -10.43 34.19
C ILE A 283 3.17 -11.82 34.18
N THR A 284 2.78 -12.29 33.01
CA THR A 284 2.11 -13.58 32.86
C THR A 284 3.02 -14.66 33.44
N SER A 285 4.35 -14.61 33.31
CA SER A 285 5.19 -15.70 33.84
C SER A 285 5.22 -15.67 35.36
N ILE A 286 5.34 -14.48 35.96
CA ILE A 286 5.21 -14.38 37.42
C ILE A 286 3.89 -15.01 37.87
N ALA A 287 2.79 -14.60 37.25
CA ALA A 287 1.43 -15.01 37.67
C ALA A 287 1.17 -16.49 37.38
N GLU A 288 1.93 -17.10 36.48
CA GLU A 288 1.77 -18.53 36.12
C GLU A 288 2.62 -19.36 37.06
N GLN A 289 3.68 -18.79 37.66
CA GLN A 289 4.58 -19.49 38.63
C GLN A 289 4.14 -19.15 40.04
N VAL A 290 3.13 -18.30 40.26
CA VAL A 290 2.52 -18.09 41.60
C VAL A 290 1.20 -18.88 41.55
N ARG A 291 0.64 -19.11 40.35
CA ARG A 291 -0.55 -20.00 40.17
C ARG A 291 -0.04 -21.42 40.40
N ASP A 292 1.11 -21.78 39.81
CA ASP A 292 1.76 -23.09 40.06
C ASP A 292 2.09 -23.13 41.55
N GLY A 293 2.49 -21.99 42.11
CA GLY A 293 2.82 -21.88 43.55
C GLY A 293 4.26 -22.25 43.80
N LYS A 294 5.17 -21.99 42.84
CA LYS A 294 6.60 -22.26 43.00
C LYS A 294 7.38 -20.96 43.10
N LEU A 295 6.69 -19.87 43.43
CA LEU A 295 7.29 -18.62 43.85
C LEU A 295 6.35 -18.03 44.93
N ALA A 296 6.35 -18.65 46.10
CA ALA A 296 5.61 -18.07 47.22
C ALA A 296 6.27 -16.75 47.63
N GLY A 297 5.73 -16.13 48.66
CA GLY A 297 6.28 -14.89 49.19
C GLY A 297 5.70 -13.64 48.58
N ILE A 298 4.76 -13.76 47.63
CA ILE A 298 4.15 -12.58 46.92
C ILE A 298 2.70 -12.41 47.38
N SER A 299 2.34 -11.20 47.83
CA SER A 299 0.97 -10.87 48.28
C SER A 299 0.08 -10.66 47.05
N ASN A 300 0.58 -9.96 46.02
CA ASN A 300 -0.20 -9.65 44.79
C ASN A 300 0.73 -9.05 43.74
N ILE A 301 0.41 -9.16 42.43
CA ILE A 301 1.17 -8.54 41.31
C ILE A 301 0.24 -7.51 40.67
N GLU A 302 0.69 -6.27 40.43
CA GLU A 302 -0.15 -5.20 39.89
C GLU A 302 0.69 -4.34 38.96
N ASP A 303 0.39 -4.36 37.65
CA ASP A 303 1.06 -3.44 36.73
C ASP A 303 0.52 -2.02 36.95
N GLN A 304 1.27 -1.19 37.66
CA GLN A 304 0.89 0.21 37.85
C GLN A 304 1.56 1.11 36.83
N SER A 305 1.60 0.63 35.59
CA SER A 305 2.44 1.20 34.55
C SER A 305 1.59 2.08 33.64
N SER A 306 2.20 3.18 33.19
CA SER A 306 1.54 4.15 32.33
C SER A 306 2.60 4.99 31.62
N ASP A 307 2.15 5.78 30.63
CA ASP A 307 3.09 6.59 29.85
C ASP A 307 3.78 7.67 30.68
N ARG A 308 3.23 8.05 31.83
CA ARG A 308 3.79 9.17 32.65
C ARG A 308 4.82 8.63 33.65
N VAL A 309 4.63 7.44 34.21
CA VAL A 309 5.53 6.87 35.20
C VAL A 309 6.53 5.91 34.55
N GLY A 310 6.20 5.38 33.37
CA GLY A 310 7.09 4.50 32.64
C GLY A 310 6.81 3.08 33.06
N LEU A 311 7.81 2.18 33.04
CA LEU A 311 7.60 0.80 33.55
C LEU A 311 7.47 0.91 35.07
N ARG A 312 6.49 0.23 35.67
CA ARG A 312 6.25 0.22 37.12
C ARG A 312 5.39 -1.00 37.36
N ILE A 313 5.97 -2.13 37.79
CA ILE A 313 5.21 -3.38 38.12
C ILE A 313 5.41 -3.53 39.62
N VAL A 314 4.53 -2.95 40.43
CA VAL A 314 4.69 -2.96 41.92
C VAL A 314 4.34 -4.37 42.38
N ILE A 315 5.10 -5.02 43.28
CA ILE A 315 4.84 -6.44 43.69
C ILE A 315 4.89 -6.53 45.23
N GLU A 316 3.82 -6.11 45.92
CA GLU A 316 3.67 -6.28 47.39
C GLU A 316 4.14 -7.69 47.73
N ILE A 317 4.93 -7.86 48.80
CA ILE A 317 5.47 -9.19 49.25
C ILE A 317 4.92 -9.47 50.66
N LYS A 318 4.88 -10.74 51.10
CA LYS A 318 4.27 -11.15 52.40
C LYS A 318 5.13 -10.67 53.57
N ARG A 319 4.57 -10.51 54.79
CA ARG A 319 5.34 -10.04 55.94
C ARG A 319 6.12 -11.17 56.61
N ASP A 320 5.97 -12.40 56.11
CA ASP A 320 6.83 -13.55 56.44
C ASP A 320 7.68 -13.95 55.22
N ALA A 321 8.17 -12.95 54.49
CA ALA A 321 9.10 -13.16 53.38
C ALA A 321 10.06 -11.97 53.37
N VAL A 322 11.29 -12.23 52.89
CA VAL A 322 12.36 -11.24 52.88
C VAL A 322 12.54 -10.76 51.44
N ALA A 323 13.11 -9.56 51.29
CA ALA A 323 13.22 -8.92 49.98
C ALA A 323 14.30 -9.56 49.11
N LYS A 324 15.54 -9.67 49.64
CA LYS A 324 16.63 -10.26 48.86
C LYS A 324 16.29 -11.66 48.39
N VAL A 325 15.67 -12.46 49.26
CA VAL A 325 15.37 -13.85 48.93
C VAL A 325 14.45 -13.92 47.72
N VAL A 326 13.38 -13.12 47.74
CA VAL A 326 12.36 -13.19 46.69
C VAL A 326 12.90 -12.61 45.38
N ILE A 327 13.61 -11.48 45.46
CA ILE A 327 14.29 -10.95 44.28
C ILE A 327 15.11 -12.04 43.59
N ASN A 328 15.89 -12.79 44.38
CA ASN A 328 16.76 -13.81 43.76
C ASN A 328 15.95 -14.99 43.22
N ASN A 329 14.83 -15.32 43.88
CA ASN A 329 13.96 -16.32 43.29
C ASN A 329 13.49 -15.88 41.90
N LEU A 330 13.25 -14.57 41.75
CA LEU A 330 12.74 -14.04 40.48
C LEU A 330 13.82 -14.04 39.39
N TYR A 331 14.99 -13.49 39.70
CA TYR A 331 16.18 -13.71 38.90
C TYR A 331 16.30 -15.15 38.38
N LYS A 332 16.12 -16.12 39.27
CA LYS A 332 16.16 -17.52 38.86
C LYS A 332 15.08 -17.89 37.85
N HIS A 333 13.82 -17.92 38.30
CA HIS A 333 12.77 -18.61 37.55
C HIS A 333 12.16 -17.78 36.42
N THR A 334 12.44 -16.48 36.37
CA THR A 334 11.89 -15.60 35.35
C THR A 334 12.98 -14.88 34.57
N GLN A 335 12.53 -14.12 33.58
CA GLN A 335 13.41 -13.31 32.80
C GLN A 335 13.72 -12.01 33.45
N LEU A 336 13.53 -11.86 34.76
CA LEU A 336 13.92 -10.60 35.39
C LEU A 336 15.43 -10.41 35.25
N GLN A 337 16.18 -11.51 35.36
CA GLN A 337 17.50 -11.65 34.76
C GLN A 337 17.43 -12.73 33.70
N THR A 338 18.16 -12.51 32.60
CA THR A 338 18.22 -13.48 31.53
C THR A 338 19.38 -13.13 30.63
N SER A 339 19.68 -14.03 29.69
CA SER A 339 20.99 -14.07 29.07
C SER A 339 20.88 -13.83 27.57
N PHE A 340 21.52 -12.76 27.12
CA PHE A 340 21.66 -12.38 25.71
C PHE A 340 22.80 -13.16 25.05
N GLY A 341 22.45 -14.10 24.18
CA GLY A 341 23.45 -14.94 23.57
C GLY A 341 23.98 -14.47 22.23
N ALA A 342 24.95 -13.55 22.26
CA ALA A 342 25.54 -13.00 21.04
C ALA A 342 26.14 -14.08 20.17
N ASN A 343 26.05 -13.88 18.84
CA ASN A 343 26.78 -14.66 17.85
C ASN A 343 27.14 -13.71 16.69
N MET A 344 28.09 -12.81 16.92
CA MET A 344 28.40 -11.78 15.92
C MET A 344 28.53 -12.56 14.61
N LEU A 345 27.59 -12.37 13.69
CA LEU A 345 27.58 -13.03 12.39
C LEU A 345 27.06 -11.99 11.40
N ALA A 346 27.81 -11.74 10.34
CA ALA A 346 27.37 -10.78 9.33
C ALA A 346 27.85 -11.21 7.97
N ILE A 347 27.34 -10.54 6.94
CA ILE A 347 27.72 -10.81 5.58
C ILE A 347 28.87 -9.88 5.25
N VAL A 348 30.03 -10.44 4.90
CA VAL A 348 31.17 -9.71 4.40
C VAL A 348 31.44 -10.16 2.98
N ASP A 349 31.61 -9.21 2.08
CA ASP A 349 31.91 -9.48 0.68
C ASP A 349 31.11 -10.61 0.11
N GLY A 350 29.84 -10.69 0.49
CA GLY A 350 28.89 -11.65 -0.06
C GLY A 350 28.77 -12.98 0.64
N VAL A 351 29.52 -13.21 1.71
CA VAL A 351 29.58 -14.50 2.36
C VAL A 351 29.39 -14.31 3.87
N PRO A 352 28.91 -15.33 4.58
CA PRO A 352 28.70 -15.16 6.03
C PRO A 352 29.97 -15.38 6.82
N ARG A 353 30.15 -14.57 7.88
CA ARG A 353 31.38 -14.58 8.67
C ARG A 353 31.07 -14.17 10.09
N THR A 354 31.47 -15.00 11.06
CA THR A 354 31.50 -14.56 12.45
C THR A 354 32.75 -13.72 12.66
N LEU A 355 32.64 -12.69 13.50
CA LEU A 355 33.70 -11.68 13.56
C LEU A 355 33.96 -11.24 14.98
N ARG A 356 35.19 -10.83 15.27
CA ARG A 356 35.60 -10.30 16.59
C ARG A 356 35.25 -8.82 16.56
N LEU A 357 35.43 -8.07 17.65
CA LEU A 357 35.08 -6.63 17.73
C LEU A 357 36.10 -5.82 16.92
N ASP A 358 37.31 -6.34 16.71
CA ASP A 358 38.37 -5.65 15.93
C ASP A 358 38.09 -5.79 14.45
N GLN A 359 37.40 -6.86 14.03
CA GLN A 359 37.09 -7.12 12.61
C GLN A 359 35.82 -6.34 12.24
N LEU A 360 34.89 -6.11 13.18
CA LEU A 360 33.70 -5.30 12.90
C LEU A 360 34.07 -3.83 12.79
N ILE A 361 34.77 -3.29 13.79
CA ILE A 361 35.21 -1.89 13.69
C ILE A 361 36.04 -1.66 12.42
N ARG A 362 37.05 -2.51 12.17
CA ARG A 362 37.89 -2.29 11.00
C ARG A 362 37.06 -2.35 9.71
N TYR A 363 36.14 -3.30 9.60
CA TYR A 363 35.38 -3.45 8.36
C TYR A 363 34.50 -2.23 8.11
N TYR A 364 33.90 -1.71 9.18
CA TYR A 364 33.12 -0.49 9.04
C TYR A 364 34.03 0.67 8.63
N VAL A 365 35.22 0.76 9.26
CA VAL A 365 36.11 1.88 8.96
C VAL A 365 36.49 1.85 7.49
N ASP A 366 37.00 0.72 7.02
CA ASP A 366 37.33 0.58 5.60
C ASP A 366 36.12 1.04 4.74
N HIS A 367 34.89 0.74 5.16
CA HIS A 367 33.75 1.24 4.40
C HIS A 367 33.68 2.78 4.36
N GLN A 368 33.92 3.42 5.51
CA GLN A 368 33.88 4.89 5.55
C GLN A 368 34.94 5.50 4.63
N LEU A 369 36.17 4.98 4.69
CA LEU A 369 37.22 5.42 3.77
C LEU A 369 36.81 5.20 2.31
N ASP A 370 36.24 4.01 1.98
CA ASP A 370 35.76 3.76 0.63
C ASP A 370 34.83 4.86 0.20
N VAL A 371 33.89 5.20 1.10
CA VAL A 371 32.84 6.18 0.78
C VAL A 371 33.44 7.57 0.53
N ILE A 372 34.46 7.94 1.31
CA ILE A 372 34.99 9.31 1.14
C ILE A 372 35.96 9.43 -0.06
N VAL A 373 36.67 8.35 -0.41
CA VAL A 373 37.47 8.39 -1.64
C VAL A 373 36.56 8.31 -2.87
N ARG A 374 35.43 7.61 -2.78
CA ARG A 374 34.46 7.66 -3.87
C ARG A 374 33.78 9.04 -3.99
N ARG A 375 33.40 9.65 -2.87
CA ARG A 375 32.71 10.94 -2.98
C ARG A 375 33.67 11.98 -3.53
N THR A 376 34.96 11.90 -3.13
CA THR A 376 35.96 12.85 -3.63
C THR A 376 36.25 12.61 -5.10
N THR A 377 36.31 11.34 -5.54
CA THR A 377 36.37 11.08 -6.98
C THR A 377 35.22 11.75 -7.73
N TYR A 378 34.00 11.63 -7.20
CA TYR A 378 32.85 12.23 -7.84
C TYR A 378 32.96 13.75 -7.88
N ARG A 379 33.25 14.35 -6.73
CA ARG A 379 33.41 15.79 -6.65
C ARG A 379 34.51 16.26 -7.62
N LEU A 380 35.60 15.50 -7.75
CA LEU A 380 36.66 15.92 -8.66
C LEU A 380 36.17 15.92 -10.10
N ARG A 381 35.57 14.80 -10.54
CA ARG A 381 35.10 14.74 -11.92
C ARG A 381 34.14 15.87 -12.22
N LYS A 382 33.22 16.17 -11.29
CA LYS A 382 32.27 17.25 -11.55
C LYS A 382 32.97 18.62 -11.56
N ALA A 383 33.99 18.80 -10.71
CA ALA A 383 34.74 20.05 -10.76
C ALA A 383 35.44 20.21 -12.10
N ASN A 384 36.04 19.13 -12.60
CA ASN A 384 36.76 19.22 -13.88
C ASN A 384 35.78 19.47 -15.03
N GLU A 385 34.59 18.86 -14.97
CA GLU A 385 33.54 19.18 -15.92
C GLU A 385 33.26 20.68 -15.94
N ARG A 386 32.97 21.26 -14.74
CA ARG A 386 32.55 22.66 -14.68
C ARG A 386 33.69 23.58 -15.07
N ALA A 387 34.93 23.21 -14.73
CA ALA A 387 36.07 24.04 -15.11
C ALA A 387 36.31 24.00 -16.63
N HIS A 388 36.35 22.80 -17.22
CA HIS A 388 36.52 22.72 -18.67
C HIS A 388 35.48 23.53 -19.38
N ILE A 389 34.31 23.74 -18.75
CA ILE A 389 33.30 24.61 -19.34
C ILE A 389 33.68 26.07 -19.16
N LEU A 390 33.86 26.48 -17.89
CA LEU A 390 34.22 27.86 -17.55
C LEU A 390 35.41 28.39 -18.38
N ARG A 391 36.37 27.53 -18.71
CA ARG A 391 37.53 27.95 -19.50
C ARG A 391 37.11 28.42 -20.87
N GLY A 392 36.22 27.66 -21.54
CA GLY A 392 35.66 28.09 -22.82
C GLY A 392 34.78 29.32 -22.73
N LEU A 393 34.12 29.55 -21.59
CA LEU A 393 33.39 30.81 -21.46
C LEU A 393 34.33 32.02 -21.35
N VAL A 394 35.34 31.97 -20.48
CA VAL A 394 36.26 33.11 -20.36
C VAL A 394 37.02 33.36 -21.68
N LYS A 395 37.35 32.29 -22.43
CA LYS A 395 37.88 32.53 -23.77
C LYS A 395 36.84 33.23 -24.65
N ALA A 396 35.56 32.99 -24.40
CA ALA A 396 34.54 33.74 -25.14
C ALA A 396 34.39 35.19 -24.67
N LEU A 397 34.73 35.47 -23.43
CA LEU A 397 34.70 36.83 -22.92
C LEU A 397 35.88 37.67 -23.43
N ASP A 398 37.10 37.13 -23.38
CA ASP A 398 38.24 37.91 -23.83
C ASP A 398 38.12 38.31 -25.29
N ALA A 399 37.32 37.58 -26.10
CA ALA A 399 37.08 37.93 -27.49
C ALA A 399 35.59 38.13 -27.75
N LEU A 400 34.93 38.89 -26.86
CA LEU A 400 33.46 38.94 -26.83
C LEU A 400 32.88 39.57 -28.10
N ASP A 401 33.49 40.64 -28.60
CA ASP A 401 32.93 41.36 -29.76
C ASP A 401 32.94 40.41 -30.96
N GLU A 402 34.01 39.66 -31.19
CA GLU A 402 34.12 38.72 -32.30
C GLU A 402 33.02 37.66 -32.22
N VAL A 403 32.75 37.16 -31.01
CA VAL A 403 31.80 36.06 -30.86
C VAL A 403 30.37 36.53 -31.08
N ILE A 404 29.97 37.67 -30.49
CA ILE A 404 28.61 38.17 -30.69
C ILE A 404 28.35 38.44 -32.17
N ALA A 405 29.30 39.15 -32.82
CA ALA A 405 29.18 39.42 -34.24
C ALA A 405 29.09 38.12 -35.04
N LEU A 406 29.90 37.11 -34.68
CA LEU A 406 29.85 35.85 -35.42
C LEU A 406 28.45 35.25 -35.37
N ILE A 407 27.92 35.09 -34.15
CA ILE A 407 26.63 34.44 -34.04
C ILE A 407 25.60 35.20 -34.86
N ARG A 408 25.41 36.50 -34.56
CA ARG A 408 24.37 37.26 -35.25
C ARG A 408 24.45 37.04 -36.75
N ALA A 409 25.67 37.01 -37.31
CA ALA A 409 25.84 36.84 -38.74
C ALA A 409 25.59 35.40 -39.18
N SER A 410 25.44 34.47 -38.26
CA SER A 410 25.20 33.10 -38.67
C SER A 410 23.73 32.90 -39.02
N GLU A 411 23.47 31.81 -39.73
CA GLU A 411 22.12 31.52 -40.24
C GLU A 411 21.36 30.57 -39.32
N THR A 412 21.96 29.46 -38.95
CA THR A 412 21.36 28.55 -38.00
C THR A 412 22.17 28.59 -36.70
N VAL A 413 21.81 27.71 -35.76
CA VAL A 413 22.58 27.62 -34.53
C VAL A 413 23.76 26.65 -34.68
N ASP A 414 23.64 25.63 -35.53
CA ASP A 414 24.78 24.76 -35.83
C ASP A 414 25.89 25.56 -36.52
N ILE A 415 25.52 26.50 -37.38
CA ILE A 415 26.52 27.32 -38.08
C ILE A 415 27.19 28.26 -37.09
N ALA A 416 26.42 28.91 -36.24
CA ALA A 416 27.01 29.65 -35.13
C ALA A 416 27.99 28.77 -34.37
N ARG A 417 27.60 27.52 -34.09
CA ARG A 417 28.42 26.63 -33.27
C ARG A 417 29.74 26.28 -33.95
N ALA A 418 29.67 25.91 -35.23
CA ALA A 418 30.88 25.61 -35.99
C ALA A 418 31.82 26.80 -35.97
N GLY A 419 31.30 28.01 -36.26
CA GLY A 419 32.11 29.21 -36.20
C GLY A 419 32.71 29.46 -34.83
N LEU A 420 31.98 29.09 -33.76
CA LEU A 420 32.53 29.23 -32.41
C LEU A 420 33.72 28.30 -32.21
N ILE A 421 33.65 27.08 -32.74
CA ILE A 421 34.79 26.17 -32.57
C ILE A 421 35.96 26.57 -33.46
N GLU A 422 35.69 27.17 -34.63
CA GLU A 422 36.75 27.76 -35.45
C GLU A 422 37.48 28.87 -34.69
N LEU A 423 36.74 29.92 -34.30
CA LEU A 423 37.35 31.10 -33.72
C LEU A 423 38.29 30.75 -32.56
N LEU A 424 37.75 30.09 -31.52
CA LEU A 424 38.52 29.65 -30.35
C LEU A 424 38.89 28.15 -30.56
N ASP A 425 39.51 27.54 -29.55
CA ASP A 425 39.89 26.12 -29.63
C ASP A 425 39.09 25.34 -28.59
N ILE A 426 37.77 25.20 -28.82
CA ILE A 426 36.81 24.64 -27.84
C ILE A 426 36.20 23.33 -28.33
N ASP A 427 35.56 22.57 -27.45
CA ASP A 427 34.90 21.27 -27.75
C ASP A 427 33.47 21.61 -28.15
N GLU A 428 32.61 20.61 -28.39
CA GLU A 428 31.17 20.86 -28.66
C GLU A 428 30.49 21.11 -27.32
N ILE A 429 30.92 20.49 -26.23
CA ILE A 429 30.42 20.77 -24.89
C ILE A 429 30.62 22.25 -24.56
N GLN A 430 31.81 22.78 -24.87
CA GLN A 430 32.11 24.17 -24.50
C GLN A 430 31.40 25.18 -25.37
N ALA A 431 31.27 24.88 -26.67
CA ALA A 431 30.57 25.77 -27.59
C ALA A 431 29.09 25.86 -27.25
N GLN A 432 28.49 24.72 -26.90
CA GLN A 432 27.10 24.71 -26.47
C GLN A 432 26.93 25.46 -25.16
N ALA A 433 27.93 25.36 -24.25
CA ALA A 433 27.77 26.05 -22.98
C ALA A 433 27.89 27.56 -23.13
N ILE A 434 28.65 28.01 -24.13
CA ILE A 434 28.63 29.43 -24.45
C ILE A 434 27.33 29.81 -25.15
N LEU A 435 26.84 28.97 -26.05
CA LEU A 435 25.60 29.26 -26.79
C LEU A 435 24.48 29.40 -25.76
N ASP A 436 24.25 28.40 -24.92
CA ASP A 436 23.22 28.42 -23.84
C ASP A 436 23.43 29.59 -22.88
N MET A 437 24.65 30.12 -22.75
CA MET A 437 24.95 31.28 -21.87
C MET A 437 23.89 32.36 -22.05
N GLN A 438 23.22 32.79 -20.99
CA GLN A 438 22.18 33.82 -21.01
C GLN A 438 22.79 35.21 -20.97
N LEU A 439 22.10 36.15 -21.59
CA LEU A 439 22.54 37.54 -21.55
C LEU A 439 22.81 38.01 -20.13
N ARG A 440 22.02 37.58 -19.17
CA ARG A 440 22.23 37.96 -17.75
C ARG A 440 23.73 37.98 -17.43
N ARG A 441 24.50 37.00 -17.89
CA ARG A 441 25.93 36.81 -17.51
C ARG A 441 26.92 37.76 -18.19
N LEU A 442 26.47 38.56 -19.16
CA LEU A 442 27.35 39.53 -19.89
C LEU A 442 27.29 40.89 -19.19
N ALA A 443 26.83 40.97 -17.94
CA ALA A 443 26.86 42.21 -17.13
C ALA A 443 28.27 42.31 -16.56
N ALA A 444 28.71 43.44 -16.02
CA ALA A 444 30.09 43.62 -15.55
C ALA A 444 30.40 42.70 -14.38
N LEU A 445 29.60 42.74 -13.33
CA LEU A 445 29.84 41.94 -12.11
C LEU A 445 29.77 40.47 -12.48
N GLU A 446 29.00 40.08 -13.51
CA GLU A 446 28.82 38.66 -13.81
C GLU A 446 29.99 38.08 -14.60
N ARG A 447 30.63 38.86 -15.47
CA ARG A 447 31.83 38.38 -16.14
C ARG A 447 32.97 38.12 -15.14
N GLN A 448 33.19 39.04 -14.19
CA GLN A 448 34.18 38.82 -13.14
C GLN A 448 33.78 37.71 -12.20
N ARG A 449 32.47 37.44 -12.08
CA ARG A 449 31.97 36.25 -11.39
C ARG A 449 32.42 34.98 -12.10
N ILE A 450 32.33 34.97 -13.44
CA ILE A 450 32.85 33.84 -14.21
C ILE A 450 34.34 33.65 -13.96
N ILE A 451 35.11 34.75 -14.01
CA ILE A 451 36.55 34.64 -13.78
C ILE A 451 36.83 34.10 -12.37
N ASP A 452 36.39 34.85 -11.36
CA ASP A 452 36.52 34.43 -9.96
C ASP A 452 36.14 32.97 -9.80
N ASP A 453 35.03 32.56 -10.43
CA ASP A 453 34.53 31.20 -10.32
C ASP A 453 35.55 30.21 -10.87
N LEU A 454 36.05 30.42 -12.09
CA LEU A 454 37.09 29.54 -12.60
C LEU A 454 38.22 29.40 -11.56
N ALA A 455 38.61 30.50 -10.93
CA ALA A 455 39.72 30.44 -9.98
C ALA A 455 39.37 29.59 -8.75
N LYS A 456 38.17 29.81 -8.20
CA LYS A 456 37.76 29.06 -7.02
C LYS A 456 37.68 27.58 -7.33
N ILE A 457 37.19 27.24 -8.52
CA ILE A 457 36.98 25.83 -8.84
C ILE A 457 38.31 25.14 -9.05
N GLU A 458 39.31 25.85 -9.58
CA GLU A 458 40.64 25.26 -9.69
C GLU A 458 41.29 25.07 -8.31
N ALA A 459 41.07 26.01 -7.39
CA ALA A 459 41.45 25.78 -6.00
C ALA A 459 40.86 24.49 -5.46
N GLU A 460 39.52 24.38 -5.48
CA GLU A 460 38.83 23.16 -5.05
C GLU A 460 39.40 21.90 -5.75
N ILE A 461 39.68 21.99 -7.07
CA ILE A 461 40.24 20.85 -7.79
C ILE A 461 41.56 20.41 -7.17
N ALA A 462 42.41 21.38 -6.83
CA ALA A 462 43.64 21.09 -6.10
C ALA A 462 43.37 20.40 -4.77
N ASP A 463 42.45 20.95 -3.97
CA ASP A 463 42.17 20.33 -2.67
C ASP A 463 41.78 18.88 -2.84
N LEU A 464 41.04 18.59 -3.92
CA LEU A 464 40.49 17.25 -4.12
C LEU A 464 41.58 16.28 -4.55
N GLU A 465 42.41 16.65 -5.53
CA GLU A 465 43.61 15.88 -5.87
C GLU A 465 44.41 15.60 -4.61
N ASP A 466 44.61 16.62 -3.79
CA ASP A 466 45.39 16.45 -2.56
C ASP A 466 44.78 15.43 -1.60
N ILE A 467 43.45 15.38 -1.52
CA ILE A 467 42.84 14.42 -0.60
C ILE A 467 42.99 13.01 -1.15
N LEU A 468 42.90 12.87 -2.48
CA LEU A 468 43.00 11.52 -3.04
C LEU A 468 44.42 10.98 -2.91
N ALA A 469 45.43 11.87 -2.85
CA ALA A 469 46.81 11.41 -2.66
C ALA A 469 47.05 10.89 -1.25
N LYS A 470 46.47 11.54 -0.24
CA LYS A 470 46.88 11.35 1.15
C LYS A 470 45.85 10.61 1.99
N PRO A 471 45.99 9.31 2.19
CA PRO A 471 45.11 8.62 3.16
C PRO A 471 45.05 9.32 4.50
N GLU A 472 46.15 9.91 4.97
CA GLU A 472 46.09 10.65 6.23
C GLU A 472 44.92 11.63 6.19
N ARG A 473 44.70 12.26 5.03
CA ARG A 473 43.61 13.23 4.91
C ARG A 473 42.26 12.55 4.92
N GLN A 474 42.16 11.35 4.32
CA GLN A 474 40.88 10.66 4.25
C GLN A 474 40.45 10.18 5.64
N ARG A 475 41.36 9.59 6.40
CA ARG A 475 41.06 9.31 7.81
C ARG A 475 40.69 10.57 8.56
N GLY A 476 41.31 11.71 8.24
CA GLY A 476 40.91 12.93 8.91
C GLY A 476 39.45 13.30 8.66
N ILE A 477 39.03 13.20 7.40
CA ILE A 477 37.66 13.57 7.05
C ILE A 477 36.68 12.64 7.74
N VAL A 478 37.02 11.36 7.84
CA VAL A 478 36.14 10.45 8.58
C VAL A 478 36.01 10.89 10.04
N ARG A 479 37.14 11.16 10.72
CA ARG A 479 37.05 11.57 12.13
C ARG A 479 36.24 12.87 12.28
N ASP A 480 36.55 13.87 11.46
CA ASP A 480 35.86 15.14 11.61
C ASP A 480 34.34 14.98 11.43
N GLU A 481 33.93 14.31 10.36
CA GLU A 481 32.50 14.22 10.04
C GLU A 481 31.75 13.32 11.03
N LEU A 482 32.38 12.23 11.47
CA LEU A 482 31.71 11.40 12.47
C LEU A 482 31.63 12.09 13.83
N ALA A 483 32.60 12.94 14.19
CA ALA A 483 32.45 13.65 15.45
C ALA A 483 31.36 14.73 15.33
N GLU A 484 31.30 15.43 14.21
CA GLU A 484 30.12 16.27 13.97
C GLU A 484 28.89 15.47 14.39
N ILE A 485 28.73 14.28 13.77
CA ILE A 485 27.51 13.49 13.98
C ILE A 485 27.34 13.12 15.45
N VAL A 486 28.39 12.54 16.05
CA VAL A 486 28.27 11.99 17.41
C VAL A 486 28.03 13.09 18.43
N ASP A 487 28.64 14.26 18.25
CA ASP A 487 28.31 15.38 19.13
C ASP A 487 26.84 15.69 19.01
N ARG A 488 26.30 15.76 17.81
CA ARG A 488 24.90 16.20 17.65
C ARG A 488 23.92 15.11 18.06
N HIS A 489 24.23 13.83 17.91
CA HIS A 489 23.22 12.80 18.03
C HIS A 489 23.54 11.73 19.05
N GLY A 490 24.75 11.70 19.59
CA GLY A 490 25.09 10.69 20.56
C GLY A 490 24.41 10.98 21.89
N ASP A 491 24.40 9.98 22.75
CA ASP A 491 23.73 10.15 24.02
C ASP A 491 24.39 9.35 25.13
N ASP A 492 23.90 9.57 26.36
CA ASP A 492 24.45 8.92 27.53
C ASP A 492 24.19 7.43 27.46
N ARG A 493 25.07 6.66 28.12
CA ARG A 493 24.96 5.19 28.18
C ARG A 493 23.75 4.86 29.04
N ARG A 494 22.98 3.84 28.67
CA ARG A 494 21.80 3.42 29.42
C ARG A 494 22.06 2.21 30.29
N THR A 495 22.12 1.01 29.70
CA THR A 495 22.52 -0.17 30.47
C THR A 495 23.81 0.11 31.22
N ARG A 496 23.75 -0.09 32.54
CA ARG A 496 24.91 0.10 33.45
C ARG A 496 25.56 -1.26 33.64
N ILE A 497 26.86 -1.32 33.89
CA ILE A 497 27.67 -2.54 33.95
C ILE A 497 28.12 -2.79 35.38
N ILE A 498 27.97 -4.02 35.85
CA ILE A 498 28.32 -4.43 37.24
C ILE A 498 29.08 -5.75 37.06
N ALA A 499 29.60 -6.39 38.12
CA ALA A 499 30.42 -7.61 38.03
C ALA A 499 29.81 -8.75 38.85
N ALA A 500 30.17 -10.00 38.56
CA ALA A 500 29.66 -11.20 39.25
C ALA A 500 30.55 -12.40 38.91
N GLU B 1 -13.50 -45.48 -10.44
CA GLU B 1 -13.93 -44.06 -10.56
C GLU B 1 -14.09 -43.45 -9.17
N LEU B 2 -14.34 -42.14 -9.06
CA LEU B 2 -14.50 -41.43 -7.76
C LEU B 2 -15.50 -40.27 -7.91
N VAL B 3 -16.29 -39.92 -6.88
CA VAL B 3 -17.22 -38.80 -6.92
C VAL B 3 -16.53 -37.52 -6.46
N ARG B 4 -16.85 -36.41 -7.14
CA ARG B 4 -16.23 -35.10 -6.94
C ARG B 4 -17.26 -34.11 -6.41
N ARG B 5 -16.85 -33.28 -5.46
CA ARG B 5 -17.82 -32.43 -4.75
C ARG B 5 -18.58 -31.52 -5.73
N LYS B 6 -19.90 -31.35 -5.47
CA LYS B 6 -20.78 -30.49 -6.27
C LYS B 6 -21.79 -29.74 -5.41
N ASP B 10 -26.31 -30.14 -4.15
CA ASP B 10 -24.86 -29.92 -3.93
C ASP B 10 -24.39 -30.78 -2.75
N ILE B 11 -23.41 -31.67 -2.93
CA ILE B 11 -22.93 -32.61 -1.87
C ILE B 11 -21.45 -32.93 -2.12
N GLY B 12 -20.57 -32.79 -1.13
CA GLY B 12 -19.11 -32.99 -1.29
C GLY B 12 -18.49 -34.12 -0.50
N GLY B 13 -17.99 -33.86 0.72
CA GLY B 13 -17.26 -34.87 1.50
C GLY B 13 -15.78 -34.81 1.16
N LEU B 14 -15.25 -33.61 0.88
CA LEU B 14 -13.84 -33.40 0.46
C LEU B 14 -13.36 -32.07 1.07
N PRO B 15 -12.10 -31.60 0.91
CA PRO B 15 -11.70 -30.30 1.45
C PRO B 15 -12.51 -29.12 0.89
N GLY B 16 -12.57 -28.01 1.62
CA GLY B 16 -13.32 -26.81 1.20
C GLY B 16 -12.55 -25.99 0.19
N LYS B 17 -11.24 -25.78 0.40
CA LYS B 17 -10.40 -25.03 -0.53
C LYS B 17 -10.32 -25.74 -1.87
N LEU B 18 -10.49 -27.06 -1.86
CA LEU B 18 -10.42 -27.81 -3.09
C LEU B 18 -11.50 -27.38 -4.07
N ALA B 19 -11.11 -27.16 -5.31
CA ALA B 19 -12.00 -26.95 -6.43
C ALA B 19 -11.88 -28.17 -7.32
N ASP B 20 -12.89 -29.04 -7.30
CA ASP B 20 -12.67 -30.34 -7.91
C ASP B 20 -12.85 -30.31 -9.43
N CYS B 21 -12.68 -31.46 -10.04
CA CYS B 21 -12.84 -31.61 -11.47
C CYS B 21 -14.13 -32.34 -11.73
N ARG B 22 -14.64 -32.15 -12.94
CA ARG B 22 -15.90 -32.77 -13.32
C ARG B 22 -15.68 -34.26 -13.59
N SER B 23 -14.64 -34.60 -14.35
CA SER B 23 -14.39 -36.00 -14.67
C SER B 23 -14.31 -36.83 -13.41
N THR B 24 -14.67 -38.11 -13.55
CA THR B 24 -14.73 -39.02 -12.43
C THR B 24 -13.61 -40.05 -12.46
N ASP B 25 -12.82 -40.09 -13.56
CA ASP B 25 -11.83 -41.12 -13.75
C ASP B 25 -10.42 -40.66 -13.35
N PRO B 26 -9.84 -41.19 -12.27
CA PRO B 26 -8.49 -40.73 -11.87
C PRO B 26 -7.43 -40.79 -12.97
N ARG B 27 -7.54 -41.72 -13.93
CA ARG B 27 -6.52 -41.86 -14.97
C ARG B 27 -6.49 -40.65 -15.92
N LYS B 28 -7.48 -39.74 -15.86
CA LYS B 28 -7.52 -38.51 -16.72
C LYS B 28 -7.56 -37.24 -15.85
N SER B 29 -7.66 -37.36 -14.52
CA SER B 29 -7.77 -36.24 -13.61
C SER B 29 -6.43 -35.85 -13.02
N GLU B 30 -6.30 -34.55 -12.69
CA GLU B 30 -5.06 -33.95 -12.22
C GLU B 30 -5.38 -32.94 -11.11
N LEU B 31 -4.57 -32.94 -10.06
CA LEU B 31 -4.73 -32.00 -8.94
C LEU B 31 -3.53 -31.06 -8.92
N TYR B 32 -3.77 -29.76 -9.09
CA TYR B 32 -2.72 -28.75 -8.99
C TYR B 32 -2.69 -28.23 -7.54
N VAL B 33 -1.59 -28.51 -6.85
CA VAL B 33 -1.34 -27.93 -5.54
C VAL B 33 -0.55 -26.67 -5.80
N VAL B 34 -1.09 -25.53 -5.36
CA VAL B 34 -0.70 -24.20 -5.85
C VAL B 34 -0.41 -23.27 -4.69
N GLU B 35 0.78 -22.69 -4.70
CA GLU B 35 1.17 -21.72 -3.68
C GLU B 35 0.31 -20.47 -3.83
N GLY B 36 -0.52 -20.22 -2.83
CA GLY B 36 -1.19 -18.94 -2.68
C GLY B 36 -2.67 -19.05 -3.01
N ASP B 37 -3.48 -18.31 -2.26
CA ASP B 37 -4.91 -18.24 -2.64
C ASP B 37 -5.16 -17.32 -3.85
N SER B 38 -4.38 -16.26 -4.06
CA SER B 38 -4.54 -15.50 -5.28
C SER B 38 -4.30 -16.37 -6.50
N ALA B 39 -3.23 -17.17 -6.47
CA ALA B 39 -2.80 -17.93 -7.62
C ALA B 39 -3.65 -19.15 -7.82
N GLY B 40 -4.05 -19.78 -6.71
CA GLY B 40 -5.05 -20.83 -6.81
C GLY B 40 -6.37 -20.33 -7.37
N GLY B 41 -6.83 -19.17 -6.90
CA GLY B 41 -8.03 -18.60 -7.48
C GLY B 41 -7.91 -18.36 -8.96
N SER B 42 -6.76 -17.83 -9.42
CA SER B 42 -6.67 -17.57 -10.86
C SER B 42 -6.34 -18.83 -11.66
N ALA B 43 -6.00 -19.93 -10.99
CA ALA B 43 -5.92 -21.23 -11.66
C ALA B 43 -7.27 -21.94 -11.66
N LYS B 44 -8.14 -21.66 -10.67
CA LYS B 44 -9.54 -22.13 -10.71
C LYS B 44 -10.23 -21.61 -11.97
N SER B 45 -9.88 -20.40 -12.42
CA SER B 45 -10.55 -19.82 -13.58
C SER B 45 -9.96 -20.33 -14.88
N GLY B 46 -8.63 -20.48 -14.94
CA GLY B 46 -7.95 -20.78 -16.18
C GLY B 46 -7.97 -22.23 -16.60
N ARG B 47 -8.36 -23.11 -15.69
CA ARG B 47 -8.21 -24.54 -15.86
C ARG B 47 -9.12 -25.07 -16.96
N ASP B 48 -9.01 -26.38 -17.19
CA ASP B 48 -10.02 -27.15 -17.92
C ASP B 48 -10.90 -27.82 -16.87
N SER B 49 -12.06 -27.20 -16.56
CA SER B 49 -12.84 -27.66 -15.40
C SER B 49 -13.11 -29.16 -15.49
N MET B 50 -13.04 -29.73 -16.69
CA MET B 50 -13.29 -31.16 -16.85
C MET B 50 -12.32 -31.99 -16.01
N PHE B 51 -11.02 -31.71 -16.13
CA PHE B 51 -9.97 -32.62 -15.70
C PHE B 51 -9.02 -32.08 -14.63
N GLN B 52 -9.03 -30.78 -14.31
CA GLN B 52 -8.03 -30.18 -13.44
C GLN B 52 -8.69 -29.62 -12.19
N ALA B 53 -8.26 -30.11 -11.03
CA ALA B 53 -8.69 -29.66 -9.72
C ALA B 53 -7.60 -28.81 -9.09
N ILE B 54 -7.96 -28.03 -8.08
CA ILE B 54 -7.05 -27.03 -7.54
C ILE B 54 -7.13 -27.02 -6.02
N LEU B 55 -6.04 -27.35 -5.36
CA LEU B 55 -5.95 -27.14 -3.93
C LEU B 55 -4.93 -26.06 -3.69
N PRO B 56 -5.31 -24.87 -3.27
CA PRO B 56 -4.33 -23.84 -2.95
C PRO B 56 -3.84 -23.97 -1.52
N LEU B 57 -2.69 -23.36 -1.29
CA LEU B 57 -2.02 -23.46 -0.01
C LEU B 57 -1.73 -22.04 0.45
N ARG B 58 -2.13 -21.72 1.67
CA ARG B 58 -1.59 -20.50 2.24
C ARG B 58 -0.12 -20.71 2.40
N GLY B 59 0.68 -19.88 1.76
CA GLY B 59 2.12 -19.91 2.04
C GLY B 59 2.84 -21.21 2.42
N LYS B 60 3.71 -21.13 3.43
CA LYS B 60 4.55 -22.26 3.78
C LYS B 60 3.73 -23.34 4.48
N ILE B 61 4.07 -24.59 4.18
CA ILE B 61 3.47 -25.75 4.80
C ILE B 61 4.26 -26.15 6.03
N ILE B 62 3.62 -26.98 6.86
CA ILE B 62 4.31 -27.52 8.02
C ILE B 62 5.40 -28.49 7.60
N ASN B 63 6.58 -28.33 8.17
CA ASN B 63 7.67 -29.29 7.97
C ASN B 63 7.33 -30.58 8.70
N VAL B 64 7.04 -31.62 7.92
CA VAL B 64 6.56 -32.88 8.52
C VAL B 64 7.67 -33.75 9.07
N GLU B 65 8.94 -33.39 8.83
CA GLU B 65 10.12 -34.11 9.34
C GLU B 65 10.61 -33.56 10.65
N LYS B 66 10.46 -32.25 10.89
CA LYS B 66 10.72 -31.70 12.21
C LYS B 66 9.53 -31.86 13.14
N ALA B 67 8.32 -31.95 12.58
CA ALA B 67 7.09 -31.88 13.36
C ALA B 67 6.63 -33.27 13.74
N ARG B 68 6.38 -33.44 15.05
CA ARG B 68 5.89 -34.72 15.57
C ARG B 68 4.57 -35.11 14.92
N ILE B 69 4.42 -36.41 14.64
CA ILE B 69 3.26 -36.86 13.87
C ILE B 69 1.93 -36.27 14.36
N ASP B 70 1.80 -35.96 15.64
CA ASP B 70 0.49 -35.56 16.17
C ASP B 70 0.08 -34.16 15.69
N ARG B 71 0.99 -33.19 15.76
CA ARG B 71 0.71 -31.80 15.30
C ARG B 71 0.42 -31.88 13.80
N VAL B 72 1.04 -32.80 13.09
CA VAL B 72 0.89 -32.83 11.64
C VAL B 72 -0.54 -33.18 11.23
N LEU B 73 -1.17 -34.15 11.90
CA LEU B 73 -2.53 -34.49 11.47
C LEU B 73 -3.53 -33.42 11.90
N LYS B 74 -3.23 -32.67 12.96
CA LYS B 74 -4.10 -31.56 13.34
C LYS B 74 -3.93 -30.33 12.43
N ASN B 75 -3.05 -30.38 11.44
CA ASN B 75 -2.76 -29.22 10.61
C ASN B 75 -3.66 -29.28 9.38
N THR B 76 -4.51 -28.27 9.25
CA THR B 76 -5.60 -28.28 8.29
C THR B 76 -5.13 -28.38 6.84
N GLU B 77 -3.97 -27.79 6.53
CA GLU B 77 -3.51 -27.84 5.15
C GLU B 77 -2.98 -29.23 4.81
N VAL B 78 -2.26 -29.85 5.73
CA VAL B 78 -1.77 -31.21 5.45
C VAL B 78 -2.95 -32.18 5.36
N GLN B 79 -3.89 -32.07 6.29
CA GLN B 79 -5.12 -32.90 6.27
C GLN B 79 -5.85 -32.67 4.98
N ALA B 80 -5.83 -31.46 4.40
CA ALA B 80 -6.48 -31.18 3.14
C ALA B 80 -5.78 -31.87 1.98
N ILE B 81 -4.45 -31.75 1.92
CA ILE B 81 -3.69 -32.44 0.87
C ILE B 81 -3.90 -33.95 0.93
N ILE B 82 -4.02 -34.51 2.16
CA ILE B 82 -4.24 -35.95 2.29
C ILE B 82 -5.63 -36.34 1.79
N THR B 83 -6.69 -35.60 2.23
CA THR B 83 -8.06 -35.97 1.87
C THR B 83 -8.31 -35.84 0.38
N ALA B 84 -7.64 -34.90 -0.27
CA ALA B 84 -7.80 -34.72 -1.69
C ALA B 84 -7.12 -35.82 -2.50
N LEU B 85 -6.36 -36.73 -1.87
CA LEU B 85 -5.69 -37.80 -2.59
C LEU B 85 -6.31 -39.17 -2.38
N GLY B 86 -7.15 -39.35 -1.34
CA GLY B 86 -7.94 -40.55 -1.15
C GLY B 86 -7.16 -41.76 -0.66
N THR B 87 -5.84 -41.75 -0.86
CA THR B 87 -5.03 -42.95 -0.64
C THR B 87 -4.95 -43.32 0.84
N GLY B 88 -4.63 -42.36 1.70
CA GLY B 88 -4.19 -42.64 3.06
C GLY B 88 -2.69 -42.43 3.18
N ILE B 89 -2.16 -42.55 4.41
CA ILE B 89 -0.75 -42.23 4.72
C ILE B 89 -0.03 -43.41 5.38
N HIS B 90 1.30 -43.41 5.39
CA HIS B 90 2.13 -44.45 6.04
C HIS B 90 1.73 -45.85 5.56
N ASP B 91 1.41 -46.81 6.44
CA ASP B 91 1.12 -48.23 6.08
C ASP B 91 -0.30 -48.34 5.54
N GLU B 92 -1.17 -47.38 5.83
CA GLU B 92 -2.60 -47.41 5.41
C GLU B 92 -2.70 -46.93 3.97
N PHE B 93 -1.64 -46.36 3.40
CA PHE B 93 -1.67 -45.81 2.02
C PHE B 93 -2.23 -46.84 1.03
N ASP B 94 -3.01 -46.41 0.02
CA ASP B 94 -3.55 -47.30 -1.05
C ASP B 94 -3.57 -46.53 -2.38
N ILE B 95 -2.72 -46.91 -3.36
CA ILE B 95 -2.64 -46.21 -4.68
C ILE B 95 -3.91 -46.51 -5.49
N GLY B 96 -4.66 -47.56 -5.15
CA GLY B 96 -5.95 -47.85 -5.81
C GLY B 96 -6.95 -46.75 -5.55
N LYS B 97 -6.88 -46.09 -4.38
CA LYS B 97 -7.81 -45.00 -3.98
C LYS B 97 -7.31 -43.63 -4.46
N LEU B 98 -6.11 -43.55 -5.07
CA LEU B 98 -5.57 -42.28 -5.62
C LEU B 98 -6.68 -41.56 -6.41
N ARG B 99 -6.86 -40.25 -6.16
CA ARG B 99 -7.94 -39.46 -6.78
C ARG B 99 -7.47 -38.85 -8.11
N TYR B 100 -6.18 -38.48 -8.25
CA TYR B 100 -5.64 -37.82 -9.47
C TYR B 100 -4.33 -38.50 -9.92
N HIS B 101 -4.27 -39.04 -11.14
CA HIS B 101 -3.08 -39.77 -11.58
C HIS B 101 -1.92 -38.86 -12.01
N LYS B 102 -2.14 -37.54 -12.08
CA LYS B 102 -1.06 -36.56 -12.11
C LYS B 102 -1.24 -35.58 -10.97
N ILE B 103 -0.23 -35.45 -10.13
CA ILE B 103 -0.19 -34.45 -9.07
C ILE B 103 0.85 -33.43 -9.47
N VAL B 104 0.45 -32.20 -9.74
CA VAL B 104 1.38 -31.17 -10.19
C VAL B 104 1.62 -30.21 -9.05
N LEU B 105 2.88 -30.03 -8.67
CA LEU B 105 3.23 -29.00 -7.71
C LEU B 105 3.56 -27.76 -8.52
N MET B 106 2.84 -26.67 -8.25
CA MET B 106 3.05 -25.41 -8.95
C MET B 106 3.32 -24.36 -7.88
N ALA B 107 4.54 -23.87 -7.83
CA ALA B 107 4.91 -22.86 -6.87
C ALA B 107 5.69 -21.81 -7.62
N ASP B 108 5.80 -20.65 -6.99
CA ASP B 108 6.49 -19.53 -7.59
C ASP B 108 7.86 -19.95 -8.13
N ALA B 109 8.38 -19.23 -9.11
CA ALA B 109 9.77 -19.43 -9.49
C ALA B 109 10.68 -18.55 -8.68
N ASP B 110 10.49 -18.56 -7.36
CA ASP B 110 11.30 -17.78 -6.41
C ASP B 110 11.83 -18.74 -5.33
N VAL B 111 12.75 -18.25 -4.49
CA VAL B 111 13.37 -19.20 -3.57
C VAL B 111 12.33 -19.72 -2.57
N ASP B 112 11.28 -18.92 -2.27
CA ASP B 112 10.26 -19.38 -1.34
C ASP B 112 9.31 -20.41 -1.99
N GLY B 113 9.14 -20.38 -3.30
CA GLY B 113 8.47 -21.50 -3.95
C GLY B 113 9.32 -22.76 -3.95
N GLN B 114 10.64 -22.61 -4.05
CA GLN B 114 11.51 -23.75 -3.86
C GLN B 114 11.39 -24.28 -2.42
N HIS B 115 11.34 -23.40 -1.43
CA HIS B 115 11.18 -23.91 -0.07
C HIS B 115 9.86 -24.65 0.10
N ILE B 116 8.78 -24.10 -0.49
CA ILE B 116 7.40 -24.67 -0.39
C ILE B 116 7.32 -25.99 -1.15
N SER B 117 7.90 -26.09 -2.35
CA SER B 117 7.95 -27.36 -3.14
C SER B 117 8.89 -28.33 -2.44
N THR B 118 9.79 -27.88 -1.55
CA THR B 118 10.68 -28.74 -0.73
C THR B 118 9.85 -29.26 0.45
N LEU B 119 9.02 -28.41 1.09
CA LEU B 119 8.14 -28.84 2.21
C LEU B 119 7.08 -29.78 1.65
N LEU B 120 6.76 -29.68 0.35
CA LEU B 120 5.73 -30.54 -0.30
C LEU B 120 6.31 -31.93 -0.61
N LEU B 121 7.52 -32.03 -1.15
CA LEU B 121 8.17 -33.32 -1.53
C LEU B 121 8.68 -34.03 -0.27
N THR B 122 8.84 -33.34 0.86
CA THR B 122 9.18 -33.99 2.14
C THR B 122 7.93 -34.74 2.58
N LEU B 123 6.75 -34.13 2.52
CA LEU B 123 5.47 -34.74 2.91
C LEU B 123 5.16 -35.95 2.04
N LEU B 124 5.12 -35.76 0.73
CA LEU B 124 4.87 -36.89 -0.16
C LEU B 124 5.80 -38.08 0.13
N PHE B 125 7.09 -37.84 0.38
CA PHE B 125 8.08 -38.92 0.50
C PHE B 125 7.91 -39.68 1.81
N ARG B 126 7.58 -38.97 2.89
CA ARG B 126 7.42 -39.62 4.19
C ARG B 126 6.03 -40.24 4.39
N PHE B 127 4.97 -39.64 3.90
CA PHE B 127 3.64 -40.18 4.15
C PHE B 127 3.10 -41.00 2.98
N MET B 128 3.69 -40.89 1.79
CA MET B 128 3.03 -41.38 0.58
C MET B 128 4.06 -41.78 -0.48
N ARG B 129 5.15 -42.40 -0.06
CA ARG B 129 6.29 -42.68 -0.95
C ARG B 129 5.87 -43.26 -2.28
N PRO B 130 4.90 -44.20 -2.33
CA PRO B 130 4.58 -44.84 -3.62
C PRO B 130 4.18 -43.88 -4.69
N LEU B 131 3.59 -42.75 -4.34
CA LEU B 131 3.16 -41.78 -5.36
C LEU B 131 4.33 -41.21 -6.14
N ILE B 132 5.51 -41.12 -5.53
CA ILE B 132 6.69 -40.78 -6.30
C ILE B 132 7.15 -41.98 -7.10
N GLU B 133 7.18 -43.17 -6.48
CA GLU B 133 7.83 -44.32 -7.10
C GLU B 133 7.23 -44.63 -8.46
N ASN B 134 5.93 -44.37 -8.62
CA ASN B 134 5.17 -44.73 -9.84
C ASN B 134 5.11 -43.55 -10.82
N GLY B 135 5.75 -42.41 -10.54
CA GLY B 135 5.79 -41.27 -11.45
C GLY B 135 4.49 -40.49 -11.56
N HIS B 136 3.74 -40.37 -10.46
CA HIS B 136 2.55 -39.54 -10.42
C HIS B 136 2.89 -38.09 -10.13
N VAL B 137 3.94 -37.83 -9.34
CA VAL B 137 4.23 -36.48 -8.86
C VAL B 137 5.11 -35.72 -9.86
N PHE B 138 4.57 -34.63 -10.41
CA PHE B 138 5.26 -33.75 -11.32
C PHE B 138 5.47 -32.36 -10.70
N LEU B 139 6.34 -31.58 -11.33
CA LEU B 139 6.54 -30.16 -11.02
C LEU B 139 6.26 -29.32 -12.27
N ALA B 140 5.55 -28.24 -12.09
CA ALA B 140 5.18 -27.38 -13.19
C ALA B 140 6.12 -26.19 -13.17
N GLN B 141 6.68 -25.87 -14.33
CA GLN B 141 7.68 -24.80 -14.43
C GLN B 141 6.93 -23.53 -14.83
N PRO B 142 6.85 -22.52 -13.96
CA PRO B 142 6.19 -21.28 -14.32
C PRO B 142 7.05 -20.47 -15.26
N PRO B 143 6.46 -19.55 -16.01
CA PRO B 143 7.26 -18.67 -16.88
C PRO B 143 7.80 -17.48 -16.13
N LEU B 144 8.72 -16.81 -16.78
CA LEU B 144 9.40 -15.67 -16.19
C LEU B 144 9.15 -14.38 -16.96
N TYR B 145 8.87 -14.46 -18.24
CA TYR B 145 8.61 -13.26 -19.00
C TYR B 145 7.47 -13.51 -19.96
N LYS B 146 6.66 -12.47 -20.13
CA LYS B 146 5.75 -12.32 -21.24
C LYS B 146 6.38 -11.31 -22.19
N LEU B 147 6.41 -11.65 -23.48
CA LEU B 147 6.89 -10.78 -24.54
C LEU B 147 5.66 -10.32 -25.30
N LYS B 148 5.36 -9.00 -25.21
CA LYS B 148 4.13 -8.44 -25.76
C LYS B 148 4.43 -7.79 -27.10
N TRP B 149 4.59 -8.63 -28.12
CA TRP B 149 4.72 -8.11 -29.48
C TRP B 149 3.49 -7.29 -29.76
N GLN B 150 3.60 -6.34 -30.69
CA GLN B 150 2.48 -5.44 -30.94
C GLN B 150 1.42 -6.10 -31.81
N ARG B 151 1.77 -6.50 -33.03
CA ARG B 151 0.74 -6.93 -33.96
C ARG B 151 0.36 -8.39 -33.79
N SER B 152 1.22 -9.20 -33.18
CA SER B 152 1.08 -10.66 -33.11
C SER B 152 0.88 -11.12 -31.68
N ASP B 153 0.57 -12.42 -31.55
CA ASP B 153 0.47 -13.06 -30.24
C ASP B 153 1.70 -12.82 -29.36
N PRO B 154 1.52 -12.74 -28.05
CA PRO B 154 2.69 -12.71 -27.15
C PRO B 154 3.36 -14.06 -27.10
N GLU B 155 4.62 -14.05 -26.67
CA GLU B 155 5.39 -15.27 -26.43
C GLU B 155 5.69 -15.33 -24.95
N PHE B 156 5.88 -16.53 -24.42
CA PHE B 156 6.35 -16.67 -23.05
C PHE B 156 7.74 -17.28 -23.02
N ALA B 157 8.47 -16.93 -21.96
CA ALA B 157 9.89 -17.25 -21.87
C ALA B 157 10.19 -17.66 -20.45
N TYR B 158 10.97 -18.73 -20.30
CA TYR B 158 11.14 -19.40 -19.02
C TYR B 158 12.55 -19.31 -18.46
N SER B 159 13.41 -18.47 -19.04
CA SER B 159 14.79 -18.30 -18.65
C SER B 159 15.29 -17.05 -19.35
N ASP B 160 16.21 -16.32 -18.73
CA ASP B 160 16.75 -15.15 -19.44
C ASP B 160 17.40 -15.54 -20.78
N ARG B 161 17.89 -16.78 -20.91
CA ARG B 161 18.41 -17.22 -22.19
C ARG B 161 17.30 -17.22 -23.24
N GLU B 162 16.15 -17.84 -22.92
CA GLU B 162 15.03 -17.87 -23.86
C GLU B 162 14.48 -16.48 -24.15
N ARG B 163 14.45 -15.61 -23.14
CA ARG B 163 13.97 -14.25 -23.32
C ARG B 163 14.84 -13.47 -24.28
N ASP B 164 16.17 -13.58 -24.16
CA ASP B 164 17.09 -12.86 -25.06
C ASP B 164 17.11 -13.48 -26.43
N GLY B 165 16.79 -14.77 -26.53
CA GLY B 165 16.71 -15.40 -27.84
C GLY B 165 15.47 -15.02 -28.60
N LEU B 166 14.32 -14.99 -27.90
CA LEU B 166 13.04 -14.66 -28.50
C LEU B 166 12.95 -13.16 -28.86
N LEU B 167 13.44 -12.30 -27.98
CA LEU B 167 13.54 -10.87 -28.32
C LEU B 167 14.43 -10.66 -29.56
N GLU B 168 15.62 -11.28 -29.61
CA GLU B 168 16.48 -11.12 -30.78
C GLU B 168 15.80 -11.64 -32.05
N ALA B 169 15.15 -12.80 -31.95
CA ALA B 169 14.62 -13.45 -33.15
C ALA B 169 13.45 -12.68 -33.71
N GLY B 170 12.52 -12.26 -32.83
CA GLY B 170 11.40 -11.43 -33.26
C GLY B 170 11.82 -10.11 -33.86
N LEU B 171 12.69 -9.35 -33.16
CA LEU B 171 13.13 -8.08 -33.73
C LEU B 171 13.75 -8.27 -35.10
N LYS B 172 14.51 -9.37 -35.29
CA LYS B 172 15.18 -9.65 -36.56
C LYS B 172 14.19 -10.10 -37.63
N ALA B 173 13.03 -10.61 -37.22
CA ALA B 173 11.90 -10.90 -38.10
C ALA B 173 11.03 -9.69 -38.45
N GLY B 174 11.38 -8.50 -37.99
CA GLY B 174 10.62 -7.31 -38.25
C GLY B 174 9.43 -7.08 -37.34
N LYS B 175 9.32 -7.85 -36.25
CA LYS B 175 8.25 -7.64 -35.29
C LYS B 175 8.73 -6.44 -34.47
N LYS B 176 7.82 -5.82 -33.73
CA LYS B 176 8.03 -4.55 -33.07
C LYS B 176 7.54 -4.66 -31.63
N ILE B 177 8.27 -4.04 -30.70
CA ILE B 177 8.00 -4.16 -29.27
C ILE B 177 8.25 -2.82 -28.58
N ASN B 178 7.36 -2.44 -27.65
CA ASN B 178 7.58 -1.22 -26.90
C ASN B 178 8.80 -1.39 -25.98
N LYS B 179 9.61 -0.33 -25.87
CA LYS B 179 10.64 -0.33 -24.83
C LYS B 179 10.02 -0.19 -23.44
N GLU B 180 8.89 0.54 -23.29
CA GLU B 180 8.47 0.98 -21.97
C GLU B 180 7.72 -0.09 -21.17
N ASP B 181 6.70 -0.71 -21.78
CA ASP B 181 5.84 -1.68 -21.11
C ASP B 181 5.91 -3.05 -21.79
N GLY B 182 7.01 -3.33 -22.50
CA GLY B 182 6.97 -4.35 -23.55
C GLY B 182 7.25 -5.78 -23.11
N ILE B 183 7.95 -5.98 -21.99
CA ILE B 183 8.34 -7.32 -21.55
C ILE B 183 8.02 -7.36 -20.08
N GLN B 184 7.08 -8.22 -19.69
CA GLN B 184 6.59 -8.28 -18.31
C GLN B 184 7.32 -9.39 -17.60
N ARG B 185 8.10 -9.08 -16.57
CA ARG B 185 8.80 -10.09 -15.76
C ARG B 185 7.85 -10.50 -14.65
N TYR B 186 7.50 -11.75 -14.55
CA TYR B 186 6.69 -12.31 -13.48
C TYR B 186 7.58 -12.61 -12.30
N LYS B 187 7.06 -12.41 -11.10
CA LYS B 187 7.78 -12.77 -9.86
C LYS B 187 7.02 -13.80 -9.02
N GLY B 188 5.98 -14.40 -9.56
CA GLY B 188 5.19 -15.39 -8.84
C GLY B 188 3.90 -15.62 -9.56
N LEU B 189 3.19 -16.68 -9.14
CA LEU B 189 1.98 -17.06 -9.85
C LEU B 189 0.82 -16.11 -9.59
N GLY B 190 0.81 -15.44 -8.44
CA GLY B 190 -0.24 -14.48 -8.12
C GLY B 190 -0.33 -13.28 -9.05
N GLU B 191 0.68 -13.05 -9.89
CA GLU B 191 0.75 -11.91 -10.80
C GLU B 191 0.15 -12.24 -12.16
N MET B 192 -0.38 -13.45 -12.29
CA MET B 192 -0.88 -13.95 -13.56
C MET B 192 -2.40 -14.14 -13.53
N ASP B 193 -3.01 -13.74 -14.65
CA ASP B 193 -4.44 -13.88 -14.87
C ASP B 193 -4.72 -15.32 -15.26
N ALA B 194 -5.98 -15.64 -15.51
CA ALA B 194 -6.30 -17.05 -15.72
C ALA B 194 -5.82 -17.51 -17.10
N LYS B 195 -5.87 -16.62 -18.09
CA LYS B 195 -5.47 -17.02 -19.43
C LYS B 195 -3.98 -17.31 -19.50
N GLU B 196 -3.17 -16.49 -18.82
CA GLU B 196 -1.73 -16.75 -18.76
C GLU B 196 -1.46 -18.09 -18.10
N LEU B 197 -1.94 -18.29 -16.87
CA LEU B 197 -1.78 -19.57 -16.19
C LEU B 197 -2.17 -20.74 -17.08
N TRP B 198 -3.26 -20.62 -17.84
CA TRP B 198 -3.60 -21.72 -18.75
C TRP B 198 -2.54 -21.85 -19.84
N GLU B 199 -2.33 -20.78 -20.60
CA GLU B 199 -1.43 -20.87 -21.73
C GLU B 199 0.00 -21.23 -21.37
N THR B 200 0.37 -21.29 -20.09
CA THR B 200 1.76 -21.52 -19.75
C THR B 200 2.02 -22.66 -18.78
N THR B 201 1.04 -23.11 -17.99
CA THR B 201 1.30 -24.19 -17.05
C THR B 201 0.18 -25.20 -16.90
N MET B 202 -0.91 -25.07 -17.68
CA MET B 202 -2.07 -25.94 -17.48
C MET B 202 -2.58 -26.60 -18.76
N ASP B 203 -2.44 -25.92 -19.88
CA ASP B 203 -2.79 -26.54 -21.16
C ASP B 203 -1.83 -27.68 -21.46
N PRO B 204 -2.31 -28.92 -21.59
CA PRO B 204 -1.41 -30.05 -21.90
C PRO B 204 -0.50 -29.84 -23.12
N SER B 205 -0.92 -29.08 -24.11
CA SER B 205 -0.17 -28.95 -25.35
C SER B 205 0.90 -27.87 -25.32
N VAL B 206 1.10 -27.15 -24.20
CA VAL B 206 2.21 -26.20 -24.10
C VAL B 206 2.81 -26.18 -22.69
N ARG B 207 2.24 -26.99 -21.80
CA ARG B 207 2.79 -27.25 -20.47
C ARG B 207 4.27 -27.59 -20.52
N VAL B 208 4.98 -27.32 -19.44
CA VAL B 208 6.38 -27.70 -19.26
C VAL B 208 6.47 -28.36 -17.89
N LEU B 209 6.21 -29.65 -17.83
CA LEU B 209 6.30 -30.37 -16.58
C LEU B 209 7.58 -31.17 -16.45
N ARG B 210 7.86 -31.58 -15.21
CA ARG B 210 9.04 -32.37 -14.85
C ARG B 210 8.57 -33.51 -13.96
N GLN B 211 8.80 -34.76 -14.38
CA GLN B 211 8.40 -35.91 -13.57
C GLN B 211 9.41 -36.22 -12.45
N VAL B 212 8.95 -36.25 -11.21
CA VAL B 212 9.80 -36.55 -10.07
C VAL B 212 9.96 -38.06 -9.99
N THR B 213 11.20 -38.53 -9.99
CA THR B 213 11.55 -39.94 -9.91
C THR B 213 12.35 -40.21 -8.63
N LEU B 214 12.69 -41.49 -8.42
CA LEU B 214 13.34 -41.97 -7.18
C LEU B 214 14.34 -43.07 -7.57
N ASP B 215 15.62 -42.70 -7.68
CA ASP B 215 16.65 -43.68 -8.04
C ASP B 215 17.02 -44.63 -6.90
N ASP B 216 16.96 -44.17 -5.65
CA ASP B 216 17.60 -44.85 -4.53
C ASP B 216 16.93 -44.30 -3.27
N ALA B 217 16.06 -45.10 -2.67
CA ALA B 217 15.22 -44.59 -1.60
C ALA B 217 15.96 -44.50 -0.28
N ALA B 218 17.22 -44.90 -0.23
CA ALA B 218 18.02 -44.94 0.98
C ALA B 218 18.93 -43.72 1.11
N ALA B 219 19.50 -43.24 -0.01
CA ALA B 219 20.23 -41.98 0.00
C ALA B 219 19.29 -40.78 -0.03
N ALA B 220 18.08 -40.94 -0.58
CA ALA B 220 17.03 -39.96 -0.33
C ALA B 220 16.68 -39.92 1.17
N ASP B 221 16.55 -41.07 1.83
CA ASP B 221 16.24 -41.06 3.25
C ASP B 221 17.23 -40.19 4.02
N GLU B 222 18.54 -40.32 3.71
CA GLU B 222 19.54 -39.56 4.46
C GLU B 222 19.60 -38.10 3.99
N LEU B 223 19.27 -37.84 2.70
CA LEU B 223 19.22 -36.46 2.20
C LEU B 223 18.12 -35.67 2.90
N PHE B 224 16.90 -36.21 2.85
CA PHE B 224 15.78 -35.64 3.60
C PHE B 224 16.17 -35.43 5.04
N SER B 225 16.69 -36.47 5.70
CA SER B 225 17.10 -36.30 7.09
C SER B 225 18.01 -35.10 7.27
N ILE B 226 18.93 -34.88 6.33
CA ILE B 226 19.90 -33.81 6.55
C ILE B 226 19.23 -32.47 6.41
N LEU B 227 18.57 -32.25 5.27
CA LEU B 227 18.11 -30.91 4.93
C LEU B 227 16.93 -30.48 5.80
N MET B 228 15.98 -31.38 6.01
CA MET B 228 14.71 -31.07 6.66
C MET B 228 14.70 -31.26 8.17
N GLY B 229 15.61 -32.05 8.74
CA GLY B 229 15.48 -32.50 10.11
C GLY B 229 16.05 -31.52 11.10
N GLU B 230 16.13 -31.99 12.37
CA GLU B 230 16.49 -31.10 13.47
C GLU B 230 17.98 -30.98 13.71
N ASP B 231 18.82 -31.62 12.88
CA ASP B 231 20.27 -31.61 13.10
C ASP B 231 20.85 -30.41 12.36
N VAL B 232 21.06 -29.32 13.10
CA VAL B 232 21.45 -28.06 12.48
C VAL B 232 22.85 -28.18 11.91
N ASP B 233 23.80 -28.75 12.69
CA ASP B 233 25.17 -28.93 12.24
C ASP B 233 25.23 -29.67 10.91
N ALA B 234 24.45 -30.75 10.74
CA ALA B 234 24.49 -31.47 9.48
C ALA B 234 24.09 -30.56 8.33
N ARG B 235 23.04 -29.75 8.52
CA ARG B 235 22.68 -28.72 7.55
C ARG B 235 23.83 -27.75 7.26
N ARG B 236 24.31 -27.06 8.31
CA ARG B 236 25.37 -26.09 8.13
C ARG B 236 26.48 -26.69 7.30
N SER B 237 26.94 -27.88 7.69
CA SER B 237 28.02 -28.53 6.95
C SER B 237 27.59 -28.81 5.52
N PHE B 238 26.31 -29.15 5.29
CA PHE B 238 25.91 -29.52 3.95
C PHE B 238 25.92 -28.32 3.02
N ILE B 239 25.38 -27.21 3.50
CA ILE B 239 25.35 -25.97 2.74
C ILE B 239 26.76 -25.48 2.49
N THR B 240 27.61 -25.49 3.53
CA THR B 240 28.98 -25.02 3.32
C THR B 240 29.72 -25.89 2.31
N ARG B 241 29.48 -27.19 2.31
CA ARG B 241 30.13 -28.06 1.34
C ARG B 241 29.62 -27.86 -0.08
N ASN B 242 28.32 -27.53 -0.28
CA ASN B 242 27.75 -27.53 -1.63
C ASN B 242 27.39 -26.19 -2.26
N ALA B 243 27.25 -25.12 -1.47
CA ALA B 243 26.96 -23.81 -2.04
C ALA B 243 28.00 -23.40 -3.09
N LYS B 244 29.28 -23.61 -2.78
CA LYS B 244 30.39 -23.23 -3.69
C LYS B 244 30.18 -23.61 -5.15
N ASP B 245 29.56 -24.75 -5.46
CA ASP B 245 29.57 -25.26 -6.84
C ASP B 245 28.16 -25.31 -7.43
N VAL B 246 27.34 -24.29 -7.16
CA VAL B 246 25.93 -24.22 -7.62
C VAL B 246 25.87 -23.66 -9.04
N ARG B 247 26.84 -22.85 -9.42
CA ARG B 247 26.88 -22.17 -10.73
C ARG B 247 27.50 -23.09 -11.78
N PHE B 248 28.02 -24.25 -11.40
CA PHE B 248 28.78 -25.15 -12.29
C PHE B 248 28.26 -26.58 -12.26
N LEU B 249 27.02 -26.85 -11.85
CA LEU B 249 26.57 -28.24 -11.82
C LEU B 249 26.26 -28.82 -13.20
N ASP B 250 25.97 -27.98 -14.22
CA ASP B 250 25.53 -28.43 -15.56
C ASP B 250 26.47 -27.87 -16.65
N VAL B 251 27.71 -28.37 -16.69
CA VAL B 251 28.76 -27.95 -17.62
C VAL B 251 29.52 -29.17 -18.21
N ARG C 13 -14.61 18.56 33.13
CA ARG C 13 -15.54 19.58 32.56
C ARG C 13 -16.69 18.86 31.85
N ILE C 14 -17.62 18.27 32.60
CA ILE C 14 -18.74 17.48 32.00
C ILE C 14 -19.73 18.49 31.38
N GLU C 15 -20.29 18.20 30.20
CA GLU C 15 -21.18 19.14 29.44
C GLU C 15 -22.48 18.42 29.07
N PRO C 16 -23.50 18.36 29.95
CA PRO C 16 -24.78 17.72 29.61
C PRO C 16 -25.30 18.03 28.20
N VAL C 17 -25.75 17.03 27.45
CA VAL C 17 -26.26 17.16 26.06
C VAL C 17 -27.43 16.16 25.90
N ASP C 18 -28.65 16.61 25.59
CA ASP C 18 -29.85 15.79 25.51
C ASP C 18 -29.67 14.77 24.39
N ILE C 19 -30.34 13.64 24.53
CA ILE C 19 -30.11 12.56 23.59
C ILE C 19 -30.83 12.81 22.28
N GLU C 20 -31.98 13.48 22.29
CA GLU C 20 -32.70 13.71 21.03
C GLU C 20 -31.86 14.58 20.09
N GLN C 21 -31.17 15.58 20.65
CA GLN C 21 -30.38 16.49 19.82
C GLN C 21 -29.13 15.81 19.27
N GLU C 22 -28.48 15.00 20.09
CA GLU C 22 -27.31 14.27 19.63
C GLU C 22 -27.68 13.24 18.57
N MET C 23 -28.73 12.45 18.78
CA MET C 23 -29.14 11.51 17.76
C MET C 23 -29.41 12.25 16.45
N GLN C 24 -30.11 13.39 16.55
CA GLN C 24 -30.50 14.12 15.33
C GLN C 24 -29.28 14.67 14.61
N ARG C 25 -28.45 15.43 15.33
CA ARG C 25 -27.23 16.01 14.76
C ARG C 25 -26.33 14.92 14.16
N SER C 26 -26.00 13.89 14.95
CA SER C 26 -25.01 12.92 14.50
C SER C 26 -25.54 12.08 13.37
N TYR C 27 -26.84 11.77 13.36
CA TYR C 27 -27.32 10.91 12.30
C TYR C 27 -27.58 11.66 11.00
N ILE C 28 -27.99 12.93 11.08
CA ILE C 28 -28.10 13.71 9.86
C ILE C 28 -26.72 13.99 9.31
N ASP C 29 -25.75 14.30 10.17
CA ASP C 29 -24.37 14.40 9.73
C ASP C 29 -23.95 13.16 8.94
N TYR C 30 -24.13 11.95 9.51
CA TYR C 30 -23.76 10.75 8.77
C TYR C 30 -24.51 10.67 7.44
N ALA C 31 -25.81 10.96 7.45
CA ALA C 31 -26.63 10.78 6.26
C ALA C 31 -26.26 11.75 5.13
N MET C 32 -26.13 13.04 5.45
CA MET C 32 -25.69 13.97 4.41
C MET C 32 -24.29 13.56 3.89
N SER C 33 -23.37 13.15 4.76
CA SER C 33 -22.00 12.78 4.34
C SER C 33 -22.09 11.57 3.41
N VAL C 34 -22.96 10.59 3.70
CA VAL C 34 -23.10 9.44 2.82
C VAL C 34 -23.80 9.81 1.52
N ILE C 35 -24.79 10.71 1.57
CA ILE C 35 -25.64 11.09 0.40
C ILE C 35 -24.82 11.91 -0.60
N VAL C 36 -24.17 12.98 -0.18
CA VAL C 36 -23.46 13.91 -1.09
C VAL C 36 -22.01 13.51 -1.34
N GLY C 37 -21.38 12.69 -0.49
CA GLY C 37 -19.96 12.36 -0.61
C GLY C 37 -19.57 10.94 -0.24
N ARG C 38 -20.10 9.92 -0.92
CA ARG C 38 -19.70 8.52 -0.71
C ARG C 38 -20.49 7.62 -1.63
N ALA C 39 -21.80 7.61 -1.54
CA ALA C 39 -22.63 6.62 -2.23
C ALA C 39 -23.23 7.12 -3.53
N LEU C 40 -23.46 8.41 -3.69
CA LEU C 40 -24.18 8.87 -4.90
C LEU C 40 -23.26 9.55 -5.93
N PRO C 41 -23.41 9.28 -7.26
CA PRO C 41 -22.65 9.98 -8.30
C PRO C 41 -22.98 11.46 -8.41
N GLU C 42 -21.96 12.25 -8.74
CA GLU C 42 -22.18 13.62 -9.14
C GLU C 42 -22.59 13.56 -10.61
N VAL C 43 -23.48 14.49 -10.99
CA VAL C 43 -24.16 14.32 -12.27
C VAL C 43 -23.22 14.61 -13.44
N ARG C 44 -22.22 15.47 -13.22
CA ARG C 44 -21.40 15.94 -14.33
C ARG C 44 -20.39 14.89 -14.81
N ASP C 45 -19.66 14.26 -13.90
CA ASP C 45 -18.63 13.28 -14.25
C ASP C 45 -19.01 11.84 -13.96
N GLY C 46 -20.12 11.57 -13.30
CA GLY C 46 -20.54 10.17 -13.12
C GLY C 46 -19.90 9.43 -11.97
N LEU C 47 -19.11 10.15 -11.17
CA LEU C 47 -18.15 9.58 -10.25
C LEU C 47 -18.53 9.91 -8.80
N LYS C 48 -18.53 8.87 -7.93
CA LYS C 48 -18.51 9.11 -6.50
C LYS C 48 -17.11 9.57 -6.09
N PRO C 49 -16.94 10.15 -4.89
CA PRO C 49 -15.62 10.70 -4.57
C PRO C 49 -14.52 9.66 -4.69
N VAL C 50 -14.80 8.41 -4.36
CA VAL C 50 -13.69 7.47 -4.37
C VAL C 50 -13.15 7.31 -5.79
N HIS C 51 -14.03 7.25 -6.80
CA HIS C 51 -13.56 7.09 -8.17
C HIS C 51 -12.76 8.31 -8.60
N ARG C 52 -13.30 9.50 -8.36
CA ARG C 52 -12.59 10.72 -8.69
C ARG C 52 -11.19 10.74 -8.08
N ARG C 53 -11.09 10.42 -6.79
CA ARG C 53 -9.82 10.59 -6.09
C ARG C 53 -8.81 9.51 -6.46
N VAL C 54 -9.23 8.24 -6.61
CA VAL C 54 -8.33 7.20 -7.14
C VAL C 54 -7.78 7.58 -8.51
N LEU C 55 -8.67 7.95 -9.45
CA LEU C 55 -8.15 8.19 -10.80
C LEU C 55 -7.34 9.48 -10.85
N TYR C 56 -7.58 10.45 -9.93
CA TYR C 56 -6.76 11.65 -9.96
C TYR C 56 -5.39 11.32 -9.41
N ALA C 57 -5.35 10.52 -8.33
CA ALA C 57 -4.09 10.08 -7.73
C ALA C 57 -3.24 9.32 -8.75
N MET C 58 -3.87 8.45 -9.53
CA MET C 58 -3.18 7.81 -10.63
C MET C 58 -2.67 8.83 -11.65
N PHE C 59 -3.54 9.64 -12.23
CA PHE C 59 -3.12 10.67 -13.19
C PHE C 59 -1.91 11.49 -12.68
N ASP C 60 -2.04 12.05 -11.47
CA ASP C 60 -0.99 12.91 -10.91
C ASP C 60 0.30 12.17 -10.69
N SER C 61 0.21 10.84 -10.46
CA SER C 61 1.39 10.00 -10.21
C SER C 61 2.09 9.58 -11.49
N GLY C 62 1.40 9.64 -12.61
CA GLY C 62 1.96 9.22 -13.88
C GLY C 62 1.41 7.94 -14.44
N PHE C 63 0.51 7.22 -13.76
CA PHE C 63 0.15 5.86 -14.18
C PHE C 63 -0.80 5.94 -15.37
N ARG C 64 -0.38 6.66 -16.38
CA ARG C 64 -1.06 6.83 -17.65
C ARG C 64 -0.88 5.62 -18.54
N PRO C 65 -1.57 5.59 -19.69
CA PRO C 65 -1.37 4.49 -20.63
C PRO C 65 0.00 4.49 -21.30
N ASP C 66 0.62 5.66 -21.44
CA ASP C 66 1.94 5.71 -22.04
C ASP C 66 2.93 4.89 -21.20
N ARG C 67 3.10 5.28 -19.93
CA ARG C 67 3.91 4.51 -18.99
C ARG C 67 3.38 3.07 -18.83
N SER C 68 4.16 2.25 -18.15
CA SER C 68 3.77 0.88 -17.91
C SER C 68 2.94 0.80 -16.64
N HIS C 69 2.31 -0.35 -16.45
CA HIS C 69 1.45 -0.56 -15.30
C HIS C 69 2.28 -0.39 -14.03
N ALA C 70 1.67 0.16 -12.97
CA ALA C 70 2.28 0.27 -11.65
C ALA C 70 1.48 -0.50 -10.61
N LYS C 71 2.17 -1.23 -9.77
CA LYS C 71 1.52 -2.04 -8.73
C LYS C 71 0.38 -1.27 -8.08
N SER C 72 -0.75 -1.94 -7.89
CA SER C 72 -1.92 -1.28 -7.31
C SER C 72 -1.60 -0.64 -5.96
N ALA C 73 -0.81 -1.30 -5.13
CA ALA C 73 -0.56 -0.72 -3.83
C ALA C 73 -0.13 0.73 -3.94
N ARG C 74 0.46 1.12 -5.07
CA ARG C 74 1.00 2.47 -5.15
C ARG C 74 -0.12 3.47 -5.36
N SER C 75 -1.13 3.08 -6.17
CA SER C 75 -2.33 3.91 -6.37
C SER C 75 -3.20 3.93 -5.12
N VAL C 76 -3.42 2.76 -4.49
CA VAL C 76 -4.15 2.71 -3.23
C VAL C 76 -3.48 3.57 -2.16
N ALA C 77 -2.16 3.56 -2.07
CA ALA C 77 -1.56 4.37 -1.02
C ALA C 77 -1.56 5.85 -1.39
N GLU C 78 -1.19 6.20 -2.64
CA GLU C 78 -1.22 7.60 -3.05
C GLU C 78 -2.60 8.22 -2.84
N THR C 79 -3.65 7.49 -3.22
CA THR C 79 -5.03 7.92 -2.95
C THR C 79 -5.28 8.13 -1.46
N MET C 80 -5.02 7.09 -0.64
CA MET C 80 -5.27 7.21 0.80
C MET C 80 -4.48 8.31 1.51
N GLY C 81 -3.37 8.75 0.96
CA GLY C 81 -2.58 9.65 1.76
C GLY C 81 -2.73 11.08 1.34
N ASN C 82 -3.08 11.29 0.09
CA ASN C 82 -3.25 12.66 -0.37
C ASN C 82 -4.71 13.11 -0.54
N TYR C 83 -5.65 12.20 -0.78
CA TYR C 83 -7.03 12.60 -1.00
C TYR C 83 -8.08 11.90 -0.13
N HIS C 84 -7.99 10.59 0.08
CA HIS C 84 -9.14 9.80 0.52
C HIS C 84 -8.97 9.09 1.86
N PRO C 85 -9.10 9.79 3.00
CA PRO C 85 -8.73 9.19 4.28
C PRO C 85 -9.64 8.07 4.76
N HIS C 86 -9.70 6.99 4.00
CA HIS C 86 -10.38 5.78 4.44
C HIS C 86 -9.55 4.52 4.20
N GLY C 87 -10.13 3.34 4.43
CA GLY C 87 -9.33 2.16 4.55
C GLY C 87 -8.90 1.62 3.22
N ASP C 88 -7.65 1.07 3.19
CA ASP C 88 -7.06 0.54 1.96
C ASP C 88 -7.89 -0.61 1.42
N ALA C 89 -8.58 -1.35 2.29
CA ALA C 89 -9.55 -2.35 1.87
C ALA C 89 -10.46 -1.86 0.75
N SER C 90 -11.28 -0.85 1.06
CA SER C 90 -12.37 -0.50 0.15
C SER C 90 -11.85 0.27 -1.07
N ILE C 91 -10.76 1.03 -0.90
CA ILE C 91 -10.14 1.71 -2.05
C ILE C 91 -9.65 0.71 -3.08
N TYR C 92 -8.92 -0.34 -2.64
CA TYR C 92 -8.54 -1.40 -3.58
C TYR C 92 -9.80 -1.96 -4.24
N ASP C 93 -10.83 -2.26 -3.42
CA ASP C 93 -12.01 -2.92 -4.01
C ASP C 93 -12.69 -2.04 -5.06
N SER C 94 -12.66 -0.71 -4.86
CA SER C 94 -13.26 0.24 -5.81
C SER C 94 -12.49 0.30 -7.11
N LEU C 95 -11.19 0.58 -7.02
CA LEU C 95 -10.29 0.43 -8.15
C LEU C 95 -10.46 -0.87 -8.93
N VAL C 96 -10.64 -1.97 -8.22
CA VAL C 96 -10.78 -3.23 -8.94
C VAL C 96 -12.08 -3.24 -9.74
N ARG C 97 -13.21 -2.85 -9.10
CA ARG C 97 -14.48 -2.86 -9.85
C ARG C 97 -14.38 -1.97 -11.09
N MET C 98 -13.61 -0.91 -11.00
CA MET C 98 -13.41 -0.09 -12.18
C MET C 98 -12.61 -0.78 -13.27
N ALA C 99 -11.76 -1.78 -12.93
CA ALA C 99 -10.99 -2.46 -13.96
C ALA C 99 -11.71 -3.64 -14.66
N GLN C 100 -12.89 -4.03 -14.21
CA GLN C 100 -13.50 -5.27 -14.71
C GLN C 100 -14.42 -4.98 -15.89
N PRO C 101 -14.28 -5.68 -17.01
CA PRO C 101 -15.13 -5.40 -18.17
C PRO C 101 -16.53 -5.95 -18.10
N TRP C 102 -16.90 -6.62 -17.01
CA TRP C 102 -18.25 -7.11 -16.75
C TRP C 102 -18.92 -6.25 -15.70
N SER C 103 -18.20 -5.26 -15.17
CA SER C 103 -18.75 -4.31 -14.20
C SER C 103 -18.87 -2.90 -14.76
N LEU C 104 -17.87 -2.40 -15.51
CA LEU C 104 -18.01 -1.13 -16.20
C LEU C 104 -18.18 -1.35 -17.70
N ARG C 105 -19.26 -0.80 -18.28
CA ARG C 105 -19.40 -0.83 -19.74
C ARG C 105 -18.21 -0.22 -20.46
N TYR C 106 -17.45 0.67 -19.82
CA TYR C 106 -16.35 1.39 -20.46
C TYR C 106 -15.31 1.53 -19.37
N PRO C 107 -14.50 0.47 -19.14
CA PRO C 107 -13.67 0.44 -17.93
C PRO C 107 -12.65 1.55 -17.95
N LEU C 108 -12.41 2.10 -16.74
CA LEU C 108 -11.57 3.27 -16.54
C LEU C 108 -10.22 2.90 -15.95
N VAL C 109 -10.02 1.65 -15.58
CA VAL C 109 -8.74 1.14 -15.13
C VAL C 109 -8.36 -0.02 -16.02
N ASP C 110 -7.04 -0.09 -16.32
CA ASP C 110 -6.40 -1.15 -17.09
C ASP C 110 -5.65 -1.94 -16.04
N GLY C 111 -6.19 -3.09 -15.69
CA GLY C 111 -5.57 -3.96 -14.72
C GLY C 111 -4.75 -5.07 -15.37
N GLN C 112 -3.67 -5.42 -14.70
CA GLN C 112 -2.82 -6.54 -15.06
C GLN C 112 -2.86 -7.48 -13.88
N GLY C 113 -3.24 -8.72 -14.13
CA GLY C 113 -3.31 -9.72 -13.08
C GLY C 113 -4.74 -10.17 -12.85
N ASN C 114 -4.89 -11.11 -11.91
CA ASN C 114 -6.21 -11.69 -11.63
C ASN C 114 -7.04 -10.60 -10.95
N PHE C 115 -7.93 -9.96 -11.72
CA PHE C 115 -8.88 -8.96 -11.23
C PHE C 115 -10.28 -9.54 -11.06
N GLY C 116 -10.40 -10.86 -11.03
CA GLY C 116 -11.66 -11.49 -10.71
C GLY C 116 -12.32 -12.03 -11.95
N SER C 117 -13.58 -12.37 -11.77
CA SER C 117 -14.39 -12.92 -12.85
C SER C 117 -15.87 -12.64 -12.54
N PRO C 118 -16.78 -12.94 -13.47
CA PRO C 118 -18.22 -12.82 -13.15
C PRO C 118 -18.66 -13.69 -12.00
N GLY C 119 -17.88 -14.69 -11.62
CA GLY C 119 -18.36 -15.63 -10.58
C GLY C 119 -17.95 -15.21 -9.19
N ASN C 120 -18.12 -16.11 -8.21
CA ASN C 120 -17.67 -15.84 -6.82
C ASN C 120 -16.14 -15.85 -6.80
N ASP C 121 -15.54 -16.15 -7.95
CA ASP C 121 -14.07 -16.20 -8.08
C ASP C 121 -13.51 -14.85 -7.65
N PRO C 122 -12.70 -14.70 -6.57
CA PRO C 122 -12.29 -13.39 -6.08
C PRO C 122 -11.14 -12.77 -6.87
N PRO C 123 -10.83 -11.45 -6.73
CA PRO C 123 -9.67 -10.87 -7.38
C PRO C 123 -8.42 -11.18 -6.56
N ALA C 124 -7.24 -11.18 -7.18
CA ALA C 124 -5.95 -11.38 -6.49
C ALA C 124 -5.75 -10.23 -5.52
N ALA C 125 -4.69 -10.22 -4.71
CA ALA C 125 -4.44 -9.19 -3.67
C ALA C 125 -3.82 -7.95 -4.31
N MET C 126 -3.65 -6.88 -3.54
CA MET C 126 -3.12 -5.58 -4.02
C MET C 126 -1.64 -5.70 -4.43
N ARG C 127 -0.86 -6.59 -3.77
CA ARG C 127 0.61 -6.73 -4.02
C ARG C 127 0.90 -7.44 -5.36
N PHE C 128 0.00 -8.30 -5.86
CA PHE C 128 0.16 -9.03 -7.11
C PHE C 128 -0.36 -8.32 -8.33
N THR C 129 -1.20 -7.30 -8.16
CA THR C 129 -1.82 -6.69 -9.33
C THR C 129 -1.13 -5.38 -9.70
N GLU C 130 -1.20 -5.07 -10.99
CA GLU C 130 -0.70 -3.80 -11.48
C GLU C 130 -1.87 -3.09 -12.15
N ALA C 131 -1.79 -1.76 -12.27
CA ALA C 131 -2.93 -0.96 -12.72
C ALA C 131 -2.50 0.40 -13.22
N ARG C 132 -3.14 0.84 -14.32
CA ARG C 132 -3.01 2.21 -14.84
C ARG C 132 -4.30 2.69 -15.53
N LEU C 133 -4.41 4.01 -15.74
CA LEU C 133 -5.59 4.55 -16.41
C LEU C 133 -5.80 3.95 -17.81
N THR C 134 -7.05 3.89 -18.24
CA THR C 134 -7.38 3.54 -19.62
C THR C 134 -7.43 4.79 -20.44
N PRO C 135 -7.44 4.67 -21.77
CA PRO C 135 -7.52 5.87 -22.60
C PRO C 135 -8.82 6.65 -22.42
N LEU C 136 -9.94 5.98 -22.16
CA LEU C 136 -11.14 6.74 -21.80
C LEU C 136 -10.93 7.49 -20.48
N ALA C 137 -10.29 6.86 -19.49
CA ALA C 137 -10.08 7.59 -18.25
C ALA C 137 -9.25 8.83 -18.52
N MET C 138 -8.38 8.79 -19.53
CA MET C 138 -7.62 9.99 -19.86
C MET C 138 -8.55 11.05 -20.44
N GLU C 139 -9.57 10.63 -21.20
CA GLU C 139 -10.60 11.60 -21.60
C GLU C 139 -11.30 12.19 -20.38
N MET C 140 -11.50 11.40 -19.34
CA MET C 140 -12.08 11.96 -18.13
C MET C 140 -11.18 13.05 -17.57
N LEU C 141 -9.85 12.97 -17.81
CA LEU C 141 -8.92 13.94 -17.22
C LEU C 141 -8.28 14.90 -18.23
N ARG C 142 -8.80 14.96 -19.42
CA ARG C 142 -8.28 15.81 -20.50
C ARG C 142 -8.25 17.26 -20.06
N GLU C 143 -7.14 17.93 -20.11
CA GLU C 143 -6.98 19.37 -19.87
C GLU C 143 -7.39 19.80 -18.46
N ILE C 144 -7.45 18.87 -17.51
CA ILE C 144 -7.71 19.21 -16.12
C ILE C 144 -6.68 20.16 -15.53
N ASP C 145 -5.57 20.40 -16.23
CA ASP C 145 -4.50 21.30 -15.80
C ASP C 145 -4.58 22.65 -16.49
N GLU C 146 -5.71 22.94 -17.10
CA GLU C 146 -5.99 24.18 -17.80
C GLU C 146 -7.13 24.92 -17.09
N GLU C 147 -7.17 24.78 -15.76
CA GLU C 147 -8.16 25.45 -14.92
C GLU C 147 -9.56 25.29 -15.48
N THR C 148 -9.92 24.03 -15.82
CA THR C 148 -11.25 23.71 -16.36
C THR C 148 -12.24 23.22 -15.31
N VAL C 149 -11.78 22.85 -14.11
CA VAL C 149 -12.67 22.42 -13.05
C VAL C 149 -12.17 23.03 -11.74
N ASP C 150 -13.06 23.13 -10.78
CA ASP C 150 -12.68 23.73 -9.52
C ASP C 150 -11.89 22.72 -8.69
N PHE C 151 -10.78 23.20 -8.10
CA PHE C 151 -9.91 22.44 -7.21
C PHE C 151 -10.08 23.01 -5.80
N ILE C 152 -10.06 22.13 -4.80
CA ILE C 152 -10.09 22.53 -3.39
C ILE C 152 -9.02 21.80 -2.60
N PRO C 153 -8.53 22.35 -1.48
CA PRO C 153 -7.55 21.62 -0.69
C PRO C 153 -8.12 20.34 -0.13
N ASN C 154 -7.24 19.36 0.00
CA ASN C 154 -7.60 18.06 0.54
C ASN C 154 -7.82 18.17 2.05
N TYR C 155 -8.09 17.02 2.65
CA TYR C 155 -8.40 16.99 4.06
C TYR C 155 -7.37 17.69 4.96
N ASP C 156 -6.13 17.88 4.53
CA ASP C 156 -5.15 18.51 5.40
C ASP C 156 -4.38 19.67 4.75
N GLY C 157 -4.88 20.24 3.66
CA GLY C 157 -4.28 21.45 3.15
C GLY C 157 -2.93 21.28 2.52
N ARG C 158 -2.40 20.06 2.47
CA ARG C 158 -1.07 19.87 1.91
C ARG C 158 -1.09 19.85 0.39
N VAL C 159 -2.22 19.46 -0.20
CA VAL C 159 -2.34 19.48 -1.65
C VAL C 159 -3.76 19.87 -2.09
N GLN C 160 -4.01 19.87 -3.40
CA GLN C 160 -5.27 20.27 -4.00
C GLN C 160 -5.85 19.08 -4.75
N GLU C 161 -7.18 19.01 -4.91
CA GLU C 161 -7.87 17.85 -5.52
C GLU C 161 -9.01 18.30 -6.43
N PRO C 162 -9.36 17.63 -7.54
CA PRO C 162 -10.50 18.07 -8.31
C PRO C 162 -11.85 17.93 -7.61
N THR C 163 -12.77 18.90 -7.79
CA THR C 163 -14.16 18.83 -7.27
C THR C 163 -14.97 17.98 -8.24
N VAL C 164 -14.66 18.06 -9.53
CA VAL C 164 -15.32 17.29 -10.59
C VAL C 164 -14.23 17.06 -11.63
N LEU C 165 -14.39 16.11 -12.55
CA LEU C 165 -13.42 15.88 -13.65
C LEU C 165 -14.01 16.39 -14.96
N PRO C 166 -13.20 16.92 -15.92
CA PRO C 166 -13.65 17.31 -17.25
C PRO C 166 -14.63 16.34 -17.92
N SER C 167 -14.50 15.05 -17.71
CA SER C 167 -15.47 14.07 -18.16
C SER C 167 -15.96 14.27 -19.60
N ARG C 168 -15.02 14.42 -20.52
CA ARG C 168 -15.32 14.65 -21.92
C ARG C 168 -16.19 13.70 -22.71
N PHE C 169 -16.50 12.55 -22.17
CA PHE C 169 -17.65 11.77 -22.57
C PHE C 169 -18.63 11.68 -21.41
N PRO C 170 -19.85 11.28 -21.67
CA PRO C 170 -20.79 11.29 -20.55
C PRO C 170 -20.62 10.02 -19.73
N ASN C 171 -19.80 10.10 -18.67
CA ASN C 171 -19.51 8.87 -17.92
C ASN C 171 -20.76 8.34 -17.25
N LEU C 172 -21.44 9.18 -16.48
CA LEU C 172 -22.58 8.71 -15.69
C LEU C 172 -23.54 7.89 -16.50
N LEU C 173 -23.86 8.36 -17.69
CA LEU C 173 -24.78 7.57 -18.49
C LEU C 173 -24.10 6.38 -19.15
N ALA C 174 -22.80 6.48 -19.45
CA ALA C 174 -22.10 5.37 -20.11
C ALA C 174 -21.89 4.18 -19.17
N ASN C 175 -21.35 4.42 -17.98
CA ASN C 175 -20.97 3.36 -17.05
C ASN C 175 -21.98 3.13 -15.93
N GLY C 176 -23.00 3.96 -15.83
CA GLY C 176 -23.97 3.74 -14.78
C GLY C 176 -23.38 4.15 -13.44
N SER C 177 -24.17 3.88 -12.40
CA SER C 177 -23.68 3.99 -11.03
C SER C 177 -24.71 3.34 -10.14
N GLY C 178 -24.24 2.66 -9.09
CA GLY C 178 -25.18 2.04 -8.17
C GLY C 178 -24.69 2.24 -6.76
N GLY C 179 -25.52 2.77 -5.88
CA GLY C 179 -25.07 3.19 -4.57
C GLY C 179 -26.17 3.20 -3.52
N ILE C 180 -25.97 2.45 -2.44
CA ILE C 180 -26.84 2.49 -1.28
C ILE C 180 -26.36 3.65 -0.41
N ALA C 181 -27.25 4.59 -0.17
CA ALA C 181 -26.93 5.75 0.63
C ALA C 181 -27.83 5.50 1.82
N VAL C 182 -28.01 6.52 2.66
CA VAL C 182 -29.02 6.56 3.71
C VAL C 182 -30.32 7.22 3.33
N GLY C 183 -31.44 6.49 3.43
CA GLY C 183 -32.71 7.07 3.07
C GLY C 183 -33.02 7.03 1.60
N MET C 184 -32.01 6.84 0.75
CA MET C 184 -32.23 6.67 -0.66
C MET C 184 -31.11 5.78 -1.19
N ALA C 185 -31.16 5.48 -2.49
CA ALA C 185 -30.23 4.53 -3.09
C ALA C 185 -30.31 4.67 -4.59
N THR C 186 -29.23 5.10 -5.26
CA THR C 186 -29.28 5.25 -6.70
C THR C 186 -29.01 3.93 -7.40
N ASN C 187 -29.57 3.78 -8.59
CA ASN C 187 -29.20 2.63 -9.43
C ASN C 187 -29.42 2.96 -10.92
N ILE C 188 -28.49 3.72 -11.51
CA ILE C 188 -28.51 4.12 -12.91
C ILE C 188 -27.82 3.06 -13.76
N PRO C 189 -28.46 2.57 -14.82
CA PRO C 189 -27.79 1.59 -15.70
C PRO C 189 -26.82 2.26 -16.65
N PRO C 190 -25.94 1.48 -17.27
CA PRO C 190 -25.03 2.04 -18.26
C PRO C 190 -25.73 2.17 -19.60
N HIS C 191 -25.07 2.84 -20.54
CA HIS C 191 -25.57 2.89 -21.91
C HIS C 191 -24.44 2.79 -22.94
N ASN C 192 -24.85 2.51 -24.17
CA ASN C 192 -23.97 2.50 -25.32
C ASN C 192 -23.49 3.91 -25.68
N LEU C 193 -22.19 4.02 -25.99
CA LEU C 193 -21.57 5.34 -26.16
C LEU C 193 -22.06 6.04 -27.43
N ARG C 194 -22.10 5.35 -28.57
CA ARG C 194 -22.50 6.01 -29.81
C ARG C 194 -23.90 6.61 -29.68
N GLU C 195 -24.79 5.92 -28.96
CA GLU C 195 -26.12 6.44 -28.78
C GLU C 195 -26.11 7.72 -27.96
N LEU C 196 -25.42 7.69 -26.83
CA LEU C 196 -25.43 8.86 -25.96
C LEU C 196 -24.87 10.03 -26.72
N ALA C 197 -23.88 9.78 -27.60
CA ALA C 197 -23.34 10.84 -28.43
C ALA C 197 -24.39 11.44 -29.35
N ASP C 198 -25.23 10.60 -29.96
CA ASP C 198 -26.33 11.16 -30.76
C ASP C 198 -27.22 12.08 -29.91
N ALA C 199 -27.61 11.61 -28.73
CA ALA C 199 -28.45 12.45 -27.86
C ALA C 199 -27.78 13.79 -27.56
N VAL C 200 -26.48 13.77 -27.23
CA VAL C 200 -25.76 15.00 -26.88
C VAL C 200 -25.65 15.91 -28.10
N PHE C 201 -25.45 15.32 -29.28
CA PHE C 201 -25.36 16.11 -30.50
C PHE C 201 -26.67 16.84 -30.76
N TRP C 202 -27.79 16.13 -30.59
CA TRP C 202 -29.07 16.81 -30.60
C TRP C 202 -29.12 17.93 -29.56
N ALA C 203 -28.83 17.62 -28.30
CA ALA C 203 -28.98 18.65 -27.28
C ALA C 203 -28.07 19.85 -27.51
N LEU C 204 -27.00 19.68 -28.29
CA LEU C 204 -26.15 20.82 -28.59
C LEU C 204 -26.75 21.63 -29.72
N GLU C 205 -27.16 20.95 -30.78
CA GLU C 205 -27.74 21.60 -31.93
C GLU C 205 -28.99 22.40 -31.54
N ASN C 206 -29.96 21.74 -30.92
CA ASN C 206 -31.20 22.36 -30.47
C ASN C 206 -31.08 22.83 -29.02
N HIS C 207 -30.21 23.84 -28.84
CA HIS C 207 -29.87 24.26 -27.49
C HIS C 207 -31.03 24.96 -26.80
N ASP C 208 -32.10 25.26 -27.53
CA ASP C 208 -33.20 26.09 -27.06
C ASP C 208 -34.46 25.32 -26.75
N ALA C 209 -34.47 24.02 -27.02
CA ALA C 209 -35.69 23.25 -26.98
C ALA C 209 -36.21 23.15 -25.57
N ASP C 210 -37.55 23.25 -25.41
CA ASP C 210 -38.15 23.11 -24.11
C ASP C 210 -37.91 21.68 -23.61
N GLU C 211 -38.21 21.44 -22.34
CA GLU C 211 -37.86 20.16 -21.77
C GLU C 211 -38.53 18.98 -22.48
N GLU C 212 -39.75 19.13 -22.99
CA GLU C 212 -40.42 17.94 -23.51
C GLU C 212 -39.98 17.64 -24.95
N GLU C 213 -39.62 18.68 -25.72
CA GLU C 213 -39.04 18.50 -27.05
C GLU C 213 -37.74 17.71 -26.95
N THR C 214 -36.83 18.21 -26.12
CA THR C 214 -35.59 17.52 -25.76
C THR C 214 -35.82 16.09 -25.31
N LEU C 215 -36.70 15.90 -24.32
CA LEU C 215 -36.98 14.57 -23.81
C LEU C 215 -37.36 13.61 -24.92
N ALA C 216 -38.23 14.03 -25.84
CA ALA C 216 -38.65 13.06 -26.84
C ALA C 216 -37.51 12.72 -27.77
N ALA C 217 -36.69 13.73 -28.11
CA ALA C 217 -35.55 13.52 -29.01
C ALA C 217 -34.54 12.53 -28.42
N VAL C 218 -34.05 12.84 -27.20
CA VAL C 218 -33.09 11.97 -26.55
C VAL C 218 -33.68 10.57 -26.38
N MET C 219 -34.96 10.46 -26.02
CA MET C 219 -35.53 9.13 -25.81
C MET C 219 -35.53 8.32 -27.07
N GLY C 220 -35.56 8.96 -28.21
CA GLY C 220 -35.61 8.14 -29.42
C GLY C 220 -34.24 7.81 -29.93
N ARG C 221 -33.25 8.66 -29.60
CA ARG C 221 -31.83 8.46 -29.97
C ARG C 221 -31.20 7.49 -28.98
N VAL C 222 -31.63 7.48 -27.70
CA VAL C 222 -31.01 6.60 -26.71
C VAL C 222 -31.89 5.37 -26.53
N LYS C 223 -31.78 4.37 -27.43
CA LYS C 223 -32.76 3.28 -27.47
C LYS C 223 -32.82 2.49 -26.14
N GLY C 224 -31.75 2.47 -25.37
CA GLY C 224 -31.83 1.97 -24.02
C GLY C 224 -30.48 1.55 -23.45
N PRO C 225 -30.53 0.97 -22.23
CA PRO C 225 -29.32 0.50 -21.57
C PRO C 225 -28.54 -0.50 -22.40
N ASP C 226 -27.22 -0.51 -22.18
CA ASP C 226 -26.26 -1.35 -22.91
C ASP C 226 -25.35 -1.96 -21.86
N PHE C 227 -25.74 -3.07 -21.29
CA PHE C 227 -24.96 -3.65 -20.20
C PHE C 227 -23.64 -4.29 -20.68
N PRO C 228 -22.56 -4.21 -19.88
CA PRO C 228 -21.32 -4.89 -20.28
C PRO C 228 -21.50 -6.37 -20.50
N THR C 229 -22.52 -6.97 -19.88
CA THR C 229 -22.79 -8.39 -19.88
C THR C 229 -23.67 -8.82 -21.04
N ALA C 230 -23.99 -7.90 -21.96
CA ALA C 230 -24.85 -8.15 -23.13
C ALA C 230 -26.20 -8.66 -22.62
N GLY C 231 -26.77 -9.69 -23.21
CA GLY C 231 -28.03 -10.17 -22.73
C GLY C 231 -29.12 -9.39 -23.43
N LEU C 232 -30.31 -9.43 -22.85
CA LEU C 232 -31.52 -9.01 -23.55
C LEU C 232 -32.36 -8.13 -22.66
N ILE C 233 -32.97 -7.11 -23.29
CA ILE C 233 -34.04 -6.32 -22.68
C ILE C 233 -35.36 -6.66 -23.35
N VAL C 234 -36.38 -6.96 -22.55
CA VAL C 234 -37.68 -7.36 -23.10
C VAL C 234 -38.73 -6.29 -22.79
N GLY C 235 -39.30 -5.73 -23.86
CA GLY C 235 -40.25 -4.66 -23.73
C GLY C 235 -39.70 -3.29 -23.34
N SER C 236 -40.52 -2.27 -23.55
CA SER C 236 -40.11 -0.88 -23.48
C SER C 236 -40.75 -0.09 -22.36
N GLN C 237 -41.77 -0.61 -21.67
CA GLN C 237 -42.42 0.21 -20.66
C GLN C 237 -41.41 0.68 -19.61
N GLY C 238 -40.77 -0.27 -18.90
CA GLY C 238 -39.79 0.10 -17.87
C GLY C 238 -38.78 1.16 -18.30
N THR C 239 -38.19 1.00 -19.50
CA THR C 239 -37.21 1.97 -20.00
C THR C 239 -37.80 3.36 -20.13
N ALA C 240 -38.98 3.46 -20.78
CA ALA C 240 -39.68 4.74 -20.91
C ALA C 240 -40.00 5.33 -19.54
N ASP C 241 -40.56 4.51 -18.65
CA ASP C 241 -40.87 4.99 -17.30
C ASP C 241 -39.63 5.58 -16.64
N ALA C 242 -38.48 4.95 -16.88
CA ALA C 242 -37.22 5.40 -16.28
C ALA C 242 -36.80 6.77 -16.80
N TYR C 243 -36.81 6.95 -18.12
CA TYR C 243 -36.31 8.23 -18.65
C TYR C 243 -37.32 9.37 -18.44
N LYS C 244 -38.64 9.09 -18.40
CA LYS C 244 -39.63 10.15 -18.22
C LYS C 244 -39.66 10.62 -16.79
N THR C 245 -39.65 9.67 -15.85
CA THR C 245 -39.87 9.94 -14.45
C THR C 245 -38.62 9.77 -13.60
N GLY C 246 -37.53 9.23 -14.17
CA GLY C 246 -36.38 8.83 -13.40
C GLY C 246 -36.54 7.55 -12.61
N ARG C 247 -37.64 6.82 -12.76
CA ARG C 247 -37.82 5.52 -12.10
C ARG C 247 -38.57 4.60 -13.06
N GLY C 248 -38.06 3.41 -13.22
CA GLY C 248 -38.61 2.49 -14.19
C GLY C 248 -38.32 1.10 -13.69
N SER C 249 -38.57 0.07 -14.49
CA SER C 249 -38.18 -1.28 -14.10
C SER C 249 -38.03 -2.13 -15.34
N ILE C 250 -36.79 -2.50 -15.65
CA ILE C 250 -36.38 -2.93 -16.99
C ILE C 250 -36.13 -4.43 -16.97
N ARG C 251 -36.97 -5.19 -17.67
CA ARG C 251 -36.87 -6.65 -17.66
C ARG C 251 -35.65 -6.98 -18.48
N MET C 252 -34.73 -7.78 -17.96
CA MET C 252 -33.55 -8.27 -18.65
C MET C 252 -33.62 -9.77 -18.72
N ARG C 253 -33.09 -10.32 -19.80
CA ARG C 253 -32.86 -11.76 -19.80
C ARG C 253 -31.51 -12.13 -20.37
N GLY C 254 -31.04 -13.33 -19.99
CA GLY C 254 -29.89 -13.93 -20.61
C GLY C 254 -30.26 -14.60 -21.92
N VAL C 255 -29.24 -15.20 -22.56
CA VAL C 255 -29.38 -15.83 -23.87
C VAL C 255 -29.25 -17.33 -23.67
N VAL C 256 -30.21 -18.07 -24.25
CA VAL C 256 -30.19 -19.52 -24.32
C VAL C 256 -30.31 -19.94 -25.79
N GLU C 257 -29.48 -20.89 -26.20
CA GLU C 257 -29.60 -21.58 -27.47
C GLU C 257 -30.00 -23.02 -27.18
N VAL C 258 -30.66 -23.68 -28.14
CA VAL C 258 -31.08 -25.06 -27.99
C VAL C 258 -30.17 -25.94 -28.83
N GLU C 259 -29.71 -27.06 -28.25
CA GLU C 259 -28.85 -28.03 -28.92
C GLU C 259 -29.54 -29.40 -28.94
N GLU C 260 -29.30 -30.17 -30.00
CA GLU C 260 -29.86 -31.50 -30.14
C GLU C 260 -28.71 -32.50 -30.09
N ASP C 261 -28.71 -33.37 -29.07
CA ASP C 261 -27.64 -34.34 -28.86
C ASP C 261 -27.55 -35.32 -30.03
N SER C 262 -26.39 -35.97 -30.16
CA SER C 262 -26.22 -36.97 -31.20
C SER C 262 -27.36 -37.99 -31.17
N ARG C 263 -27.93 -38.24 -29.98
CA ARG C 263 -28.95 -39.27 -29.79
C ARG C 263 -30.32 -38.70 -29.43
N GLY C 264 -30.81 -37.75 -30.22
CA GLY C 264 -32.17 -37.24 -30.05
C GLY C 264 -32.40 -36.36 -28.84
N ARG C 265 -31.63 -36.50 -27.76
CA ARG C 265 -31.81 -35.63 -26.60
C ARG C 265 -31.65 -34.18 -27.01
N THR C 266 -32.24 -33.29 -26.24
CA THR C 266 -32.04 -31.86 -26.42
C THR C 266 -31.49 -31.26 -25.12
N SER C 267 -30.84 -30.10 -25.26
CA SER C 267 -30.23 -29.36 -24.17
C SER C 267 -30.45 -27.86 -24.37
N LEU C 268 -30.28 -27.12 -23.29
CA LEU C 268 -30.34 -25.66 -23.26
C LEU C 268 -28.99 -25.09 -22.82
N VAL C 269 -28.41 -24.20 -23.62
CA VAL C 269 -27.09 -23.62 -23.34
C VAL C 269 -27.27 -22.14 -23.05
N ILE C 270 -26.88 -21.72 -21.85
CA ILE C 270 -26.90 -20.31 -21.46
C ILE C 270 -25.53 -19.70 -21.70
N THR C 271 -25.50 -18.63 -22.49
CA THR C 271 -24.25 -17.99 -22.87
C THR C 271 -24.13 -16.56 -22.34
N GLU C 272 -25.24 -15.86 -22.10
CA GLU C 272 -25.27 -14.49 -21.55
C GLU C 272 -26.22 -14.56 -20.35
N LEU C 273 -26.12 -13.63 -19.41
CA LEU C 273 -26.98 -13.60 -18.20
C LEU C 273 -27.29 -12.14 -17.91
N PRO C 274 -28.38 -11.78 -17.19
CA PRO C 274 -28.60 -10.37 -16.84
C PRO C 274 -27.47 -9.70 -16.06
N TYR C 275 -27.52 -8.37 -15.94
CA TYR C 275 -26.45 -7.55 -15.31
C TYR C 275 -26.37 -7.80 -13.82
N GLN C 276 -25.16 -7.88 -13.25
CA GLN C 276 -24.90 -8.13 -11.83
C GLN C 276 -25.57 -9.42 -11.32
N VAL C 277 -25.76 -10.42 -12.19
CA VAL C 277 -26.12 -11.77 -11.80
C VAL C 277 -24.83 -12.59 -11.68
N ASN C 278 -24.47 -12.94 -10.43
CA ASN C 278 -23.29 -13.79 -10.15
C ASN C 278 -23.49 -15.15 -10.78
N HIS C 279 -22.52 -15.58 -11.62
CA HIS C 279 -22.67 -16.85 -12.31
C HIS C 279 -22.74 -18.02 -11.32
N ASP C 280 -21.84 -18.06 -10.33
CA ASP C 280 -21.87 -19.18 -9.39
C ASP C 280 -23.22 -19.27 -8.66
N ASN C 281 -23.73 -18.14 -8.17
CA ASN C 281 -24.98 -18.18 -7.39
C ASN C 281 -26.17 -18.65 -8.23
N PHE C 282 -26.12 -18.41 -9.55
CA PHE C 282 -27.17 -18.84 -10.47
C PHE C 282 -27.14 -20.36 -10.70
N ILE C 283 -25.95 -20.93 -10.89
CA ILE C 283 -25.81 -22.39 -11.12
C ILE C 283 -26.21 -23.05 -9.82
N THR C 284 -25.81 -22.50 -8.67
CA THR C 284 -26.24 -23.02 -7.38
C THR C 284 -27.76 -22.96 -7.21
N SER C 285 -28.40 -21.88 -7.66
CA SER C 285 -29.85 -21.79 -7.49
C SER C 285 -30.66 -22.69 -8.43
N ILE C 286 -30.12 -23.13 -9.56
CA ILE C 286 -30.83 -24.17 -10.28
C ILE C 286 -30.69 -25.51 -9.56
N ALA C 287 -29.45 -25.85 -9.15
CA ALA C 287 -29.23 -27.16 -8.53
C ALA C 287 -30.03 -27.32 -7.24
N GLU C 288 -30.31 -26.21 -6.53
CA GLU C 288 -31.05 -26.29 -5.27
C GLU C 288 -32.56 -26.19 -5.47
N GLN C 289 -33.04 -26.32 -6.70
CA GLN C 289 -34.46 -26.47 -6.99
C GLN C 289 -34.75 -27.71 -7.81
N VAL C 290 -33.74 -28.38 -8.34
CA VAL C 290 -33.99 -29.78 -8.70
C VAL C 290 -33.82 -30.67 -7.45
N ARG C 291 -32.87 -30.31 -6.56
CA ARG C 291 -32.70 -31.00 -5.28
C ARG C 291 -33.95 -30.83 -4.40
N ASP C 292 -34.54 -29.63 -4.41
CA ASP C 292 -35.85 -29.44 -3.78
C ASP C 292 -37.01 -29.61 -4.78
N GLY C 293 -36.79 -30.33 -5.89
CA GLY C 293 -37.80 -30.86 -6.79
C GLY C 293 -39.02 -30.04 -7.17
N LYS C 294 -38.84 -28.74 -7.40
CA LYS C 294 -39.91 -27.85 -7.82
C LYS C 294 -39.70 -27.28 -9.23
N LEU C 295 -38.55 -27.58 -9.83
CA LEU C 295 -38.19 -27.11 -11.17
C LEU C 295 -37.91 -28.35 -12.03
N ALA C 296 -38.95 -29.11 -12.34
CA ALA C 296 -38.68 -30.34 -13.06
C ALA C 296 -38.49 -30.04 -14.54
N GLY C 297 -38.33 -31.09 -15.33
CA GLY C 297 -37.90 -30.96 -16.70
C GLY C 297 -36.41 -30.95 -16.87
N ILE C 298 -35.65 -30.80 -15.75
CA ILE C 298 -34.19 -30.87 -15.76
C ILE C 298 -33.77 -32.27 -15.32
N SER C 299 -32.64 -32.74 -15.85
CA SER C 299 -32.08 -34.02 -15.44
C SER C 299 -30.63 -33.92 -14.94
N ASN C 300 -29.82 -33.00 -15.47
CA ASN C 300 -28.52 -32.67 -14.88
C ASN C 300 -28.13 -31.25 -15.28
N ILE C 301 -27.05 -30.77 -14.66
CA ILE C 301 -26.61 -29.39 -14.78
C ILE C 301 -25.09 -29.31 -14.84
N GLU C 302 -24.52 -29.11 -16.02
CA GLU C 302 -23.07 -29.18 -16.17
C GLU C 302 -22.53 -27.84 -16.65
N ASP C 303 -21.53 -27.32 -15.92
CA ASP C 303 -20.96 -25.98 -16.13
C ASP C 303 -19.70 -26.11 -16.96
N GLN C 304 -19.87 -25.97 -18.27
CA GLN C 304 -18.80 -26.09 -19.26
C GLN C 304 -18.12 -24.75 -19.53
N SER C 305 -18.31 -23.76 -18.67
CA SER C 305 -17.68 -22.46 -18.88
C SER C 305 -16.18 -22.58 -18.62
N SER C 306 -15.41 -22.14 -19.60
CA SER C 306 -13.97 -22.01 -19.50
C SER C 306 -13.59 -20.63 -20.04
N ASP C 307 -12.39 -20.17 -19.68
CA ASP C 307 -11.96 -18.85 -20.11
C ASP C 307 -11.83 -18.72 -21.63
N ARG C 308 -11.87 -19.83 -22.38
CA ARG C 308 -11.69 -19.82 -23.86
C ARG C 308 -13.02 -19.73 -24.60
N VAL C 309 -14.16 -20.20 -24.05
CA VAL C 309 -15.46 -20.06 -24.69
C VAL C 309 -16.38 -19.06 -23.97
N GLY C 310 -16.03 -18.65 -22.76
CA GLY C 310 -16.86 -17.73 -22.03
C GLY C 310 -17.88 -18.52 -21.25
N LEU C 311 -18.97 -17.86 -20.87
CA LEU C 311 -20.02 -18.57 -20.14
C LEU C 311 -20.62 -19.64 -21.03
N ARG C 312 -20.88 -20.78 -20.42
CA ARG C 312 -21.50 -21.88 -21.16
C ARG C 312 -22.13 -22.87 -20.19
N ILE C 313 -23.35 -22.59 -19.72
CA ILE C 313 -24.07 -23.50 -18.83
C ILE C 313 -24.97 -24.39 -19.65
N VAL C 314 -24.85 -25.69 -19.46
CA VAL C 314 -25.57 -26.68 -20.24
C VAL C 314 -26.57 -27.32 -19.31
N ILE C 315 -27.85 -27.29 -19.71
CA ILE C 315 -28.93 -27.91 -18.97
C ILE C 315 -29.56 -28.95 -19.88
N GLU C 316 -29.40 -30.22 -19.54
CA GLU C 316 -29.98 -31.34 -20.26
C GLU C 316 -31.33 -31.67 -19.64
N ILE C 317 -32.32 -31.94 -20.49
CA ILE C 317 -33.70 -32.08 -20.04
C ILE C 317 -34.24 -33.45 -20.45
N LYS C 318 -35.32 -33.83 -19.79
CA LYS C 318 -35.93 -35.12 -20.04
C LYS C 318 -36.52 -35.19 -21.45
N ARG C 319 -36.61 -36.41 -21.98
CA ARG C 319 -37.21 -36.61 -23.29
C ARG C 319 -38.71 -36.39 -23.25
N ASP C 320 -39.32 -36.59 -22.09
CA ASP C 320 -40.72 -36.19 -21.85
C ASP C 320 -40.80 -34.75 -21.32
N ALA C 321 -40.15 -33.83 -22.03
CA ALA C 321 -40.09 -32.43 -21.61
C ALA C 321 -39.91 -31.57 -22.83
N VAL C 322 -40.47 -30.35 -22.76
CA VAL C 322 -40.49 -29.43 -23.89
C VAL C 322 -39.50 -28.31 -23.61
N ALA C 323 -38.68 -27.98 -24.61
CA ALA C 323 -37.63 -26.98 -24.40
C ALA C 323 -38.20 -25.67 -23.86
N LYS C 324 -39.19 -25.11 -24.57
CA LYS C 324 -39.65 -23.74 -24.30
C LYS C 324 -40.38 -23.63 -22.96
N VAL C 325 -40.94 -24.73 -22.45
CA VAL C 325 -41.61 -24.66 -21.16
C VAL C 325 -40.59 -24.60 -20.04
N VAL C 326 -39.58 -25.47 -20.09
CA VAL C 326 -38.53 -25.41 -19.08
C VAL C 326 -37.86 -24.04 -19.12
N ILE C 327 -37.67 -23.49 -20.34
CA ILE C 327 -37.08 -22.16 -20.47
C ILE C 327 -37.94 -21.13 -19.73
N ASN C 328 -39.25 -21.16 -19.94
CA ASN C 328 -40.09 -20.16 -19.28
C ASN C 328 -40.08 -20.35 -17.77
N ASN C 329 -39.94 -21.59 -17.31
CA ASN C 329 -39.86 -21.82 -15.87
C ASN C 329 -38.54 -21.30 -15.31
N LEU C 330 -37.45 -21.44 -16.07
CA LEU C 330 -36.19 -20.85 -15.65
C LEU C 330 -36.33 -19.34 -15.54
N TYR C 331 -36.96 -18.71 -16.55
CA TYR C 331 -37.25 -17.28 -16.49
C TYR C 331 -37.98 -16.91 -15.19
N LYS C 332 -38.99 -17.71 -14.81
CA LYS C 332 -39.82 -17.31 -13.69
C LYS C 332 -39.15 -17.57 -12.33
N HIS C 333 -38.45 -18.71 -12.16
CA HIS C 333 -37.98 -19.12 -10.83
C HIS C 333 -36.50 -18.85 -10.55
N THR C 334 -35.69 -18.60 -11.58
CA THR C 334 -34.32 -18.14 -11.43
C THR C 334 -34.17 -16.70 -11.89
N GLN C 335 -32.93 -16.26 -12.02
CA GLN C 335 -32.60 -14.94 -12.55
C GLN C 335 -32.20 -15.00 -14.01
N LEU C 336 -32.48 -16.10 -14.71
CA LEU C 336 -32.29 -16.03 -16.16
C LEU C 336 -33.05 -14.87 -16.71
N GLN C 337 -34.06 -14.43 -15.95
CA GLN C 337 -34.84 -13.21 -16.18
C GLN C 337 -34.91 -12.45 -14.87
N THR C 338 -34.35 -11.23 -14.86
CA THR C 338 -34.54 -10.38 -13.70
C THR C 338 -34.63 -8.90 -14.10
N SER C 339 -35.26 -8.14 -13.21
CA SER C 339 -35.57 -6.74 -13.45
C SER C 339 -34.47 -5.85 -12.86
N PHE C 340 -33.86 -5.04 -13.72
CA PHE C 340 -33.04 -3.92 -13.26
C PHE C 340 -33.97 -2.81 -12.78
N GLY C 341 -33.98 -2.59 -11.47
CA GLY C 341 -34.85 -1.57 -10.93
C GLY C 341 -34.20 -0.20 -11.05
N ALA C 342 -34.53 0.49 -12.12
CA ALA C 342 -33.96 1.82 -12.32
C ALA C 342 -34.49 2.79 -11.28
N ASN C 343 -33.59 3.61 -10.74
CA ASN C 343 -33.92 4.77 -9.89
C ASN C 343 -32.78 5.75 -10.12
N MET C 344 -33.06 6.92 -10.69
CA MET C 344 -32.00 7.66 -11.39
C MET C 344 -31.50 8.85 -10.57
N LEU C 345 -30.94 8.54 -9.42
CA LEU C 345 -30.56 9.54 -8.45
C LEU C 345 -29.14 10.02 -8.67
N ALA C 346 -28.90 11.31 -8.42
CA ALA C 346 -27.58 11.88 -8.72
C ALA C 346 -27.44 13.24 -8.07
N ILE C 347 -26.21 13.70 -7.90
CA ILE C 347 -25.96 14.93 -7.17
C ILE C 347 -25.80 16.07 -8.15
N VAL C 348 -26.62 17.10 -7.98
CA VAL C 348 -26.64 18.31 -8.78
C VAL C 348 -26.46 19.46 -7.81
N ASP C 349 -25.44 20.26 -7.99
CA ASP C 349 -25.26 21.40 -7.13
C ASP C 349 -25.35 21.00 -5.66
N GLY C 350 -24.72 19.84 -5.34
CA GLY C 350 -24.58 19.33 -3.99
C GLY C 350 -25.84 18.80 -3.33
N VAL C 351 -26.92 18.66 -4.08
CA VAL C 351 -28.16 18.16 -3.52
C VAL C 351 -28.54 16.91 -4.31
N PRO C 352 -29.18 15.92 -3.68
CA PRO C 352 -29.65 14.77 -4.45
C PRO C 352 -30.86 15.15 -5.26
N ARG C 353 -31.01 14.50 -6.42
CA ARG C 353 -32.11 14.72 -7.34
C ARG C 353 -32.38 13.47 -8.18
N THR C 354 -33.66 13.09 -8.28
CA THR C 354 -34.07 12.11 -9.27
C THR C 354 -34.25 12.83 -10.60
N LEU C 355 -33.56 12.35 -11.64
CA LEU C 355 -33.44 13.09 -12.89
C LEU C 355 -34.02 12.28 -14.04
N ARG C 356 -34.60 13.00 -15.01
CA ARG C 356 -35.11 12.48 -16.27
C ARG C 356 -33.97 12.47 -17.26
N LEU C 357 -34.15 11.75 -18.36
CA LEU C 357 -33.04 11.60 -19.31
C LEU C 357 -32.62 12.94 -19.91
N ASP C 358 -33.58 13.82 -20.22
CA ASP C 358 -33.18 15.08 -20.81
C ASP C 358 -32.36 15.88 -19.82
N GLN C 359 -32.55 15.65 -18.52
CA GLN C 359 -31.82 16.41 -17.53
C GLN C 359 -30.42 15.91 -17.39
N LEU C 360 -30.24 14.61 -17.51
CA LEU C 360 -28.93 13.99 -17.49
C LEU C 360 -28.13 14.37 -18.72
N ILE C 361 -28.81 14.72 -19.82
CA ILE C 361 -28.10 15.17 -21.02
C ILE C 361 -27.80 16.65 -20.96
N ARG C 362 -28.80 17.48 -20.65
CA ARG C 362 -28.56 18.90 -20.57
C ARG C 362 -27.53 19.23 -19.50
N TYR C 363 -27.53 18.50 -18.37
CA TYR C 363 -26.66 18.93 -17.27
C TYR C 363 -25.23 18.56 -17.60
N TYR C 364 -25.06 17.42 -18.26
CA TYR C 364 -23.73 17.06 -18.75
C TYR C 364 -23.25 18.03 -19.83
N VAL C 365 -24.09 18.35 -20.82
CA VAL C 365 -23.66 19.32 -21.83
C VAL C 365 -23.33 20.67 -21.20
N ASP C 366 -24.12 21.09 -20.21
CA ASP C 366 -23.85 22.37 -19.57
C ASP C 366 -22.47 22.34 -18.93
N HIS C 367 -22.11 21.18 -18.34
CA HIS C 367 -20.76 20.96 -17.81
C HIS C 367 -19.69 21.04 -18.88
N GLN C 368 -19.91 20.38 -20.01
CA GLN C 368 -18.94 20.46 -21.11
C GLN C 368 -18.71 21.89 -21.56
N LEU C 369 -19.78 22.70 -21.60
CA LEU C 369 -19.59 24.06 -22.05
C LEU C 369 -18.89 24.89 -20.98
N ASP C 370 -19.21 24.67 -19.71
CA ASP C 370 -18.39 25.27 -18.66
C ASP C 370 -16.93 24.93 -18.89
N VAL C 371 -16.67 23.68 -19.27
CA VAL C 371 -15.29 23.21 -19.39
C VAL C 371 -14.60 23.90 -20.55
N ILE C 372 -15.22 23.93 -21.72
CA ILE C 372 -14.59 24.56 -22.88
C ILE C 372 -14.42 26.06 -22.68
N VAL C 373 -15.38 26.71 -22.01
CA VAL C 373 -15.24 28.15 -21.77
C VAL C 373 -14.09 28.40 -20.80
N ARG C 374 -13.98 27.60 -19.75
CA ARG C 374 -12.85 27.77 -18.83
C ARG C 374 -11.53 27.47 -19.52
N ARG C 375 -11.50 26.42 -20.35
CA ARG C 375 -10.29 26.06 -21.05
C ARG C 375 -9.84 27.17 -21.99
N THR C 376 -10.80 27.78 -22.72
CA THR C 376 -10.49 28.83 -23.70
C THR C 376 -10.01 30.12 -23.03
N THR C 377 -10.65 30.51 -21.93
CA THR C 377 -10.11 31.57 -21.08
C THR C 377 -8.68 31.32 -20.62
N TYR C 378 -8.38 30.10 -20.12
CA TYR C 378 -7.03 29.81 -19.62
C TYR C 378 -6.03 30.01 -20.74
N ARG C 379 -6.24 29.34 -21.86
CA ARG C 379 -5.36 29.48 -23.02
C ARG C 379 -5.23 30.94 -23.43
N LEU C 380 -6.31 31.73 -23.33
CA LEU C 380 -6.22 33.13 -23.73
C LEU C 380 -5.35 33.93 -22.77
N ARG C 381 -5.45 33.64 -21.46
CA ARG C 381 -4.60 34.33 -20.49
C ARG C 381 -3.13 34.01 -20.70
N LYS C 382 -2.83 32.73 -20.91
CA LYS C 382 -1.45 32.29 -21.08
C LYS C 382 -0.90 32.78 -22.42
N ALA C 383 -1.76 32.88 -23.44
CA ALA C 383 -1.32 33.40 -24.73
C ALA C 383 -1.02 34.89 -24.67
N ASN C 384 -1.89 35.69 -24.03
CA ASN C 384 -1.57 37.09 -23.84
C ASN C 384 -0.22 37.23 -23.14
N GLU C 385 0.02 36.42 -22.11
CA GLU C 385 1.31 36.47 -21.45
C GLU C 385 2.45 36.25 -22.45
N ARG C 386 2.30 35.25 -23.31
CA ARG C 386 3.40 34.93 -24.20
C ARG C 386 3.60 36.02 -25.27
N ALA C 387 2.53 36.66 -25.71
CA ALA C 387 2.74 37.72 -26.69
C ALA C 387 3.32 38.97 -26.04
N HIS C 388 2.97 39.25 -24.78
CA HIS C 388 3.60 40.36 -24.06
C HIS C 388 5.10 40.14 -23.89
N ILE C 389 5.56 38.89 -23.93
CA ILE C 389 7.01 38.67 -23.87
C ILE C 389 7.66 38.74 -25.25
N LEU C 390 7.09 38.09 -26.26
CA LEU C 390 7.67 38.19 -27.60
C LEU C 390 7.61 39.62 -28.17
N ARG C 391 6.70 40.49 -27.69
CA ARG C 391 6.66 41.87 -28.16
C ARG C 391 7.79 42.70 -27.57
N GLY C 392 8.09 42.49 -26.29
CA GLY C 392 9.32 43.01 -25.71
C GLY C 392 10.58 42.39 -26.28
N LEU C 393 10.47 41.24 -26.95
CA LEU C 393 11.63 40.66 -27.61
C LEU C 393 11.84 41.20 -29.02
N VAL C 394 10.76 41.44 -29.78
CA VAL C 394 10.94 42.10 -31.08
C VAL C 394 11.36 43.56 -30.87
N LYS C 395 10.87 44.23 -29.80
CA LYS C 395 11.31 45.60 -29.49
C LYS C 395 12.80 45.67 -29.19
N ALA C 396 13.43 44.55 -28.84
CA ALA C 396 14.86 44.49 -28.56
C ALA C 396 15.67 43.92 -29.72
N LEU C 397 15.07 43.08 -30.56
CA LEU C 397 15.70 42.74 -31.84
C LEU C 397 15.91 44.01 -32.67
N ASP C 398 14.83 44.77 -32.91
CA ASP C 398 14.94 46.01 -33.66
C ASP C 398 16.04 46.92 -33.08
N ALA C 399 16.10 47.03 -31.75
CA ALA C 399 17.06 47.88 -31.06
C ALA C 399 18.18 47.07 -30.42
N LEU C 400 18.72 46.07 -31.14
CA LEU C 400 19.54 45.03 -30.52
C LEU C 400 20.90 45.54 -30.05
N ASP C 401 21.56 46.35 -30.88
CA ASP C 401 22.93 46.80 -30.61
C ASP C 401 22.97 47.71 -29.37
N GLU C 402 22.00 48.64 -29.27
CA GLU C 402 21.88 49.50 -28.09
C GLU C 402 21.67 48.67 -26.81
N VAL C 403 20.85 47.63 -26.88
CA VAL C 403 20.62 46.72 -25.76
C VAL C 403 21.95 46.11 -25.35
N ILE C 404 22.52 45.26 -26.23
CA ILE C 404 23.76 44.55 -25.89
C ILE C 404 24.80 45.51 -25.32
N ALA C 405 24.94 46.69 -25.93
CA ALA C 405 25.79 47.73 -25.37
C ALA C 405 25.43 48.00 -23.91
N LEU C 406 24.15 48.33 -23.65
CA LEU C 406 23.76 48.69 -22.30
C LEU C 406 24.13 47.60 -21.32
N ILE C 407 24.02 46.34 -21.73
CA ILE C 407 24.22 45.29 -20.76
C ILE C 407 25.71 45.05 -20.51
N ARG C 408 26.54 45.12 -21.54
CA ARG C 408 28.01 44.91 -21.39
C ARG C 408 28.59 46.11 -20.63
N ALA C 409 27.81 47.17 -20.34
CA ALA C 409 28.26 48.35 -19.62
C ALA C 409 27.35 48.69 -18.44
N SER C 410 26.82 47.65 -17.76
CA SER C 410 26.01 47.80 -16.56
C SER C 410 26.63 47.00 -15.43
N GLU C 411 26.80 47.63 -14.26
CA GLU C 411 27.56 46.99 -13.18
C GLU C 411 26.92 45.68 -12.75
N THR C 412 25.63 45.71 -12.45
CA THR C 412 24.92 44.56 -11.91
C THR C 412 23.94 44.02 -12.95
N VAL C 413 23.11 43.06 -12.53
CA VAL C 413 22.00 42.64 -13.39
C VAL C 413 20.80 43.58 -13.19
N ASP C 414 20.69 44.19 -12.01
CA ASP C 414 19.60 45.10 -11.70
C ASP C 414 19.75 46.45 -12.42
N ILE C 415 20.99 46.93 -12.56
CA ILE C 415 21.24 48.18 -13.29
C ILE C 415 20.90 48.01 -14.77
N ALA C 416 21.23 46.84 -15.34
CA ALA C 416 20.87 46.57 -16.72
C ALA C 416 19.37 46.43 -16.88
N ARG C 417 18.70 45.88 -15.86
CA ARG C 417 17.25 45.79 -15.92
C ARG C 417 16.60 47.18 -15.95
N ALA C 418 16.95 48.02 -14.97
CA ALA C 418 16.39 49.37 -14.94
C ALA C 418 16.70 50.11 -16.23
N GLY C 419 17.90 49.90 -16.77
CA GLY C 419 18.27 50.55 -18.02
C GLY C 419 17.49 50.08 -19.21
N LEU C 420 17.09 48.81 -19.23
CA LEU C 420 16.30 48.32 -20.36
C LEU C 420 14.84 48.76 -20.27
N ILE C 421 14.33 48.95 -19.05
CA ILE C 421 13.00 49.56 -18.93
C ILE C 421 13.04 51.02 -19.40
N GLU C 422 14.03 51.80 -18.92
CA GLU C 422 14.16 53.18 -19.38
C GLU C 422 14.30 53.24 -20.90
N LEU C 423 15.02 52.30 -21.51
CA LEU C 423 15.39 52.39 -22.91
C LEU C 423 14.32 51.91 -23.88
N LEU C 424 13.54 50.89 -23.53
CA LEU C 424 12.32 50.62 -24.30
C LEU C 424 11.14 51.10 -23.42
N ASP C 425 9.95 50.62 -23.69
CA ASP C 425 8.81 51.06 -22.89
C ASP C 425 8.17 49.83 -22.27
N ILE C 426 8.97 49.09 -21.49
CA ILE C 426 8.64 47.70 -21.18
C ILE C 426 8.59 47.46 -19.68
N ASP C 427 7.90 46.37 -19.34
CA ASP C 427 7.67 45.87 -17.99
C ASP C 427 8.99 45.42 -17.35
N GLU C 428 8.92 45.07 -16.06
CA GLU C 428 10.01 44.28 -15.50
C GLU C 428 9.96 42.84 -16.00
N ILE C 429 8.78 42.36 -16.41
CA ILE C 429 8.66 41.00 -16.95
C ILE C 429 9.36 40.90 -18.29
N GLN C 430 9.14 41.88 -19.18
CA GLN C 430 9.76 41.84 -20.51
C GLN C 430 11.27 42.00 -20.42
N ALA C 431 11.74 42.91 -19.58
CA ALA C 431 13.16 43.00 -19.32
C ALA C 431 13.69 41.65 -18.82
N GLN C 432 13.12 41.16 -17.71
CA GLN C 432 13.60 39.90 -17.15
C GLN C 432 13.67 38.81 -18.21
N ALA C 433 12.67 38.75 -19.10
CA ALA C 433 12.71 37.80 -20.21
C ALA C 433 13.97 38.00 -21.03
N ILE C 434 14.20 39.26 -21.45
CA ILE C 434 15.38 39.63 -22.24
C ILE C 434 16.67 39.11 -21.62
N LEU C 435 16.88 39.37 -20.32
CA LEU C 435 18.12 38.93 -19.67
C LEU C 435 18.21 37.41 -19.62
N ASP C 436 17.08 36.72 -19.40
CA ASP C 436 17.01 35.26 -19.31
C ASP C 436 17.19 34.57 -20.67
N MET C 437 17.35 35.36 -21.73
CA MET C 437 17.41 34.84 -23.09
C MET C 437 18.83 34.39 -23.45
N GLN C 438 18.92 33.20 -24.02
CA GLN C 438 20.21 32.61 -24.36
C GLN C 438 20.76 33.21 -25.65
N LEU C 439 22.09 33.19 -25.78
CA LEU C 439 22.70 33.65 -27.01
C LEU C 439 22.40 32.73 -28.18
N ARG C 440 22.20 31.43 -27.93
CA ARG C 440 21.90 30.50 -29.03
C ARG C 440 20.74 31.03 -29.86
N ARG C 441 19.98 31.96 -29.32
CA ARG C 441 18.79 32.50 -29.96
C ARG C 441 19.07 33.73 -30.82
N LEU C 442 20.32 34.19 -30.93
CA LEU C 442 20.69 35.45 -31.67
C LEU C 442 21.10 35.11 -33.10
N ALA C 443 21.01 33.85 -33.52
CA ALA C 443 21.27 33.44 -34.91
C ALA C 443 20.11 33.99 -35.72
N ALA C 444 20.15 33.99 -37.04
CA ALA C 444 19.11 34.59 -37.89
C ALA C 444 17.86 33.72 -37.91
N LEU C 445 18.00 32.41 -37.98
CA LEU C 445 16.86 31.46 -38.03
C LEU C 445 16.07 31.66 -36.76
N GLU C 446 16.71 32.04 -35.65
CA GLU C 446 16.05 32.14 -34.36
C GLU C 446 15.37 33.49 -34.17
N ARG C 447 16.04 34.57 -34.57
CA ARG C 447 15.39 35.87 -34.50
C ARG C 447 14.15 35.89 -35.38
N GLN C 448 14.14 35.09 -36.44
CA GLN C 448 12.94 34.96 -37.26
C GLN C 448 11.86 34.16 -36.52
N ARG C 449 12.25 33.02 -35.93
CA ARG C 449 11.29 32.26 -35.13
C ARG C 449 10.64 33.10 -34.04
N ILE C 450 11.31 34.14 -33.56
CA ILE C 450 10.68 35.00 -32.54
C ILE C 450 9.55 35.85 -33.15
N ILE C 451 9.87 36.63 -34.18
CA ILE C 451 8.83 37.43 -34.82
C ILE C 451 7.69 36.54 -35.28
N ASP C 452 8.01 35.31 -35.72
CA ASP C 452 6.98 34.43 -36.26
C ASP C 452 6.10 33.82 -35.16
N ASP C 453 6.71 33.47 -34.02
CA ASP C 453 5.93 33.03 -32.88
C ASP C 453 4.99 34.14 -32.42
N LEU C 454 5.42 35.40 -32.55
CA LEU C 454 4.48 36.49 -32.28
C LEU C 454 3.34 36.50 -33.30
N ALA C 455 3.66 36.40 -34.58
CA ALA C 455 2.60 36.32 -35.58
C ALA C 455 1.60 35.20 -35.23
N LYS C 456 2.12 34.01 -34.90
CA LYS C 456 1.27 32.86 -34.63
C LYS C 456 0.41 33.08 -33.40
N ILE C 457 0.98 33.65 -32.34
CA ILE C 457 0.23 33.78 -31.11
C ILE C 457 -0.84 34.85 -31.26
N GLU C 458 -0.60 35.87 -32.08
CA GLU C 458 -1.65 36.86 -32.28
C GLU C 458 -2.78 36.30 -33.16
N ALA C 459 -2.46 35.47 -34.15
CA ALA C 459 -3.51 34.69 -34.80
C ALA C 459 -4.32 33.85 -33.79
N GLU C 460 -3.61 33.11 -32.91
CA GLU C 460 -4.29 32.21 -31.98
C GLU C 460 -5.16 32.99 -31.01
N ILE C 461 -4.63 34.09 -30.44
CA ILE C 461 -5.41 34.93 -29.53
C ILE C 461 -6.65 35.45 -30.23
N ALA C 462 -6.52 35.85 -31.50
CA ALA C 462 -7.74 36.22 -32.23
C ALA C 462 -8.74 35.08 -32.17
N ASP C 463 -8.30 33.87 -32.53
CA ASP C 463 -9.25 32.77 -32.61
C ASP C 463 -9.90 32.52 -31.25
N LEU C 464 -9.14 32.68 -30.18
CA LEU C 464 -9.67 32.33 -28.87
C LEU C 464 -10.71 33.33 -28.43
N GLU C 465 -10.44 34.63 -28.67
CA GLU C 465 -11.44 35.67 -28.38
C GLU C 465 -12.71 35.43 -29.18
N ASP C 466 -12.55 35.05 -30.46
CA ASP C 466 -13.73 34.65 -31.24
C ASP C 466 -14.52 33.55 -30.53
N ILE C 467 -13.83 32.49 -30.11
CA ILE C 467 -14.54 31.38 -29.47
C ILE C 467 -15.33 31.89 -28.28
N LEU C 468 -14.64 32.61 -27.39
CA LEU C 468 -15.27 33.10 -26.17
C LEU C 468 -16.46 33.98 -26.43
N ALA C 469 -16.57 34.51 -27.66
CA ALA C 469 -17.59 35.47 -28.05
C ALA C 469 -18.78 34.86 -28.78
N LYS C 470 -18.64 33.67 -29.36
CA LYS C 470 -19.73 33.02 -30.08
C LYS C 470 -20.06 31.69 -29.42
N PRO C 471 -21.17 31.58 -28.68
CA PRO C 471 -21.55 30.26 -28.14
C PRO C 471 -21.74 29.23 -29.24
N GLU C 472 -22.07 29.65 -30.47
CA GLU C 472 -22.18 28.71 -31.58
C GLU C 472 -20.90 27.90 -31.70
N ARG C 473 -19.74 28.57 -31.60
CA ARG C 473 -18.45 27.90 -31.71
C ARG C 473 -18.20 27.02 -30.50
N GLN C 474 -18.53 27.50 -29.30
CA GLN C 474 -18.40 26.69 -28.09
C GLN C 474 -19.10 25.34 -28.24
N ARG C 475 -20.40 25.37 -28.46
CA ARG C 475 -21.12 24.14 -28.77
C ARG C 475 -20.43 23.34 -29.88
N GLY C 476 -19.88 24.02 -30.88
CA GLY C 476 -19.30 23.29 -31.99
C GLY C 476 -18.02 22.59 -31.60
N ILE C 477 -17.30 23.18 -30.65
CA ILE C 477 -16.10 22.56 -30.13
C ILE C 477 -16.46 21.30 -29.32
N VAL C 478 -17.54 21.37 -28.51
CA VAL C 478 -17.97 20.17 -27.79
C VAL C 478 -18.33 19.07 -28.79
N ARG C 479 -19.18 19.39 -29.77
CA ARG C 479 -19.58 18.38 -30.75
C ARG C 479 -18.34 17.70 -31.36
N ASP C 480 -17.39 18.49 -31.88
CA ASP C 480 -16.31 17.87 -32.68
C ASP C 480 -15.30 17.11 -31.80
N GLU C 481 -15.01 17.59 -30.58
CA GLU C 481 -14.14 16.81 -29.71
C GLU C 481 -14.81 15.49 -29.28
N LEU C 482 -16.10 15.52 -28.92
CA LEU C 482 -16.76 14.27 -28.54
C LEU C 482 -16.96 13.33 -29.73
N ALA C 483 -16.98 13.85 -30.96
CA ALA C 483 -17.06 12.91 -32.08
C ALA C 483 -15.71 12.26 -32.33
N GLU C 484 -14.59 12.99 -32.12
CA GLU C 484 -13.27 12.34 -32.14
C GLU C 484 -13.25 11.18 -31.16
N ILE C 485 -13.68 11.46 -29.92
CA ILE C 485 -13.63 10.44 -28.89
C ILE C 485 -14.48 9.25 -29.29
N VAL C 486 -15.73 9.47 -29.65
CA VAL C 486 -16.58 8.34 -30.01
C VAL C 486 -15.96 7.51 -31.14
N ASP C 487 -15.23 8.16 -32.07
CA ASP C 487 -14.76 7.37 -33.20
C ASP C 487 -13.56 6.51 -32.81
N ARG C 488 -12.69 7.00 -31.90
CA ARG C 488 -11.58 6.18 -31.40
C ARG C 488 -12.10 5.07 -30.48
N HIS C 489 -13.12 5.36 -29.67
CA HIS C 489 -13.52 4.52 -28.55
C HIS C 489 -14.94 3.97 -28.56
N GLY C 490 -15.82 4.40 -29.43
CA GLY C 490 -17.15 3.82 -29.46
C GLY C 490 -17.11 2.34 -29.80
N ASP C 491 -18.02 1.59 -29.21
CA ASP C 491 -18.24 0.20 -29.63
C ASP C 491 -19.71 -0.10 -29.88
N ASP C 492 -19.91 -1.25 -30.52
CA ASP C 492 -21.21 -1.76 -30.85
C ASP C 492 -22.05 -1.95 -29.60
N ARG C 493 -23.38 -2.02 -29.81
CA ARG C 493 -24.33 -2.32 -28.73
C ARG C 493 -24.14 -3.77 -28.31
N ARG C 494 -23.96 -4.03 -27.02
CA ARG C 494 -23.90 -5.41 -26.55
C ARG C 494 -25.30 -5.98 -26.32
N THR C 495 -26.14 -5.26 -25.56
CA THR C 495 -27.46 -5.73 -25.11
C THR C 495 -28.52 -5.61 -26.19
N ARG C 496 -29.20 -6.70 -26.51
CA ARG C 496 -30.16 -6.72 -27.61
C ARG C 496 -31.53 -6.34 -27.08
N ILE C 497 -32.24 -5.50 -27.82
CA ILE C 497 -33.53 -4.98 -27.40
C ILE C 497 -34.62 -5.63 -28.24
N ILE C 498 -35.75 -5.98 -27.59
CA ILE C 498 -36.87 -6.63 -28.25
C ILE C 498 -38.18 -6.14 -27.61
N ALA C 499 -39.30 -6.65 -28.10
CA ALA C 499 -40.61 -6.09 -27.69
C ALA C 499 -41.43 -7.02 -26.78
N GLU D 1 -18.36 -2.91 45.97
CA GLU D 1 -17.20 -2.91 45.04
C GLU D 1 -17.39 -4.02 44.00
N LEU D 2 -16.51 -4.14 42.99
CA LEU D 2 -16.65 -5.11 41.91
C LEU D 2 -15.27 -5.66 41.57
N VAL D 3 -15.20 -6.97 41.19
CA VAL D 3 -13.91 -7.59 40.86
C VAL D 3 -13.48 -7.14 39.47
N ARG D 4 -12.17 -6.97 39.28
CA ARG D 4 -11.58 -6.61 38.00
C ARG D 4 -10.67 -7.75 37.54
N ARG D 5 -10.60 -7.96 36.22
CA ARG D 5 -9.91 -9.13 35.70
C ARG D 5 -8.38 -9.02 35.80
N LYS D 6 -7.72 -10.18 35.90
CA LYS D 6 -6.26 -10.28 35.96
C LYS D 6 -5.66 -10.98 34.73
N GLY D 13 -14.53 -14.41 33.45
CA GLY D 13 -15.72 -14.43 32.57
C GLY D 13 -15.91 -13.13 31.81
N LEU D 14 -15.22 -12.06 32.21
CA LEU D 14 -15.32 -10.72 31.57
C LEU D 14 -14.88 -10.82 30.10
N PRO D 15 -15.24 -9.87 29.21
CA PRO D 15 -14.94 -10.00 27.78
C PRO D 15 -13.47 -10.29 27.47
N GLY D 16 -13.17 -11.13 26.46
CA GLY D 16 -11.80 -11.41 26.02
C GLY D 16 -10.97 -10.16 25.80
N LYS D 17 -11.54 -9.15 25.14
CA LYS D 17 -10.74 -8.03 24.66
C LYS D 17 -10.60 -6.91 25.68
N LEU D 18 -11.10 -7.07 26.91
CA LEU D 18 -11.25 -5.93 27.80
C LEU D 18 -9.95 -5.69 28.56
N ALA D 19 -9.31 -4.56 28.32
CA ALA D 19 -8.35 -4.02 29.29
C ALA D 19 -9.16 -3.40 30.42
N ASP D 20 -9.10 -3.98 31.60
CA ASP D 20 -9.91 -3.52 32.72
C ASP D 20 -9.06 -2.62 33.60
N CYS D 21 -9.72 -1.93 34.52
CA CYS D 21 -9.04 -1.07 35.45
C CYS D 21 -8.66 -1.89 36.66
N ARG D 22 -7.86 -1.29 37.52
CA ARG D 22 -7.42 -1.93 38.76
C ARG D 22 -7.96 -1.14 39.94
N SER D 23 -9.18 -0.61 39.78
CA SER D 23 -9.94 -0.04 40.89
C SER D 23 -11.23 -0.82 41.07
N THR D 24 -11.52 -1.11 42.31
CA THR D 24 -12.64 -1.97 42.63
C THR D 24 -13.93 -1.19 42.87
N ASP D 25 -13.85 0.14 43.05
CA ASP D 25 -14.98 1.04 43.30
C ASP D 25 -15.60 1.61 42.01
N PRO D 26 -16.73 1.05 41.52
CA PRO D 26 -17.30 1.56 40.26
C PRO D 26 -17.50 3.07 40.21
N ARG D 27 -17.82 3.71 41.35
CA ARG D 27 -18.00 5.16 41.38
C ARG D 27 -16.85 5.88 40.70
N LYS D 28 -15.61 5.53 41.08
CA LYS D 28 -14.41 6.22 40.62
C LYS D 28 -13.86 5.65 39.32
N SER D 29 -14.52 4.65 38.73
CA SER D 29 -14.09 3.98 37.51
C SER D 29 -14.82 4.46 36.25
N GLU D 30 -14.25 4.09 35.10
CA GLU D 30 -14.69 4.55 33.79
C GLU D 30 -14.43 3.48 32.73
N LEU D 31 -15.46 3.14 31.95
CA LEU D 31 -15.29 2.28 30.78
C LEU D 31 -15.28 3.13 29.52
N TYR D 32 -14.11 3.23 28.86
CA TYR D 32 -13.97 3.87 27.57
C TYR D 32 -14.23 2.84 26.49
N VAL D 33 -15.20 3.10 25.62
CA VAL D 33 -15.62 2.18 24.55
C VAL D 33 -15.21 2.76 23.21
N VAL D 34 -14.56 1.93 22.38
CA VAL D 34 -13.61 2.39 21.36
C VAL D 34 -13.81 1.63 20.05
N GLU D 35 -13.44 2.31 18.96
CA GLU D 35 -13.78 1.91 17.58
C GLU D 35 -12.64 1.01 17.14
N GLY D 36 -12.72 -0.29 17.48
CA GLY D 36 -11.68 -1.25 17.11
C GLY D 36 -10.33 -1.28 17.85
N ASP D 37 -9.52 -2.26 17.43
CA ASP D 37 -8.29 -2.64 18.16
C ASP D 37 -7.19 -1.58 18.09
N SER D 38 -6.99 -0.96 16.92
CA SER D 38 -5.90 0.00 16.78
C SER D 38 -6.12 1.23 17.67
N ALA D 39 -7.36 1.61 17.88
CA ALA D 39 -7.61 2.69 18.82
C ALA D 39 -7.49 2.19 20.25
N GLY D 40 -8.06 0.99 20.52
CA GLY D 40 -7.89 0.39 21.82
C GLY D 40 -6.45 0.41 22.27
N GLY D 41 -5.53 0.24 21.34
CA GLY D 41 -4.13 0.24 21.66
C GLY D 41 -3.71 1.56 22.26
N SER D 42 -3.83 2.65 21.49
CA SER D 42 -3.38 3.94 22.00
C SER D 42 -4.09 4.31 23.29
N ALA D 43 -5.35 3.87 23.46
CA ALA D 43 -6.11 4.14 24.70
C ALA D 43 -5.52 3.38 25.90
N LYS D 44 -5.23 2.09 25.72
CA LYS D 44 -4.63 1.25 26.76
C LYS D 44 -3.25 1.75 27.12
N SER D 45 -2.53 2.34 26.17
CA SER D 45 -1.18 2.81 26.51
C SER D 45 -1.26 4.13 27.25
N GLY D 46 -2.11 5.05 26.79
CA GLY D 46 -2.26 6.37 27.39
C GLY D 46 -3.29 6.58 28.49
N ARG D 47 -4.08 5.55 28.83
CA ARG D 47 -5.03 5.65 29.92
C ARG D 47 -4.37 5.75 31.28
N ASP D 48 -5.19 6.00 32.30
CA ASP D 48 -4.74 5.88 33.70
C ASP D 48 -5.30 4.55 34.19
N SER D 49 -4.47 3.50 34.11
CA SER D 49 -4.98 2.14 34.33
C SER D 49 -5.67 1.97 35.68
N MET D 50 -5.38 2.79 36.70
CA MET D 50 -6.03 2.69 38.03
C MET D 50 -7.54 2.77 37.88
N PHE D 51 -8.07 3.71 37.09
CA PHE D 51 -9.49 3.96 36.98
C PHE D 51 -10.10 3.60 35.61
N GLN D 52 -9.40 3.84 34.50
CA GLN D 52 -9.99 3.67 33.17
C GLN D 52 -9.79 2.26 32.63
N ALA D 53 -10.88 1.67 32.15
CA ALA D 53 -10.88 0.44 31.35
C ALA D 53 -11.18 0.78 29.90
N ILE D 54 -10.87 -0.15 29.00
CA ILE D 54 -10.98 0.08 27.55
C ILE D 54 -11.55 -1.17 26.91
N LEU D 55 -12.71 -1.03 26.27
CA LEU D 55 -13.33 -2.18 25.57
C LEU D 55 -13.40 -1.82 24.11
N PRO D 56 -12.54 -2.40 23.25
CA PRO D 56 -12.66 -2.15 21.82
C PRO D 56 -13.75 -3.03 21.22
N LEU D 57 -14.43 -2.45 20.23
CA LEU D 57 -15.46 -3.11 19.44
C LEU D 57 -15.01 -3.11 17.98
N ARG D 58 -15.33 -4.18 17.27
CA ARG D 58 -14.93 -4.31 15.89
C ARG D 58 -16.00 -3.63 15.03
N GLY D 59 -15.66 -2.42 14.56
CA GLY D 59 -16.39 -1.81 13.47
C GLY D 59 -17.70 -1.12 13.86
N LYS D 60 -18.63 -1.15 12.92
CA LYS D 60 -19.99 -0.71 13.13
C LYS D 60 -20.70 -1.89 13.80
N ILE D 61 -21.11 -1.66 15.06
CA ILE D 61 -21.94 -2.60 15.81
C ILE D 61 -23.29 -2.79 15.14
N ILE D 62 -23.89 -3.98 15.34
CA ILE D 62 -25.21 -4.29 14.79
C ILE D 62 -26.26 -3.27 15.19
N ASN D 63 -27.10 -2.89 14.22
CA ASN D 63 -28.24 -1.99 14.47
C ASN D 63 -29.38 -2.75 15.12
N VAL D 64 -29.66 -2.42 16.41
CA VAL D 64 -30.60 -3.25 17.16
C VAL D 64 -32.04 -2.99 16.71
N GLU D 65 -32.35 -1.72 16.40
CA GLU D 65 -33.71 -1.36 16.03
C GLU D 65 -34.16 -2.05 14.75
N LYS D 66 -33.25 -2.35 13.85
CA LYS D 66 -33.64 -3.07 12.63
C LYS D 66 -33.61 -4.59 12.80
N ALA D 67 -33.05 -5.10 13.88
CA ALA D 67 -32.68 -6.50 13.95
C ALA D 67 -33.47 -7.19 15.05
N ARG D 68 -34.02 -8.35 14.72
CA ARG D 68 -34.72 -9.16 15.72
C ARG D 68 -33.81 -9.38 16.92
N ILE D 69 -34.41 -9.40 18.11
CA ILE D 69 -33.58 -9.41 19.32
C ILE D 69 -32.65 -10.62 19.37
N ASP D 70 -33.03 -11.77 18.79
CA ASP D 70 -32.18 -12.93 19.00
C ASP D 70 -30.83 -12.80 18.25
N ARG D 71 -30.82 -12.19 17.05
CA ARG D 71 -29.54 -11.90 16.40
C ARG D 71 -28.73 -10.96 17.26
N VAL D 72 -29.35 -9.87 17.73
CA VAL D 72 -28.62 -8.86 18.48
C VAL D 72 -27.75 -9.51 19.57
N LEU D 73 -28.29 -10.54 20.24
CA LEU D 73 -27.61 -11.14 21.39
C LEU D 73 -26.52 -12.15 21.02
N LYS D 74 -26.44 -12.55 19.74
CA LYS D 74 -25.35 -13.39 19.24
C LYS D 74 -24.22 -12.58 18.61
N ASN D 75 -24.43 -11.28 18.36
CA ASN D 75 -23.35 -10.41 17.93
C ASN D 75 -22.32 -10.33 19.06
N THR D 76 -21.07 -10.67 18.74
CA THR D 76 -20.10 -10.87 19.83
C THR D 76 -19.81 -9.57 20.56
N GLU D 77 -19.84 -8.43 19.83
CA GLU D 77 -19.52 -7.13 20.42
C GLU D 77 -20.60 -6.67 21.38
N VAL D 78 -21.87 -6.95 21.05
CA VAL D 78 -22.98 -6.67 21.95
C VAL D 78 -22.81 -7.44 23.25
N GLN D 79 -22.59 -8.75 23.15
CA GLN D 79 -22.24 -9.58 24.31
C GLN D 79 -21.10 -8.97 25.12
N ALA D 80 -20.01 -8.59 24.46
CA ALA D 80 -18.94 -7.89 25.16
C ALA D 80 -19.45 -6.69 25.96
N ILE D 81 -20.37 -5.91 25.37
CA ILE D 81 -20.88 -4.71 26.03
C ILE D 81 -21.77 -5.06 27.22
N ILE D 82 -22.67 -6.01 27.03
CA ILE D 82 -23.55 -6.41 28.12
C ILE D 82 -22.72 -6.97 29.28
N THR D 83 -21.80 -7.91 28.98
CA THR D 83 -20.93 -8.46 30.02
C THR D 83 -20.12 -7.36 30.69
N ALA D 84 -19.46 -6.49 29.91
CA ALA D 84 -18.55 -5.51 30.48
C ALA D 84 -19.26 -4.62 31.47
N LEU D 85 -20.55 -4.34 31.24
CA LEU D 85 -21.32 -3.52 32.17
C LEU D 85 -21.92 -4.36 33.29
N GLY D 86 -22.33 -5.59 32.95
CA GLY D 86 -22.80 -6.56 33.91
C GLY D 86 -24.27 -6.47 34.22
N THR D 87 -24.86 -5.29 34.04
CA THR D 87 -26.20 -4.98 34.57
C THR D 87 -27.29 -5.95 34.10
N GLY D 88 -27.09 -6.64 32.99
CA GLY D 88 -28.19 -7.34 32.37
C GLY D 88 -28.97 -6.32 31.60
N ILE D 89 -30.07 -6.78 31.01
CA ILE D 89 -30.85 -5.93 30.11
C ILE D 89 -32.36 -6.05 30.39
N HIS D 90 -33.11 -5.08 29.85
CA HIS D 90 -34.58 -5.08 29.79
C HIS D 90 -35.19 -5.23 31.17
N ASP D 91 -35.96 -6.32 31.39
CA ASP D 91 -36.63 -6.53 32.68
C ASP D 91 -35.63 -6.93 33.78
N GLU D 92 -34.68 -7.86 33.48
CA GLU D 92 -33.65 -8.35 34.41
C GLU D 92 -32.60 -7.29 34.76
N PHE D 93 -32.74 -6.09 34.21
CA PHE D 93 -31.76 -5.03 34.43
C PHE D 93 -31.63 -4.73 35.92
N ASP D 94 -30.39 -4.62 36.38
CA ASP D 94 -30.07 -4.54 37.80
C ASP D 94 -28.99 -3.45 37.94
N ILE D 95 -29.43 -2.21 38.01
CA ILE D 95 -28.47 -1.09 38.11
C ILE D 95 -27.50 -1.33 39.27
N GLY D 96 -27.86 -2.21 40.20
CA GLY D 96 -26.97 -2.45 41.32
C GLY D 96 -25.64 -2.99 40.86
N LYS D 97 -25.68 -3.87 39.82
CA LYS D 97 -24.53 -4.60 39.29
C LYS D 97 -23.67 -3.77 38.30
N LEU D 98 -23.75 -2.44 38.30
CA LEU D 98 -23.11 -1.65 37.26
C LEU D 98 -21.64 -1.53 37.61
N ARG D 99 -20.77 -1.90 36.67
CA ARG D 99 -19.35 -1.97 36.99
C ARG D 99 -18.59 -0.65 36.80
N TYR D 100 -19.17 0.35 36.13
CA TYR D 100 -18.50 1.64 35.91
C TYR D 100 -19.55 2.77 35.95
N HIS D 101 -19.22 3.86 36.64
CA HIS D 101 -20.16 4.97 36.81
C HIS D 101 -19.86 6.15 35.90
N LYS D 102 -18.95 5.98 34.95
CA LYS D 102 -18.94 6.75 33.70
C LYS D 102 -18.76 5.68 32.63
N ILE D 103 -19.70 5.59 31.70
CA ILE D 103 -19.51 4.78 30.52
C ILE D 103 -19.29 5.73 29.37
N VAL D 104 -18.01 5.91 28.95
CA VAL D 104 -17.64 6.91 27.96
C VAL D 104 -17.59 6.28 26.57
N LEU D 105 -18.30 6.89 25.62
CA LEU D 105 -18.24 6.47 24.23
C LEU D 105 -17.18 7.34 23.59
N MET D 106 -16.08 6.70 23.18
CA MET D 106 -15.02 7.33 22.43
C MET D 106 -15.04 6.62 21.09
N ALA D 107 -15.65 7.24 20.10
CA ALA D 107 -15.61 6.72 18.75
C ALA D 107 -14.78 7.67 17.91
N ASP D 108 -14.25 7.16 16.80
CA ASP D 108 -13.31 7.94 16.00
C ASP D 108 -13.98 9.28 15.68
N ALA D 109 -13.19 10.35 15.68
CA ALA D 109 -13.74 11.69 15.58
C ALA D 109 -14.45 11.95 14.26
N ASP D 110 -14.34 11.02 13.29
CA ASP D 110 -14.82 11.19 11.92
C ASP D 110 -16.32 10.87 11.84
N VAL D 111 -16.88 11.03 10.64
CA VAL D 111 -18.34 10.92 10.46
C VAL D 111 -18.83 9.51 10.77
N ASP D 112 -18.02 8.48 10.42
CA ASP D 112 -18.42 7.13 10.71
C ASP D 112 -18.37 6.86 12.21
N GLY D 113 -17.65 7.70 12.95
CA GLY D 113 -17.64 7.57 14.39
C GLY D 113 -18.88 8.16 15.03
N GLN D 114 -19.40 9.23 14.44
CA GLN D 114 -20.71 9.71 14.86
C GLN D 114 -21.77 8.64 14.61
N HIS D 115 -21.65 7.93 13.48
CA HIS D 115 -22.61 6.84 13.20
C HIS D 115 -22.47 5.69 14.18
N ILE D 116 -21.25 5.28 14.50
CA ILE D 116 -21.08 4.27 15.54
C ILE D 116 -21.66 4.79 16.85
N SER D 117 -21.43 6.06 17.16
CA SER D 117 -22.01 6.62 18.37
C SER D 117 -23.52 6.44 18.37
N THR D 118 -24.19 6.67 17.22
CA THR D 118 -25.66 6.53 17.23
C THR D 118 -26.07 5.07 17.37
N LEU D 119 -25.42 4.16 16.65
CA LEU D 119 -25.75 2.74 16.81
C LEU D 119 -25.65 2.31 18.27
N LEU D 120 -24.69 2.89 18.99
CA LEU D 120 -24.48 2.48 20.38
C LEU D 120 -25.50 3.12 21.32
N LEU D 121 -25.75 4.44 21.20
CA LEU D 121 -26.81 5.04 22.01
C LEU D 121 -28.14 4.33 21.76
N THR D 122 -28.34 3.79 20.56
CA THR D 122 -29.52 2.97 20.30
C THR D 122 -29.50 1.68 21.12
N LEU D 123 -28.38 0.95 21.11
CA LEU D 123 -28.27 -0.22 21.99
C LEU D 123 -28.61 0.16 23.44
N LEU D 124 -27.97 1.20 23.96
CA LEU D 124 -28.12 1.56 25.36
C LEU D 124 -29.53 2.04 25.72
N PHE D 125 -30.28 2.59 24.74
CA PHE D 125 -31.64 3.08 24.98
C PHE D 125 -32.65 1.94 24.89
N ARG D 126 -32.52 1.06 23.90
CA ARG D 126 -33.45 -0.05 23.80
C ARG D 126 -33.16 -1.17 24.79
N PHE D 127 -31.96 -1.18 25.41
CA PHE D 127 -31.49 -2.34 26.18
C PHE D 127 -31.01 -2.03 27.59
N MET D 128 -30.69 -0.78 27.93
CA MET D 128 -30.34 -0.43 29.32
C MET D 128 -30.65 1.03 29.59
N ARG D 129 -31.92 1.39 29.39
CA ARG D 129 -32.30 2.79 29.34
C ARG D 129 -32.02 3.55 30.63
N PRO D 130 -32.10 2.93 31.80
CA PRO D 130 -31.81 3.65 33.04
C PRO D 130 -30.35 4.07 33.17
N LEU D 131 -29.42 3.34 32.55
CA LEU D 131 -28.04 3.80 32.49
C LEU D 131 -27.95 5.22 31.97
N ILE D 132 -28.86 5.58 31.05
CA ILE D 132 -28.91 6.94 30.50
C ILE D 132 -29.70 7.86 31.43
N GLU D 133 -30.75 7.32 32.07
CA GLU D 133 -31.54 8.11 33.01
C GLU D 133 -30.64 8.64 34.13
N ASN D 134 -29.81 7.79 34.70
CA ASN D 134 -28.91 8.24 35.76
C ASN D 134 -27.59 8.83 35.23
N GLY D 135 -27.52 9.11 33.92
CA GLY D 135 -26.43 9.89 33.36
C GLY D 135 -25.08 9.26 33.46
N HIS D 136 -25.01 7.95 33.63
CA HIS D 136 -23.79 7.17 33.54
C HIS D 136 -23.26 7.01 32.07
N VAL D 137 -23.80 7.66 31.05
CA VAL D 137 -23.38 7.48 29.66
C VAL D 137 -22.86 8.80 29.13
N PHE D 138 -21.64 8.80 28.61
CA PHE D 138 -21.00 10.00 28.11
C PHE D 138 -20.53 9.75 26.70
N LEU D 139 -20.09 10.84 26.06
CA LEU D 139 -19.39 10.80 24.80
C LEU D 139 -18.11 11.57 25.01
N ALA D 140 -17.02 11.06 24.48
CA ALA D 140 -15.75 11.75 24.57
C ALA D 140 -15.52 12.44 23.25
N GLN D 141 -14.70 13.49 23.29
CA GLN D 141 -14.44 14.32 22.13
C GLN D 141 -12.97 14.20 21.74
N PRO D 142 -12.58 13.09 21.13
CA PRO D 142 -11.25 13.03 20.53
C PRO D 142 -11.21 13.97 19.35
N PRO D 143 -10.18 14.81 19.25
CA PRO D 143 -10.14 15.79 18.16
C PRO D 143 -9.94 15.11 16.83
N LEU D 144 -10.48 15.72 15.78
CA LEU D 144 -10.24 15.24 14.44
C LEU D 144 -9.03 15.94 13.81
N TYR D 145 -8.58 17.08 14.37
CA TYR D 145 -7.65 17.99 13.70
C TYR D 145 -6.78 18.71 14.71
N LYS D 146 -5.47 18.79 14.45
CA LYS D 146 -4.50 19.57 15.25
C LYS D 146 -3.84 20.62 14.37
N LEU D 147 -4.48 21.79 14.23
CA LEU D 147 -3.91 22.95 13.55
C LEU D 147 -2.72 23.46 14.39
N LYS D 148 -1.49 23.20 13.94
CA LYS D 148 -0.33 23.39 14.81
C LYS D 148 0.16 24.85 14.87
N TRP D 149 0.11 25.60 13.77
CA TRP D 149 0.62 26.98 13.80
C TRP D 149 2.10 26.97 14.24
N ASP D 153 1.40 27.70 19.88
CA ASP D 153 -0.05 27.94 20.10
C ASP D 153 -0.94 26.97 19.32
N PRO D 154 -0.93 25.65 19.63
CA PRO D 154 -1.68 24.67 18.88
C PRO D 154 -3.18 24.79 19.16
N GLU D 155 -4.01 24.03 18.45
CA GLU D 155 -5.47 24.12 18.53
C GLU D 155 -6.08 22.89 17.88
N PHE D 156 -7.26 22.53 18.38
CA PHE D 156 -7.93 21.30 17.99
C PHE D 156 -9.37 21.54 17.52
N ALA D 157 -9.77 20.73 16.53
CA ALA D 157 -11.00 20.91 15.75
C ALA D 157 -11.72 19.57 15.64
N TYR D 158 -13.05 19.59 15.76
CA TYR D 158 -13.83 18.36 15.94
C TYR D 158 -14.73 18.03 14.75
N SER D 159 -14.55 18.66 13.60
CA SER D 159 -15.27 18.28 12.38
C SER D 159 -14.68 19.05 11.20
N ASP D 160 -15.01 18.59 9.98
CA ASP D 160 -14.41 19.21 8.78
C ASP D 160 -14.74 20.70 8.73
N ARG D 161 -15.83 21.15 9.37
CA ARG D 161 -16.24 22.56 9.31
C ARG D 161 -15.45 23.44 10.30
N GLU D 162 -15.40 23.04 11.58
CA GLU D 162 -14.68 23.76 12.63
C GLU D 162 -13.21 23.96 12.30
N ARG D 163 -12.69 23.28 11.27
CA ARG D 163 -11.31 23.46 10.84
C ARG D 163 -11.13 24.77 10.10
N ASP D 164 -12.08 25.11 9.24
CA ASP D 164 -11.96 26.30 8.41
C ASP D 164 -12.29 27.58 9.18
N GLY D 165 -13.21 27.53 10.13
CA GLY D 165 -13.40 28.67 11.01
C GLY D 165 -12.18 28.95 11.86
N LEU D 166 -11.41 27.92 12.20
CA LEU D 166 -10.23 28.05 13.04
C LEU D 166 -8.98 28.41 12.25
N LEU D 167 -8.89 28.00 10.98
CA LEU D 167 -7.79 28.46 10.14
C LEU D 167 -8.05 29.88 9.61
N GLU D 168 -9.32 30.30 9.48
CA GLU D 168 -9.63 31.68 9.10
C GLU D 168 -9.45 32.62 10.30
N ALA D 169 -9.99 32.24 11.45
CA ALA D 169 -9.88 33.10 12.64
C ALA D 169 -8.43 33.30 13.02
N LYS D 179 1.11 23.25 5.94
CA LYS D 179 1.38 21.92 5.30
C LYS D 179 2.63 21.30 5.94
N GLU D 180 3.26 21.93 6.94
CA GLU D 180 4.55 21.46 7.55
C GLU D 180 4.21 21.00 8.96
N ASP D 181 3.40 19.95 9.07
CA ASP D 181 2.94 19.39 10.36
C ASP D 181 1.87 20.35 10.89
N GLY D 182 1.21 21.10 10.01
CA GLY D 182 0.15 22.05 10.38
C GLY D 182 -1.11 21.29 10.66
N ILE D 183 -2.08 21.29 9.75
CA ILE D 183 -3.34 20.52 9.92
C ILE D 183 -2.95 19.03 10.00
N GLN D 184 -3.42 18.28 11.01
CA GLN D 184 -3.18 16.82 11.15
C GLN D 184 -4.51 16.11 11.43
N ARG D 185 -5.02 15.33 10.48
CA ARG D 185 -6.33 14.64 10.60
C ARG D 185 -6.15 13.37 11.42
N TYR D 186 -7.09 13.04 12.31
CA TYR D 186 -7.07 11.87 13.18
C TYR D 186 -8.36 11.19 12.73
N LYS D 187 -8.25 10.44 11.62
CA LYS D 187 -9.13 9.40 11.10
C LYS D 187 -9.58 8.22 11.95
N GLY D 188 -8.78 7.89 12.94
CA GLY D 188 -9.17 7.14 14.11
C GLY D 188 -8.32 7.55 15.29
N LEU D 189 -8.48 6.88 16.41
CA LEU D 189 -7.60 7.14 17.54
C LEU D 189 -6.27 6.48 17.30
N GLY D 190 -6.19 5.68 16.23
CA GLY D 190 -4.97 4.98 15.89
C GLY D 190 -3.88 5.86 15.36
N GLU D 191 -4.24 7.03 14.77
CA GLU D 191 -3.24 7.98 14.31
C GLU D 191 -2.63 8.75 15.48
N MET D 192 -3.10 8.51 16.70
CA MET D 192 -2.82 9.35 17.87
C MET D 192 -1.90 8.59 18.81
N ASP D 193 -0.77 9.21 19.19
CA ASP D 193 0.12 8.55 20.15
C ASP D 193 -0.32 8.96 21.56
N ALA D 194 -0.26 8.00 22.47
CA ALA D 194 -0.94 8.02 23.75
C ALA D 194 -0.92 9.36 24.49
N LYS D 195 0.17 10.09 24.46
CA LYS D 195 0.22 11.34 25.21
C LYS D 195 -0.80 12.37 24.69
N GLU D 196 -1.13 12.33 23.40
CA GLU D 196 -2.09 13.28 22.85
C GLU D 196 -3.52 12.83 23.16
N LEU D 197 -3.75 11.52 23.10
CA LEU D 197 -5.05 10.98 23.45
C LEU D 197 -5.31 11.15 24.93
N TRP D 198 -4.27 11.07 25.75
CA TRP D 198 -4.45 11.35 27.18
C TRP D 198 -4.92 12.79 27.39
N GLU D 199 -4.26 13.74 26.75
CA GLU D 199 -4.46 15.15 27.03
C GLU D 199 -5.70 15.75 26.37
N THR D 200 -6.20 15.15 25.28
CA THR D 200 -7.38 15.68 24.63
C THR D 200 -8.69 15.05 25.10
N THR D 201 -8.68 13.76 25.48
CA THR D 201 -9.92 13.08 25.78
C THR D 201 -10.02 12.43 27.14
N MET D 202 -8.91 12.11 27.81
CA MET D 202 -8.97 11.19 28.93
C MET D 202 -8.44 11.72 30.26
N ASP D 203 -7.58 12.74 30.26
CA ASP D 203 -7.07 13.32 31.51
C ASP D 203 -8.19 14.00 32.27
N PRO D 204 -8.67 13.43 33.34
CA PRO D 204 -9.86 13.99 34.01
C PRO D 204 -9.75 15.46 34.41
N SER D 205 -8.52 15.98 34.43
CA SER D 205 -8.25 17.33 34.92
C SER D 205 -8.37 18.41 33.86
N VAL D 206 -8.44 18.03 32.57
CA VAL D 206 -8.61 19.00 31.48
C VAL D 206 -9.64 18.56 30.45
N ARG D 207 -9.94 17.28 30.31
CA ARG D 207 -10.90 16.81 29.32
C ARG D 207 -12.28 17.50 29.44
N VAL D 208 -13.03 17.37 28.35
CA VAL D 208 -14.41 17.81 28.21
C VAL D 208 -15.21 16.56 27.86
N LEU D 209 -15.84 15.95 28.83
CA LEU D 209 -16.80 14.90 28.52
C LEU D 209 -18.19 15.49 28.33
N ARG D 210 -19.00 14.83 27.52
CA ARG D 210 -20.36 15.25 27.22
C ARG D 210 -21.30 14.16 27.71
N GLN D 211 -22.27 14.57 28.54
CA GLN D 211 -23.13 13.66 29.31
C GLN D 211 -24.52 13.56 28.68
N VAL D 212 -24.93 12.34 28.35
CA VAL D 212 -26.22 12.12 27.71
C VAL D 212 -27.31 12.20 28.77
N THR D 213 -28.34 12.99 28.47
CA THR D 213 -29.51 13.23 29.32
C THR D 213 -30.79 12.88 28.58
N LEU D 214 -31.86 12.63 29.32
CA LEU D 214 -33.13 12.21 28.71
C LEU D 214 -34.28 13.04 29.29
N ASP D 215 -34.82 13.97 28.49
CA ASP D 215 -35.93 14.82 28.94
C ASP D 215 -37.39 14.47 28.68
N ASP D 216 -37.71 14.17 27.43
CA ASP D 216 -38.92 13.47 27.05
C ASP D 216 -38.55 12.09 26.54
N ALA D 217 -38.96 11.06 27.28
CA ALA D 217 -38.73 9.69 26.84
C ALA D 217 -39.51 9.33 25.57
N ALA D 218 -40.74 9.83 25.43
CA ALA D 218 -41.63 9.49 24.29
C ALA D 218 -41.10 10.16 23.02
N ALA D 219 -40.69 11.42 23.10
CA ALA D 219 -40.11 12.16 21.96
C ALA D 219 -38.81 11.44 21.59
N ALA D 220 -38.05 10.98 22.59
CA ALA D 220 -36.82 10.20 22.35
C ALA D 220 -37.22 8.89 21.68
N ASP D 221 -38.16 8.13 22.24
CA ASP D 221 -38.55 6.78 21.72
C ASP D 221 -38.96 6.86 20.25
N GLU D 222 -39.75 7.85 19.85
CA GLU D 222 -40.25 7.98 18.45
C GLU D 222 -39.09 8.30 17.51
N LEU D 223 -38.11 9.11 17.93
CA LEU D 223 -36.95 9.52 17.15
C LEU D 223 -36.13 8.33 16.75
N PHE D 224 -35.84 7.47 17.72
CA PHE D 224 -35.09 6.25 17.44
C PHE D 224 -35.81 5.35 16.43
N SER D 225 -37.13 5.18 16.57
CA SER D 225 -37.82 4.39 15.55
C SER D 225 -37.68 5.04 14.17
N ILE D 226 -37.68 6.37 14.11
CA ILE D 226 -37.68 7.03 12.81
C ILE D 226 -36.34 6.84 12.15
N LEU D 227 -35.28 7.21 12.87
CA LEU D 227 -33.91 7.17 12.37
C LEU D 227 -33.40 5.73 12.14
N MET D 228 -33.49 4.87 13.16
CA MET D 228 -32.77 3.60 13.13
C MET D 228 -33.61 2.43 12.61
N GLY D 229 -34.89 2.61 12.37
CA GLY D 229 -35.79 1.51 12.11
C GLY D 229 -35.98 1.24 10.63
N GLU D 230 -36.94 0.34 10.35
CA GLU D 230 -37.09 -0.21 9.01
C GLU D 230 -37.90 0.67 8.08
N ASP D 231 -38.55 1.74 8.58
CA ASP D 231 -39.35 2.66 7.77
C ASP D 231 -38.42 3.65 7.06
N VAL D 232 -37.98 3.30 5.83
CA VAL D 232 -37.02 4.14 5.07
C VAL D 232 -37.81 5.29 4.45
N ASP D 233 -39.13 5.16 4.35
CA ASP D 233 -39.98 6.21 3.74
C ASP D 233 -40.14 7.32 4.75
N ALA D 234 -40.11 7.01 6.05
CA ALA D 234 -40.25 7.97 7.16
C ALA D 234 -38.91 8.55 7.52
N ARG D 235 -37.83 7.80 7.29
CA ARG D 235 -36.46 8.27 7.55
C ARG D 235 -36.14 9.32 6.49
N ARG D 236 -36.32 9.07 5.19
CA ARG D 236 -36.10 9.97 4.07
C ARG D 236 -36.76 11.31 4.34
N SER D 237 -38.07 11.30 4.61
CA SER D 237 -38.78 12.55 4.83
C SER D 237 -38.21 13.30 6.02
N PHE D 238 -37.87 12.60 7.10
CA PHE D 238 -37.21 13.30 8.22
C PHE D 238 -35.92 13.97 7.78
N ILE D 239 -35.08 13.26 7.02
CA ILE D 239 -33.80 13.81 6.62
C ILE D 239 -34.01 15.08 5.80
N THR D 240 -34.89 15.00 4.78
CA THR D 240 -35.11 16.13 3.90
C THR D 240 -35.88 17.29 4.58
N ARG D 241 -36.56 17.03 5.70
CA ARG D 241 -37.23 18.12 6.41
C ARG D 241 -36.41 18.74 7.53
N ASN D 242 -35.38 18.05 8.05
CA ASN D 242 -34.59 18.63 9.14
C ASN D 242 -33.11 18.84 8.84
N ALA D 243 -32.66 18.48 7.63
CA ALA D 243 -31.26 18.60 7.28
C ALA D 243 -30.77 20.04 7.12
N LYS D 244 -31.27 20.78 6.12
CA LYS D 244 -30.84 22.16 5.96
C LYS D 244 -30.88 22.95 7.27
N ASP D 245 -31.66 22.50 8.27
CA ASP D 245 -31.87 23.26 9.50
C ASP D 245 -31.17 22.66 10.72
N VAL D 246 -30.11 21.85 10.54
CA VAL D 246 -29.41 21.23 11.68
C VAL D 246 -28.44 22.22 12.32
N ARG D 247 -27.73 23.01 11.51
CA ARG D 247 -26.74 23.96 12.05
C ARG D 247 -27.35 24.95 13.06
N PHE D 248 -28.68 25.07 13.10
CA PHE D 248 -29.37 26.13 13.83
C PHE D 248 -30.10 25.65 15.07
N LEU D 249 -29.81 24.42 15.54
CA LEU D 249 -30.47 23.90 16.72
C LEU D 249 -29.92 24.52 18.01
N ASP D 250 -29.00 25.48 17.89
CA ASP D 250 -28.56 26.34 18.98
C ASP D 250 -28.62 27.77 18.42
CE3 NLF F 1 28.39 -20.91 1.85
CZ3 NLF F 1 27.41 -20.99 2.97
CH2 NLF F 1 26.39 -19.91 3.13
CZ2 NLF F 1 26.35 -18.76 2.16
CE2 NLF F 1 27.38 -18.70 0.99
CD1 NLF F 1 28.62 -18.19 -0.77
CB NLF F 1 30.26 -20.21 -0.75
CA NLF F 1 31.39 -20.22 0.28
C22 NLF F 1 32.47 -18.54 1.79
C NLF F 1 32.55 -21.12 -0.26
CG NLF F 1 29.10 -19.39 -0.23
CD2 NLF F 1 28.35 -19.70 0.84
N NLF F 1 31.88 -18.89 0.50
NE1 NLF F 1 27.56 -17.78 0.00
O NLF F 1 32.36 -22.28 -0.50
O23 NLF F 1 32.55 -19.37 2.65
HE3 NLF F 1 29.14 -21.68 1.73
HZ3 NLF F 1 27.44 -21.81 3.66
HH2 NLF F 1 25.67 -19.97 3.93
HZ2 NLF F 1 25.61 -17.99 2.27
HD1 NLF F 1 29.02 -17.68 -1.64
HB2 NLF F 1 30.62 -19.77 -1.67
HB3 NLF F 1 29.93 -21.22 -0.94
HA NLF F 1 31.02 -20.63 1.21
H221 NLF F 1 32.84 -17.55 1.96
H NLF F 1 31.82 -18.21 -0.22
HE1 NLF F 1 27.01 -16.94 -0.15
N THR F 2 33.92 -20.49 -0.47
CA THR F 2 35.03 -21.26 -0.96
C THR F 2 36.11 -21.39 0.20
N DAR F 3 36.11 -20.36 1.29
CA DAR F 3 37.06 -20.39 2.38
CB DAR F 3 36.37 -19.72 3.59
CG DAR F 3 36.57 -20.57 4.92
CD DAR F 3 35.24 -21.30 5.29
NE DAR F 3 34.21 -20.31 5.81
CZ DAR F 3 34.40 -19.63 7.12
NH1 DAR F 3 33.55 -18.82 7.54
NH2 DAR F 3 35.62 -19.90 7.94
C DAR F 3 38.36 -19.59 2.06
O DAR F 3 39.42 -20.08 2.26
H DAR F 3 35.44 -19.62 1.27
HA DAR F 3 37.31 -21.43 2.61
HB2 DAR F 3 36.80 -18.73 3.74
HB3 DAR F 3 35.31 -19.63 3.39
HG2 DAR F 3 36.86 -19.90 5.71
HG3 DAR F 3 37.36 -21.30 4.77
HD2 DAR F 3 35.44 -22.04 6.07
HD3 DAR F 3 34.84 -21.80 4.42
HE DAR F 3 33.38 -20.12 5.27
HH11 DAR F 3 32.70 -18.63 6.97
HH21 DAR F 3 35.74 -19.44 8.83
HH22 DAR F 3 36.33 -20.56 7.62
N THR F 4 38.26 -18.20 1.50
CA THR F 4 39.52 -17.40 1.18
C THR F 4 39.53 -16.15 2.02
N A1AZ2 F 5 40.66 -15.22 1.89
CA A1AZ2 F 5 40.71 -13.98 2.69
C A1AZ2 F 5 40.54 -14.38 4.17
O A1AZ2 F 5 40.90 -15.47 4.53
CB A1AZ2 F 5 42.02 -13.28 2.40
CG A1AZ2 F 5 42.19 -13.04 0.83
ND1 A1AZ2 F 5 43.33 -12.96 0.15
CD2 A1AZ2 F 5 41.17 -12.86 -0.07
CE1 A1AZ2 F 5 43.02 -12.75 -1.14
NE2 A1AZ2 F 5 41.69 -12.68 -1.26
CM A1AZ2 F 5 44.68 -13.09 0.67
H A1AZ2 F 5 41.42 -15.44 1.24
HA A1AZ2 F 5 39.90 -13.34 2.39
HB3 A1AZ2 F 5 42.03 -12.33 2.92
HB2 A1AZ2 F 5 42.84 -13.89 2.75
HD2 A1AZ2 F 5 40.11 -12.86 0.18
HE1 A1AZ2 F 5 43.75 -12.65 -1.97
HM2 A1AZ2 F 5 45.39 -12.86 -0.13
HM1 A1AZ2 F 5 44.84 -14.10 1.00
HM3 A1AZ2 F 5 44.82 -12.38 1.50
N IAS F 6 39.90 -13.43 5.18
CA IAS F 6 39.75 -13.86 6.55
C IAS F 6 38.50 -14.72 6.64
O IAS F 6 37.80 -14.93 5.61
CB IAS F 6 39.54 -12.66 7.56
CG IAS F 6 40.53 -11.41 7.32
OD1 IAS F 6 41.19 -11.34 6.34
OXT IAS F 6 38.11 -15.20 7.76
H IAS F 6 39.60 -12.55 4.90
HA IAS F 6 40.60 -14.45 6.85
HB2 IAS F 6 39.68 -13.03 8.57
HB3 IAS F 6 38.50 -12.31 7.48
N DSN F 7 40.54 -10.32 8.40
CA DSN F 7 41.38 -9.11 8.34
C DSN F 7 41.69 -8.61 6.92
O DSN F 7 40.88 -7.98 6.29
CB DSN F 7 40.65 -8.04 9.15
OG DSN F 7 41.05 -6.75 8.76
H DSN F 7 39.97 -10.45 9.18
HA DSN F 7 42.32 -9.32 8.82
HB2 DSN F 7 40.86 -8.17 10.22
HB3 DSN F 7 39.57 -8.14 8.99
HG DSN F 7 40.79 -6.11 9.44
N PHE F 8 43.05 -8.91 6.30
CA PHE F 8 43.44 -8.45 4.94
C PHE F 8 42.77 -9.26 3.88
N GLY F 9 42.41 -8.60 2.63
CA GLY F 9 41.76 -9.33 1.54
C GLY F 9 40.21 -9.50 1.78
N DAR F 10 39.54 -8.90 2.97
CA DAR F 10 38.12 -9.08 3.14
CB DAR F 10 37.64 -8.33 4.43
CG DAR F 10 37.30 -6.82 4.08
CD DAR F 10 35.93 -6.71 3.29
NE DAR F 10 35.01 -5.70 3.92
CZ DAR F 10 35.40 -4.30 4.06
NH1 DAR F 10 34.60 -3.49 4.57
NH2 DAR F 10 36.72 -3.83 3.59
C DAR F 10 37.85 -10.59 3.24
O DAR F 10 38.72 -11.33 3.49
H DAR F 10 40.08 -8.39 3.64
HA DAR F 10 37.61 -8.68 2.28
HB2 DAR F 10 38.42 -8.37 5.18
HB3 DAR F 10 36.74 -8.84 4.82
HG2 DAR F 10 38.10 -6.41 3.46
HG3 DAR F 10 37.24 -6.24 5.00
HD2 DAR F 10 35.44 -7.69 3.32
HD3 DAR F 10 36.12 -6.43 2.27
HE DAR F 10 34.10 -6.00 4.24
HH11 DAR F 10 33.71 -3.80 4.90
HH21 DAR F 10 37.37 -4.47 3.17
HH22 DAR F 10 36.98 -2.87 3.69
N SER F 11 36.46 -11.13 3.01
CA SER F 11 36.19 -12.57 3.08
C SER F 11 35.78 -13.08 1.67
N IAS F 12 36.28 -14.37 1.17
CA IAS F 12 35.90 -14.84 -0.19
C IAS F 12 35.55 -16.26 -0.14
O IAS F 12 36.03 -17.00 0.75
CB IAS F 12 37.13 -14.51 -1.14
CG IAS F 12 37.90 -15.78 -1.64
OD1 IAS F 12 38.25 -15.81 -2.75
OXT IAS F 12 34.75 -16.74 -0.97
H IAS F 12 36.88 -14.93 1.74
HA IAS F 12 35.04 -14.29 -0.53
HB2 IAS F 12 36.76 -13.97 -2.00
HB3 IAS F 12 37.82 -13.89 -0.60
MG MG G . 6.68 -14.78 -4.15
MG MG H . 13.03 -25.59 16.57
#